data_6L9N
#
_entry.id   6L9N
#
_cell.length_a   51.961
_cell.length_b   88.443
_cell.length_c   105.805
_cell.angle_alpha   80.990
_cell.angle_beta   75.810
_cell.angle_gamma   88.340
#
_symmetry.space_group_name_H-M   'P 1'
#
loop_
_entity.id
_entity.type
_entity.pdbx_description
1 polymer MHC
2 polymer b2m
3 polymer SER-PRO-SER-TYR-ALA-TYR-HIS-GLN-PHE
4 water water
#
loop_
_entity_poly.entity_id
_entity_poly.type
_entity_poly.pdbx_seq_one_letter_code
_entity_poly.pdbx_strand_id
1 'polypeptide(L)'
;AGPHSMRYFETAVSRPGLGEPRYISVGYVDNKEFVRFDSDAENPRYEPQAPWMEQEGPEYWERITQIAKGQEQWFRVNLR
TLLGYYNQSAGGTHTLQWMYGCDVGSDGRLLRGYEQFAYDGCDYIALNEDLKTWTAADMAAQITRRKWEQAGAAEYYRAY
LEGECVEWLHRYLKNGNATLLRTDSPKAHVTHHPRSKGEVTLRCWALGFYPADITLTWQLNGEELTQDMELVETRPAGDG
TFQKWASVVVPLGKEQNYTCRVYHEGLPEPLTLRWEPP
;
A,D,G,J
2 'polypeptide(L)'
;IQKTPQIQVYSRHPPENGKPNILNCYVTQFHPPHIEIQMLKNGKKIPKVEMSDMSFSKDWSFYILAHTEFTPTETDTYAC
RVKHDSMAEPKTVYWDRDM
;
B,E,H,K
3 'polypeptide(L)' SPSYAYHQF C,F,I,L
#
# COMPACT_ATOMS: atom_id res chain seq x y z
N ALA A 1 18.71 14.53 -4.06
CA ALA A 1 17.45 13.85 -3.73
C ALA A 1 17.70 12.92 -2.52
N GLY A 2 16.71 12.81 -1.62
CA GLY A 2 16.77 11.80 -0.58
C GLY A 2 16.53 12.22 0.87
N PRO A 3 16.63 11.24 1.78
CA PRO A 3 16.50 11.44 3.24
C PRO A 3 17.49 12.48 3.75
N HIS A 4 17.12 13.21 4.77
CA HIS A 4 18.11 14.14 5.32
C HIS A 4 19.15 13.34 6.12
N SER A 5 20.31 13.93 6.35
CA SER A 5 21.39 13.19 6.99
C SER A 5 22.30 14.07 7.81
N MET A 6 22.86 13.44 8.84
CA MET A 6 23.91 14.03 9.65
C MET A 6 25.05 13.05 9.78
N ARG A 7 26.28 13.56 9.65
CA ARG A 7 27.49 12.72 9.87
C ARG A 7 28.62 13.48 10.52
N TYR A 8 29.50 12.72 11.17
CA TYR A 8 30.78 13.20 11.67
C TYR A 8 31.95 12.32 11.16
N PHE A 9 32.95 13.00 10.65
CA PHE A 9 34.17 12.39 10.16
C PHE A 9 35.30 12.84 11.05
N GLU A 10 35.75 11.91 11.88
CA GLU A 10 36.73 12.22 12.90
C GLU A 10 38.01 11.45 12.64
N THR A 11 39.15 12.13 12.76
CA THR A 11 40.40 11.51 12.43
C THR A 11 41.50 11.90 13.40
N ALA A 12 42.35 10.94 13.70
CA ALA A 12 43.54 11.24 14.46
C ALA A 12 44.80 10.73 13.74
N VAL A 13 45.84 11.57 13.66
CA VAL A 13 47.12 11.10 13.10
C VAL A 13 48.27 11.24 14.08
N SER A 14 48.94 10.12 14.35
CA SER A 14 49.97 10.09 15.40
C SER A 14 51.18 10.81 14.83
N ARG A 15 51.89 11.55 15.68
CA ARG A 15 53.11 12.27 15.29
C ARG A 15 54.20 11.95 16.29
N PRO A 16 54.73 10.72 16.22
CA PRO A 16 55.71 10.19 17.17
C PRO A 16 56.92 11.13 17.26
N GLY A 17 57.15 11.67 18.47
CA GLY A 17 58.28 12.56 18.77
C GLY A 17 58.14 13.99 18.26
N LEU A 18 56.94 14.36 17.82
CA LEU A 18 56.65 15.71 17.28
C LEU A 18 55.46 16.38 17.98
N GLY A 19 55.05 15.82 19.11
CA GLY A 19 53.88 16.34 19.82
C GLY A 19 52.74 15.35 20.00
N GLU A 20 51.59 15.91 20.37
CA GLU A 20 50.40 15.09 20.50
C GLU A 20 49.94 14.74 19.09
N PRO A 21 49.16 13.66 18.95
CA PRO A 21 48.53 13.39 17.65
C PRO A 21 47.57 14.51 17.26
N ARG A 22 47.53 14.75 15.93
CA ARG A 22 46.65 15.70 15.27
C ARG A 22 45.23 15.16 15.32
N TYR A 23 44.31 15.96 15.81
CA TYR A 23 42.94 15.54 15.83
C TYR A 23 42.05 16.51 15.10
N ILE A 24 41.18 15.95 14.24
CA ILE A 24 40.26 16.76 13.44
C ILE A 24 38.88 16.14 13.38
N SER A 25 37.87 16.94 13.71
CA SER A 25 36.48 16.48 13.61
C SER A 25 35.66 17.38 12.67
N VAL A 26 35.06 16.79 11.62
CA VAL A 26 34.26 17.61 10.70
C VAL A 26 32.83 17.11 10.69
N GLY A 27 31.90 18.05 10.85
CA GLY A 27 30.47 17.72 10.88
C GLY A 27 29.74 18.10 9.58
N TYR A 28 28.79 17.26 9.17
CA TYR A 28 28.01 17.46 7.96
C TYR A 28 26.52 17.28 8.16
N VAL A 29 25.75 18.16 7.55
CA VAL A 29 24.30 17.99 7.44
C VAL A 29 23.98 18.03 5.96
N ASP A 30 23.30 17.00 5.47
CA ASP A 30 22.97 16.85 4.04
C ASP A 30 24.22 17.04 3.19
N ASN A 31 25.28 16.38 3.63
CA ASN A 31 26.61 16.50 2.99
C ASN A 31 27.22 17.91 2.91
N LYS A 32 26.74 18.87 3.72
CA LYS A 32 27.34 20.19 3.83
C LYS A 32 28.09 20.32 5.14
N GLU A 33 29.39 20.61 5.04
CA GLU A 33 30.18 20.83 6.24
C GLU A 33 29.66 22.02 7.03
N PHE A 34 29.31 21.81 8.29
CA PHE A 34 28.73 22.92 9.07
C PHE A 34 29.48 23.29 10.35
N VAL A 35 30.33 22.36 10.83
CA VAL A 35 31.22 22.63 11.96
C VAL A 35 32.56 21.93 11.74
N ARG A 36 33.58 22.44 12.40
CA ARG A 36 34.88 21.82 12.36
C ARG A 36 35.77 22.11 13.53
N PHE A 37 36.56 21.09 13.87
CA PHE A 37 37.52 21.19 14.95
C PHE A 37 38.89 20.70 14.53
N ASP A 38 39.90 21.54 14.78
CA ASP A 38 41.28 21.13 14.45
C ASP A 38 42.17 21.41 15.66
N SER A 39 42.88 20.38 16.08
CA SER A 39 43.68 20.43 17.30
C SER A 39 44.92 21.33 17.11
N ASP A 40 45.34 21.46 15.86
CA ASP A 40 46.53 22.19 15.53
C ASP A 40 46.23 23.65 15.45
N ALA A 41 44.98 24.02 15.67
CA ALA A 41 44.59 25.44 15.71
C ALA A 41 45.17 26.09 16.97
N GLU A 42 45.10 27.41 16.99
CA GLU A 42 45.75 28.17 18.01
C GLU A 42 44.84 28.20 19.24
N ASN A 43 43.55 28.42 18.99
CA ASN A 43 42.53 28.20 20.03
C ASN A 43 41.65 27.06 19.60
N PRO A 44 42.08 25.82 19.89
CA PRO A 44 41.34 24.64 19.41
C PRO A 44 39.93 24.66 19.96
N ARG A 45 38.99 24.66 19.04
CA ARG A 45 37.59 24.89 19.33
C ARG A 45 36.76 24.45 18.11
N TYR A 46 35.53 24.02 18.35
CA TYR A 46 34.58 23.89 17.25
C TYR A 46 34.13 25.21 16.70
N GLU A 47 34.21 25.32 15.37
CA GLU A 47 33.84 26.55 14.67
C GLU A 47 32.68 26.32 13.71
N PRO A 48 31.81 27.33 13.57
CA PRO A 48 30.73 27.14 12.59
C PRO A 48 31.34 27.32 11.19
N GLN A 49 30.99 26.45 10.24
CA GLN A 49 31.47 26.44 8.85
C GLN A 49 30.33 26.84 7.89
N ALA A 50 29.19 27.14 8.49
CA ALA A 50 28.00 27.68 7.80
C ALA A 50 27.42 28.83 8.62
N PRO A 51 26.92 29.86 7.93
CA PRO A 51 26.34 31.08 8.52
C PRO A 51 25.12 30.81 9.41
N TRP A 52 24.27 29.86 9.05
CA TRP A 52 23.08 29.58 9.89
C TRP A 52 23.45 28.90 11.22
N MET A 53 24.72 28.61 11.38
CA MET A 53 25.22 27.95 12.59
C MET A 53 25.56 29.00 13.65
N GLU A 54 25.79 30.23 13.19
CA GLU A 54 26.17 31.33 14.08
C GLU A 54 25.04 31.77 15.01
N GLN A 55 23.91 31.07 14.93
CA GLN A 55 22.80 31.40 15.81
C GLN A 55 22.78 30.56 17.06
N GLU A 56 23.79 29.71 17.25
CA GLU A 56 23.85 28.95 18.48
C GLU A 56 24.55 29.75 19.55
N GLY A 57 24.17 29.52 20.82
CA GLY A 57 24.73 30.23 21.95
C GLY A 57 26.11 29.71 22.30
N PRO A 58 26.85 30.46 23.12
CA PRO A 58 28.28 30.21 23.42
C PRO A 58 28.47 28.90 24.13
N GLU A 59 27.38 28.52 24.78
CA GLU A 59 27.43 27.33 25.60
C GLU A 59 27.37 26.03 24.73
N TYR A 60 26.67 26.14 23.60
CA TYR A 60 26.71 25.11 22.56
C TYR A 60 28.19 24.83 22.20
N TRP A 61 28.94 25.89 21.93
CA TRP A 61 30.33 25.78 21.45
C TRP A 61 31.22 25.21 22.52
N GLU A 62 31.01 25.67 23.76
CA GLU A 62 31.82 25.17 24.87
C GLU A 62 31.64 23.69 25.03
N ARG A 63 30.37 23.27 25.04
CA ARG A 63 30.05 21.90 25.42
C ARG A 63 30.61 20.91 24.38
N ILE A 64 30.38 21.24 23.10
CA ILE A 64 30.89 20.36 22.06
C ILE A 64 32.41 20.37 22.04
N THR A 65 33.00 21.53 22.34
CA THR A 65 34.47 21.63 22.44
C THR A 65 35.04 20.69 23.54
N GLN A 66 34.30 20.60 24.64
CA GLN A 66 34.62 19.64 25.69
C GLN A 66 34.61 18.21 25.16
N ILE A 67 33.53 17.88 24.46
CA ILE A 67 33.47 16.58 23.79
C ILE A 67 34.75 16.30 22.98
N ALA A 68 35.15 17.30 22.19
CA ALA A 68 36.37 17.21 21.37
C ALA A 68 37.62 16.85 22.20
N LYS A 69 37.76 17.47 23.37
CA LYS A 69 38.93 17.10 24.20
C LYS A 69 38.87 15.64 24.65
N GLY A 70 37.67 15.23 25.12
CA GLY A 70 37.43 13.83 25.45
C GLY A 70 37.81 12.88 24.31
N GLN A 71 37.47 13.32 23.09
CA GLN A 71 37.68 12.57 21.88
C GLN A 71 39.18 12.43 21.60
N GLU A 72 39.91 13.50 21.85
CA GLU A 72 41.34 13.50 21.62
C GLU A 72 41.98 12.44 22.52
N GLN A 73 41.56 12.49 23.78
CA GLN A 73 42.04 11.46 24.69
C GLN A 73 41.72 10.04 24.16
N TRP A 74 40.44 9.81 23.86
CA TRP A 74 40.00 8.55 23.23
C TRP A 74 40.89 8.07 22.05
N PHE A 75 41.14 8.98 21.09
CA PHE A 75 41.84 8.56 19.89
C PHE A 75 43.27 8.23 20.25
N ARG A 76 43.80 8.98 21.22
CA ARG A 76 45.22 8.86 21.50
C ARG A 76 45.44 7.46 22.08
N VAL A 77 44.60 7.21 23.08
CA VAL A 77 44.63 5.90 23.70
C VAL A 77 44.45 4.79 22.67
N ASN A 78 43.42 4.90 21.84
CA ASN A 78 43.13 3.73 20.98
C ASN A 78 44.15 3.48 19.88
N LEU A 79 44.78 4.59 19.46
CA LEU A 79 45.94 4.59 18.57
C LEU A 79 47.08 3.77 19.20
N ARG A 80 47.28 3.99 20.49
CA ARG A 80 48.28 3.19 21.18
C ARG A 80 47.90 1.67 21.28
N THR A 81 46.63 1.41 21.60
CA THR A 81 46.16 0.02 21.72
C THR A 81 46.42 -0.67 20.39
N LEU A 82 46.12 0.03 19.28
CA LEU A 82 46.18 -0.62 17.96
C LEU A 82 47.62 -0.95 17.62
N LEU A 83 48.55 -0.09 18.05
CA LEU A 83 49.98 -0.40 17.89
C LEU A 83 50.30 -1.72 18.55
N GLY A 84 49.60 -1.95 19.66
CA GLY A 84 49.71 -3.23 20.33
C GLY A 84 49.20 -4.37 19.49
N TYR A 85 47.90 -4.31 19.17
CA TYR A 85 47.25 -5.39 18.42
C TYR A 85 47.97 -5.76 17.12
N TYR A 86 48.56 -4.79 16.43
CA TYR A 86 49.18 -5.10 15.14
C TYR A 86 50.68 -5.32 15.22
N ASN A 87 51.21 -5.33 16.44
CA ASN A 87 52.65 -5.49 16.65
C ASN A 87 53.49 -4.50 15.88
N GLN A 88 53.25 -3.22 16.09
CA GLN A 88 53.93 -2.23 15.27
C GLN A 88 54.80 -1.38 16.18
N SER A 89 55.82 -0.81 15.56
CA SER A 89 56.82 0.00 16.24
C SER A 89 56.30 1.43 16.60
N ALA A 90 56.77 2.01 17.72
CA ALA A 90 56.17 3.26 18.26
C ALA A 90 56.62 4.60 17.59
N GLY A 91 57.65 4.52 16.72
CA GLY A 91 58.16 5.67 15.99
C GLY A 91 57.44 6.05 14.70
N GLY A 92 56.65 5.13 14.14
CA GLY A 92 55.94 5.38 12.88
C GLY A 92 54.63 6.16 13.07
N THR A 93 54.20 6.87 12.03
CA THR A 93 52.92 7.58 12.12
C THR A 93 51.75 6.67 11.65
N HIS A 94 50.54 6.87 12.20
CA HIS A 94 49.39 5.98 11.90
C HIS A 94 48.08 6.79 11.92
N THR A 95 47.05 6.25 11.27
CA THR A 95 45.70 6.88 11.23
C THR A 95 44.60 6.10 11.87
N LEU A 96 43.73 6.85 12.52
CA LEU A 96 42.55 6.27 13.12
C LEU A 96 41.38 7.14 12.75
N GLN A 97 40.41 6.49 12.13
CA GLN A 97 39.26 7.22 11.64
C GLN A 97 37.93 6.65 12.18
N TRP A 98 37.05 7.58 12.53
CA TRP A 98 35.71 7.27 12.97
C TRP A 98 34.69 8.02 12.16
N MET A 99 33.74 7.28 11.64
CA MET A 99 32.68 7.91 10.90
C MET A 99 31.35 7.49 11.46
N TYR A 100 30.50 8.44 11.77
CA TYR A 100 29.23 8.01 12.35
C TYR A 100 28.06 9.00 12.09
N GLY A 101 26.81 8.52 12.22
CA GLY A 101 25.64 9.40 12.15
C GLY A 101 24.36 8.71 11.66
N CYS A 102 23.43 9.54 11.20
CA CYS A 102 22.08 9.05 10.87
C CYS A 102 21.51 9.63 9.58
N ASP A 103 20.74 8.79 8.91
CA ASP A 103 19.85 9.17 7.82
C ASP A 103 18.44 9.07 8.39
N VAL A 104 17.69 10.09 8.07
CA VAL A 104 16.38 10.29 8.60
C VAL A 104 15.35 10.41 7.46
N GLY A 105 14.28 9.66 7.64
CA GLY A 105 13.11 9.65 6.76
C GLY A 105 12.27 10.91 6.82
N SER A 106 11.24 10.97 6.00
CA SER A 106 10.46 12.20 5.92
C SER A 106 9.64 12.43 7.19
N ASP A 107 9.27 11.32 7.87
CA ASP A 107 8.61 11.38 9.17
C ASP A 107 9.44 12.10 10.27
N GLY A 108 10.75 12.22 10.07
CA GLY A 108 11.65 12.82 11.04
C GLY A 108 12.31 11.78 11.93
N ARG A 109 12.01 10.49 11.65
CA ARG A 109 12.52 9.35 12.41
C ARG A 109 13.63 8.58 11.69
N LEU A 110 14.32 7.77 12.47
CA LEU A 110 15.56 7.22 12.01
C LEU A 110 15.38 6.22 10.89
N LEU A 111 15.96 6.51 9.74
CA LEU A 111 16.03 5.56 8.63
C LEU A 111 17.20 4.59 8.74
N ARG A 112 18.39 5.13 8.90
CA ARG A 112 19.56 4.28 8.97
C ARG A 112 20.64 4.90 9.86
N GLY A 113 21.45 4.08 10.51
CA GLY A 113 22.52 4.57 11.35
C GLY A 113 23.89 4.00 10.98
N TYR A 114 24.93 4.72 11.39
CA TYR A 114 26.30 4.38 10.99
C TYR A 114 27.23 4.60 12.18
N GLU A 115 28.07 3.59 12.40
CA GLU A 115 29.23 3.63 13.31
C GLU A 115 30.37 2.79 12.70
N GLN A 116 31.38 3.46 12.15
CA GLN A 116 32.43 2.73 11.45
C GLN A 116 33.81 3.30 11.78
N PHE A 117 34.77 2.39 11.83
CA PHE A 117 36.11 2.70 12.26
C PHE A 117 37.09 2.02 11.34
N ALA A 118 38.09 2.83 11.01
CA ALA A 118 39.20 2.42 10.17
C ALA A 118 40.53 2.73 10.86
N TYR A 119 41.49 1.87 10.56
CA TYR A 119 42.84 2.11 11.02
C TYR A 119 43.80 2.03 9.83
N ASP A 120 44.65 3.06 9.71
CA ASP A 120 45.57 3.21 8.60
C ASP A 120 44.78 3.04 7.29
N GLY A 121 43.57 3.62 7.29
CA GLY A 121 42.68 3.70 6.13
C GLY A 121 42.00 2.40 5.69
N CYS A 122 42.20 1.37 6.49
CA CYS A 122 41.53 0.12 6.26
C CYS A 122 40.48 -0.10 7.32
N ASP A 123 39.36 -0.68 6.88
CA ASP A 123 38.30 -1.08 7.77
C ASP A 123 38.84 -1.79 9.01
N TYR A 124 38.32 -1.38 10.16
CA TYR A 124 38.65 -2.10 11.41
C TYR A 124 37.39 -2.76 12.03
N ILE A 125 36.42 -1.93 12.42
CA ILE A 125 35.18 -2.46 12.95
C ILE A 125 34.01 -1.53 12.60
N ALA A 126 32.84 -2.13 12.38
CA ALA A 126 31.67 -1.39 11.87
C ALA A 126 30.40 -2.01 12.44
N LEU A 127 29.46 -1.15 12.81
CA LEU A 127 28.14 -1.57 13.27
C LEU A 127 27.28 -1.91 12.09
N ASN A 128 26.79 -3.15 12.08
CA ASN A 128 25.88 -3.61 11.01
C ASN A 128 24.60 -2.83 11.03
N GLU A 129 23.81 -2.96 9.97
CA GLU A 129 22.61 -2.14 9.81
C GLU A 129 21.54 -2.40 10.85
N ASP A 130 21.55 -3.62 11.37
CA ASP A 130 20.66 -3.95 12.47
C ASP A 130 20.91 -3.10 13.74
N LEU A 131 22.09 -2.48 13.82
CA LEU A 131 22.51 -1.64 14.92
C LEU A 131 22.64 -2.49 16.18
N LYS A 132 23.04 -3.75 16.01
CA LYS A 132 23.07 -4.73 17.09
C LYS A 132 24.31 -5.62 17.03
N THR A 133 24.88 -5.75 15.84
CA THR A 133 25.97 -6.66 15.64
C THR A 133 27.09 -5.95 14.90
N TRP A 134 28.30 -6.48 15.08
CA TRP A 134 29.53 -5.92 14.52
C TRP A 134 30.15 -6.70 13.38
N THR A 135 30.65 -5.99 12.38
CA THR A 135 31.56 -6.63 11.44
C THR A 135 32.99 -6.21 11.77
N ALA A 136 33.83 -7.21 11.99
CA ALA A 136 35.25 -7.03 12.27
C ALA A 136 36.07 -7.55 11.09
N ALA A 137 36.98 -6.70 10.62
CA ALA A 137 37.71 -6.94 9.37
C ALA A 137 38.86 -7.98 9.52
N ASP A 138 39.45 -8.09 10.71
CA ASP A 138 40.54 -9.04 10.95
C ASP A 138 40.55 -9.49 12.40
N MET A 139 41.50 -10.36 12.77
CA MET A 139 41.49 -10.91 14.13
C MET A 139 41.79 -9.87 15.22
N ALA A 140 42.61 -8.88 14.88
CA ALA A 140 42.84 -7.76 15.77
C ALA A 140 41.49 -7.12 16.10
N ALA A 141 40.67 -6.85 15.07
CA ALA A 141 39.36 -6.25 15.35
C ALA A 141 38.39 -7.23 16.09
N GLN A 142 38.59 -8.55 15.95
CA GLN A 142 37.77 -9.56 16.66
C GLN A 142 37.83 -9.35 18.18
N ILE A 143 39.03 -9.01 18.66
CA ILE A 143 39.24 -8.74 20.07
C ILE A 143 38.30 -7.63 20.53
N THR A 144 38.34 -6.51 19.79
CA THR A 144 37.49 -5.39 20.11
C THR A 144 36.03 -5.82 20.03
N ARG A 145 35.77 -6.77 19.12
CA ARG A 145 34.40 -7.20 18.92
C ARG A 145 33.87 -7.89 20.19
N ARG A 146 34.60 -8.90 20.65
CA ARG A 146 34.18 -9.65 21.84
C ARG A 146 34.00 -8.70 22.97
N LYS A 147 34.99 -7.83 23.12
CA LYS A 147 35.00 -6.86 24.22
C LYS A 147 33.71 -5.96 24.18
N TRP A 148 33.34 -5.55 22.97
CA TRP A 148 32.22 -4.64 22.76
C TRP A 148 30.83 -5.30 22.80
N GLU A 149 30.80 -6.57 22.39
CA GLU A 149 29.64 -7.44 22.60
C GLU A 149 29.33 -7.64 24.09
N GLN A 150 30.37 -7.87 24.90
CA GLN A 150 30.14 -7.98 26.34
C GLN A 150 29.88 -6.68 27.04
N ALA A 151 30.38 -5.59 26.48
CA ALA A 151 30.14 -4.28 27.11
C ALA A 151 28.80 -3.62 26.72
N GLY A 152 28.13 -4.20 25.73
CA GLY A 152 26.94 -3.56 25.20
C GLY A 152 27.18 -2.20 24.51
N ALA A 153 28.28 -2.11 23.75
CA ALA A 153 28.60 -0.90 22.97
C ALA A 153 27.48 -0.50 21.96
N ALA A 154 26.95 -1.50 21.24
CA ALA A 154 25.85 -1.31 20.27
C ALA A 154 24.64 -0.51 20.81
N GLU A 155 24.19 -0.79 22.02
CA GLU A 155 23.07 -0.03 22.63
C GLU A 155 23.43 1.35 22.96
N TYR A 156 24.63 1.52 23.51
CA TYR A 156 25.17 2.89 23.70
C TYR A 156 25.10 3.80 22.39
N TYR A 157 25.71 3.29 21.32
CA TYR A 157 25.59 3.92 20.00
C TYR A 157 24.16 4.09 19.53
N ARG A 158 23.35 3.05 19.72
CA ARG A 158 21.96 3.06 19.24
C ARG A 158 21.15 4.16 19.96
N ALA A 159 21.48 4.39 21.22
CA ALA A 159 20.77 5.42 21.98
C ALA A 159 21.11 6.77 21.44
N TYR A 160 22.39 6.95 21.11
CA TYR A 160 22.74 8.21 20.48
C TYR A 160 22.04 8.41 19.09
N LEU A 161 22.16 7.38 18.25
CA LEU A 161 21.59 7.42 16.90
C LEU A 161 20.08 7.63 16.82
N GLU A 162 19.32 6.90 17.62
CA GLU A 162 17.88 7.04 17.65
C GLU A 162 17.36 8.30 18.37
N GLY A 163 18.17 8.88 19.27
CA GLY A 163 17.67 10.00 20.03
C GLY A 163 18.34 11.26 19.60
N GLU A 164 19.47 11.52 20.25
CA GLU A 164 20.22 12.74 20.08
C GLU A 164 20.47 13.12 18.60
N CYS A 165 20.96 12.15 17.83
CA CYS A 165 21.34 12.36 16.40
C CYS A 165 20.20 12.99 15.58
N VAL A 166 19.05 12.32 15.60
CA VAL A 166 17.81 12.73 14.91
C VAL A 166 17.24 14.08 15.32
N GLU A 167 17.16 14.33 16.63
CA GLU A 167 16.67 15.61 17.16
C GLU A 167 17.60 16.81 16.83
N TRP A 168 18.93 16.64 16.99
CA TRP A 168 19.87 17.63 16.56
C TRP A 168 19.71 17.89 15.03
N LEU A 169 19.66 16.81 14.25
CA LEU A 169 19.44 16.93 12.83
C LEU A 169 18.22 17.77 12.50
N HIS A 170 17.12 17.48 13.19
CA HIS A 170 15.87 18.23 13.05
C HIS A 170 16.01 19.75 13.36
N ARG A 171 16.72 20.10 14.46
CA ARG A 171 16.97 21.48 14.85
C ARG A 171 17.79 22.17 13.76
N TYR A 172 18.89 21.52 13.39
CA TYR A 172 19.76 22.04 12.34
C TYR A 172 19.02 22.28 11.03
N LEU A 173 18.15 21.36 10.65
CA LEU A 173 17.36 21.54 9.44
C LEU A 173 16.43 22.75 9.55
N LYS A 174 15.77 22.87 10.70
CA LYS A 174 14.94 24.03 10.98
C LYS A 174 15.74 25.33 10.81
N ASN A 175 16.94 25.41 11.40
CA ASN A 175 17.78 26.63 11.32
C ASN A 175 18.43 26.95 9.95
N GLY A 176 18.83 25.92 9.22
CA GLY A 176 19.60 26.10 8.00
C GLY A 176 18.74 25.90 6.77
N ASN A 177 17.44 25.75 7.02
CA ASN A 177 16.38 25.57 6.05
C ASN A 177 16.68 26.29 4.74
N ALA A 178 16.79 27.62 4.84
CA ALA A 178 16.87 28.46 3.66
C ALA A 178 18.03 28.14 2.74
N THR A 179 19.08 27.56 3.27
CA THR A 179 20.29 27.44 2.50
C THR A 179 20.61 25.96 2.18
N LEU A 180 20.05 25.08 3.01
CA LEU A 180 20.30 23.66 2.89
C LEU A 180 19.39 23.05 1.85
N LEU A 181 18.21 23.63 1.75
CA LEU A 181 17.18 23.07 0.93
C LEU A 181 17.02 23.82 -0.34
N ARG A 182 18.08 24.45 -0.82
CA ARG A 182 17.95 25.08 -2.12
C ARG A 182 18.64 24.29 -3.23
N THR A 183 18.37 24.73 -4.45
CA THR A 183 18.88 24.10 -5.62
C THR A 183 19.53 25.17 -6.53
N ASP A 184 20.68 24.81 -7.06
CA ASP A 184 21.26 25.51 -8.20
C ASP A 184 21.30 24.62 -9.43
N SER A 185 20.51 24.97 -10.44
CA SER A 185 20.47 24.16 -11.65
C SER A 185 21.84 24.17 -12.34
N PRO A 186 22.24 23.03 -12.94
CA PRO A 186 23.41 22.96 -13.82
C PRO A 186 23.23 23.81 -15.11
N LYS A 187 24.31 24.45 -15.55
CA LYS A 187 24.42 25.03 -16.89
C LYS A 187 25.23 23.99 -17.70
N ALA A 188 24.67 23.57 -18.82
CA ALA A 188 25.24 22.46 -19.56
C ALA A 188 25.67 22.90 -20.93
N HIS A 189 26.72 22.24 -21.44
CA HIS A 189 27.07 22.43 -22.85
C HIS A 189 27.99 21.30 -23.38
N VAL A 190 28.12 21.22 -24.69
CA VAL A 190 28.89 20.13 -25.27
C VAL A 190 30.06 20.65 -26.07
N THR A 191 31.19 20.01 -25.93
CA THR A 191 32.35 20.49 -26.60
C THR A 191 32.88 19.37 -27.46
N HIS A 192 33.61 19.77 -28.49
CA HIS A 192 34.04 18.88 -29.55
C HIS A 192 35.56 18.92 -29.75
N HIS A 193 36.25 17.78 -29.65
CA HIS A 193 37.72 17.75 -29.87
C HIS A 193 38.09 16.61 -30.82
N PRO A 194 39.00 16.86 -31.77
CA PRO A 194 39.57 15.78 -32.58
C PRO A 194 40.19 14.76 -31.65
N ARG A 195 40.44 13.54 -32.13
CA ARG A 195 40.94 12.49 -31.23
C ARG A 195 41.86 11.49 -31.92
N SER A 196 41.44 11.08 -33.10
CA SER A 196 42.18 10.11 -33.88
C SER A 196 41.67 10.33 -35.27
N LYS A 197 42.10 9.42 -36.16
CA LYS A 197 41.64 9.47 -37.53
C LYS A 197 40.22 8.95 -37.63
N GLY A 198 39.33 9.85 -38.06
CA GLY A 198 37.90 9.56 -38.19
C GLY A 198 37.10 9.61 -36.89
N GLU A 199 37.81 9.88 -35.79
CA GLU A 199 37.24 9.77 -34.47
C GLU A 199 37.33 11.14 -33.79
N VAL A 200 36.25 11.48 -33.09
CA VAL A 200 36.15 12.69 -32.26
C VAL A 200 35.67 12.41 -30.80
N THR A 201 36.06 13.30 -29.90
CA THR A 201 35.66 13.26 -28.52
C THR A 201 34.56 14.33 -28.29
N LEU A 202 33.44 13.87 -27.75
CA LEU A 202 32.36 14.78 -27.36
C LEU A 202 32.33 14.82 -25.83
N ARG A 203 32.21 16.03 -25.28
CA ARG A 203 32.25 16.19 -23.85
C ARG A 203 31.07 17.01 -23.37
N CYS A 204 30.23 16.34 -22.59
CA CYS A 204 29.15 16.96 -21.87
C CYS A 204 29.60 17.61 -20.55
N TRP A 205 29.33 18.92 -20.43
CA TRP A 205 29.64 19.74 -19.26
C TRP A 205 28.42 20.10 -18.43
N ALA A 206 28.52 19.85 -17.13
CA ALA A 206 27.56 20.31 -16.19
C ALA A 206 28.31 21.20 -15.17
N LEU A 207 27.90 22.47 -15.07
CA LEU A 207 28.55 23.46 -14.19
C LEU A 207 27.64 24.30 -13.31
N GLY A 208 28.18 24.65 -12.13
CA GLY A 208 27.55 25.54 -11.17
C GLY A 208 26.29 24.98 -10.53
N PHE A 209 26.28 23.68 -10.25
CA PHE A 209 25.10 23.07 -9.66
C PHE A 209 25.28 22.72 -8.18
N TYR A 210 24.19 22.85 -7.43
CA TYR A 210 24.09 22.37 -6.04
C TYR A 210 22.68 21.79 -5.88
N PRO A 211 22.60 20.61 -5.24
CA PRO A 211 23.71 19.83 -4.66
C PRO A 211 24.50 19.02 -5.65
N ALA A 212 25.53 18.38 -5.11
CA ALA A 212 26.44 17.57 -5.91
C ALA A 212 25.80 16.33 -6.55
N ASP A 213 24.66 15.90 -6.03
CA ASP A 213 23.99 14.74 -6.60
C ASP A 213 23.55 15.09 -8.03
N ILE A 214 24.13 14.35 -8.99
CA ILE A 214 23.84 14.56 -10.40
C ILE A 214 24.11 13.32 -11.21
N THR A 215 23.40 13.20 -12.34
CA THR A 215 23.65 12.12 -13.28
C THR A 215 23.78 12.59 -14.74
N LEU A 216 24.91 12.33 -15.40
CA LEU A 216 25.09 12.66 -16.81
C LEU A 216 25.27 11.39 -17.62
N THR A 217 24.67 11.35 -18.80
CA THR A 217 24.82 10.13 -19.59
C THR A 217 24.78 10.47 -21.03
N TRP A 218 25.49 9.68 -21.84
CA TRP A 218 25.37 9.92 -23.25
C TRP A 218 24.22 9.04 -23.81
N GLN A 219 23.97 9.22 -25.10
CA GLN A 219 22.91 8.56 -25.82
C GLN A 219 23.21 8.48 -27.31
N LEU A 220 23.03 7.29 -27.85
CA LEU A 220 23.07 7.05 -29.25
C LEU A 220 21.63 6.83 -29.70
N ASN A 221 21.12 7.75 -30.51
CA ASN A 221 19.78 7.56 -31.16
C ASN A 221 18.71 7.44 -30.07
N GLY A 222 18.79 8.31 -29.07
CA GLY A 222 17.82 8.33 -27.97
C GLY A 222 17.95 7.19 -26.96
N GLU A 223 18.81 6.20 -27.22
CA GLU A 223 19.10 5.15 -26.22
C GLU A 223 20.37 5.46 -25.33
N GLU A 224 20.23 5.18 -24.03
CA GLU A 224 21.33 5.39 -23.12
C GLU A 224 22.62 4.68 -23.58
N LEU A 225 23.72 5.38 -23.38
CA LEU A 225 25.02 4.90 -23.79
C LEU A 225 25.99 5.31 -22.68
N THR A 226 26.55 4.29 -22.04
CA THR A 226 27.57 4.47 -21.01
C THR A 226 28.83 3.64 -21.29
N GLN A 227 28.72 2.74 -22.25
CA GLN A 227 29.85 1.95 -22.67
C GLN A 227 31.10 2.81 -23.02
N ASP A 228 32.22 2.59 -22.30
CA ASP A 228 33.44 3.36 -22.55
C ASP A 228 33.24 4.86 -22.37
N MET A 229 32.24 5.25 -21.56
CA MET A 229 31.99 6.67 -21.30
C MET A 229 32.96 7.06 -20.18
N GLU A 230 33.79 8.08 -20.43
CA GLU A 230 34.71 8.53 -19.42
C GLU A 230 33.93 9.55 -18.56
N LEU A 231 33.92 9.30 -17.25
CA LEU A 231 33.20 10.14 -16.30
C LEU A 231 34.17 10.56 -15.20
N VAL A 232 34.33 11.87 -15.00
CA VAL A 232 35.18 12.34 -13.90
C VAL A 232 34.43 12.55 -12.61
N GLU A 233 35.18 12.39 -11.53
CA GLU A 233 34.71 12.71 -10.20
C GLU A 233 34.03 14.09 -10.13
N THR A 234 32.83 14.15 -9.55
CA THR A 234 32.26 15.44 -9.23
C THR A 234 33.27 16.31 -8.43
N ARG A 235 33.46 17.54 -8.87
CA ARG A 235 34.43 18.41 -8.19
C ARG A 235 33.84 19.77 -7.75
N PRO A 236 34.39 20.32 -6.64
CA PRO A 236 33.88 21.59 -6.12
C PRO A 236 34.43 22.78 -6.94
N ALA A 237 33.55 23.73 -7.25
CA ALA A 237 33.96 24.94 -7.97
C ALA A 237 34.70 25.88 -7.01
N GLY A 238 34.33 25.80 -5.72
CA GLY A 238 35.01 26.49 -4.64
C GLY A 238 34.18 27.64 -4.10
N ASP A 239 32.93 27.74 -4.56
CA ASP A 239 32.01 28.82 -4.20
C ASP A 239 30.71 28.22 -3.72
N GLY A 240 30.76 26.93 -3.34
CA GLY A 240 29.58 26.16 -2.94
C GLY A 240 28.93 25.32 -4.06
N THR A 241 29.39 25.45 -5.29
CA THR A 241 28.78 24.66 -6.37
C THR A 241 29.71 23.56 -6.94
N PHE A 242 29.16 22.73 -7.82
CA PHE A 242 29.99 21.66 -8.40
C PHE A 242 30.04 21.65 -9.89
N GLN A 243 31.00 20.87 -10.36
CA GLN A 243 31.19 20.65 -11.78
C GLN A 243 31.31 19.18 -12.08
N LYS A 244 30.98 18.78 -13.32
CA LYS A 244 31.18 17.39 -13.76
C LYS A 244 31.11 17.34 -15.25
N TRP A 245 31.84 16.39 -15.81
CA TRP A 245 31.71 16.14 -17.21
C TRP A 245 31.75 14.67 -17.59
N ALA A 246 31.24 14.40 -18.78
CA ALA A 246 31.20 13.05 -19.29
C ALA A 246 31.60 13.03 -20.76
N SER A 247 32.49 12.13 -21.15
CA SER A 247 32.89 12.13 -22.57
C SER A 247 32.69 10.79 -23.30
N VAL A 248 32.52 10.89 -24.62
CA VAL A 248 32.50 9.72 -25.50
C VAL A 248 33.25 9.92 -26.81
N VAL A 249 33.77 8.82 -27.35
CA VAL A 249 34.45 8.85 -28.66
C VAL A 249 33.52 8.30 -29.73
N VAL A 250 33.27 9.12 -30.73
CA VAL A 250 32.29 8.82 -31.76
C VAL A 250 32.91 9.10 -33.11
N PRO A 251 32.35 8.50 -34.17
CA PRO A 251 32.92 8.70 -35.52
C PRO A 251 32.71 10.12 -36.03
N LEU A 252 33.76 10.65 -36.69
CA LEU A 252 33.66 11.95 -37.32
C LEU A 252 32.50 11.86 -38.34
N GLY A 253 31.63 12.85 -38.31
CA GLY A 253 30.49 12.88 -39.21
C GLY A 253 29.24 12.29 -38.59
N LYS A 254 29.40 11.56 -37.50
CA LYS A 254 28.27 10.90 -36.85
C LYS A 254 27.82 11.58 -35.52
N GLU A 255 28.43 12.74 -35.20
CA GLU A 255 28.14 13.46 -33.95
C GLU A 255 26.65 13.79 -33.70
N GLN A 256 25.90 14.08 -34.76
CA GLN A 256 24.46 14.39 -34.62
C GLN A 256 23.60 13.26 -34.07
N ASN A 257 24.11 12.03 -34.09
CA ASN A 257 23.38 10.88 -33.49
C ASN A 257 23.49 10.77 -31.94
N TYR A 258 24.36 11.56 -31.37
CA TYR A 258 24.61 11.50 -29.95
C TYR A 258 23.97 12.68 -29.19
N THR A 259 23.53 12.36 -28.00
CA THR A 259 22.97 13.36 -27.13
C THR A 259 23.40 13.14 -25.70
N CYS A 260 23.51 14.26 -25.00
CA CYS A 260 23.86 14.26 -23.61
C CYS A 260 22.60 14.49 -22.77
N ARG A 261 22.40 13.63 -21.77
CA ARG A 261 21.39 13.85 -20.73
C ARG A 261 21.95 14.29 -19.39
N VAL A 262 21.40 15.37 -18.89
CA VAL A 262 21.69 15.78 -17.52
C VAL A 262 20.48 15.68 -16.59
N TYR A 263 20.68 14.95 -15.48
CA TYR A 263 19.67 14.84 -14.43
C TYR A 263 20.12 15.54 -13.15
N HIS A 264 19.28 16.43 -12.68
CA HIS A 264 19.52 17.13 -11.44
C HIS A 264 18.21 17.66 -10.88
N GLU A 265 18.14 17.65 -9.55
CA GLU A 265 16.90 18.06 -8.84
C GLU A 265 16.51 19.53 -9.06
N GLY A 266 17.49 20.37 -9.41
CA GLY A 266 17.25 21.78 -9.69
C GLY A 266 16.47 22.09 -10.97
N LEU A 267 16.59 21.19 -11.93
CA LEU A 267 15.91 21.27 -13.21
C LEU A 267 14.44 20.84 -13.16
N PRO A 268 13.56 21.70 -13.71
CA PRO A 268 12.13 21.36 -13.92
C PRO A 268 11.96 20.21 -14.91
N GLU A 269 12.93 20.09 -15.80
CA GLU A 269 12.94 19.01 -16.77
C GLU A 269 14.40 18.71 -17.10
N PRO A 270 14.74 17.41 -17.21
CA PRO A 270 16.09 16.95 -17.62
C PRO A 270 16.56 17.72 -18.86
N LEU A 271 17.87 17.97 -18.91
CA LEU A 271 18.46 18.50 -20.11
C LEU A 271 18.83 17.43 -21.13
N THR A 272 18.61 17.78 -22.40
CA THR A 272 19.08 16.98 -23.55
C THR A 272 19.80 17.91 -24.54
N LEU A 273 21.09 17.67 -24.73
CA LEU A 273 21.92 18.60 -25.52
C LEU A 273 22.76 17.82 -26.49
N ARG A 274 23.16 18.49 -27.55
CA ARG A 274 24.01 17.88 -28.54
C ARG A 274 25.08 18.92 -28.98
N TRP A 275 26.19 18.41 -29.52
CA TRP A 275 27.21 19.25 -30.15
C TRP A 275 26.53 20.08 -31.27
N GLU A 276 26.54 21.41 -31.11
CA GLU A 276 25.99 22.30 -32.13
C GLU A 276 27.09 23.13 -32.76
N PRO A 277 27.37 22.88 -34.05
CA PRO A 277 28.30 23.75 -34.80
C PRO A 277 27.60 25.12 -35.09
N PRO A 278 28.31 26.14 -35.68
CA PRO A 278 29.74 26.08 -35.99
C PRO A 278 30.53 26.30 -34.71
N ILE B 1 48.85 0.15 3.93
CA ILE B 1 48.74 0.29 2.47
C ILE B 1 48.64 1.74 2.00
N GLN B 2 48.90 1.95 0.72
CA GLN B 2 48.88 3.30 0.11
C GLN B 2 47.88 3.44 -1.03
N LYS B 3 47.25 4.61 -1.08
CA LYS B 3 46.34 4.89 -2.16
C LYS B 3 46.91 6.05 -2.93
N THR B 4 47.03 5.88 -4.24
CA THR B 4 47.57 6.92 -5.12
C THR B 4 46.57 8.04 -5.36
N PRO B 5 47.03 9.30 -5.20
CA PRO B 5 46.18 10.49 -5.43
C PRO B 5 45.65 10.57 -6.88
N GLN B 6 44.43 11.05 -6.98
CA GLN B 6 43.77 11.39 -8.23
C GLN B 6 43.75 12.91 -8.35
N ILE B 7 44.12 13.44 -9.50
CA ILE B 7 44.25 14.89 -9.61
C ILE B 7 43.42 15.47 -10.74
N GLN B 8 42.66 16.50 -10.44
CA GLN B 8 42.08 17.32 -11.52
C GLN B 8 42.51 18.76 -11.43
N VAL B 9 43.00 19.26 -12.55
CA VAL B 9 43.36 20.65 -12.62
C VAL B 9 42.36 21.40 -13.52
N TYR B 10 41.81 22.49 -13.02
CA TYR B 10 40.67 23.11 -13.70
C TYR B 10 40.32 24.49 -13.11
N SER B 11 39.61 25.29 -13.88
CA SER B 11 39.33 26.66 -13.45
C SER B 11 37.93 26.79 -12.84
N ARG B 12 37.79 27.65 -11.83
CA ARG B 12 36.48 27.93 -11.22
C ARG B 12 35.45 28.36 -12.27
N HIS B 13 35.86 29.31 -13.11
CA HIS B 13 35.01 29.87 -14.16
C HIS B 13 35.53 29.46 -15.53
N PRO B 14 34.63 29.45 -16.55
CA PRO B 14 35.06 29.25 -17.95
C PRO B 14 36.17 30.27 -18.26
N PRO B 15 37.33 29.80 -18.73
CA PRO B 15 38.55 30.60 -18.99
C PRO B 15 38.35 31.65 -20.12
N GLU B 16 38.63 32.91 -19.83
CA GLU B 16 38.74 33.96 -20.85
C GLU B 16 40.12 34.61 -20.74
N ASN B 17 40.94 34.53 -21.79
CA ASN B 17 42.28 35.17 -21.67
C ASN B 17 42.15 36.64 -21.24
N GLY B 18 42.98 37.08 -20.29
CA GLY B 18 42.86 38.41 -19.72
C GLY B 18 41.83 38.59 -18.59
N LYS B 19 40.94 37.63 -18.42
CA LYS B 19 39.96 37.77 -17.35
C LYS B 19 40.42 36.98 -16.10
N PRO B 20 40.55 37.69 -14.96
CA PRO B 20 40.92 37.09 -13.66
C PRO B 20 39.98 35.95 -13.28
N ASN B 21 40.54 34.90 -12.68
CA ASN B 21 39.82 33.67 -12.43
C ASN B 21 40.54 32.95 -11.29
N ILE B 22 39.99 31.78 -10.94
CA ILE B 22 40.58 30.87 -9.92
C ILE B 22 40.95 29.54 -10.54
N LEU B 23 42.19 29.11 -10.28
CA LEU B 23 42.64 27.81 -10.72
C LEU B 23 42.66 26.81 -9.53
N ASN B 24 41.90 25.75 -9.70
CA ASN B 24 41.86 24.62 -8.75
C ASN B 24 42.75 23.43 -9.17
N CYS B 25 43.26 22.78 -8.16
CA CYS B 25 43.90 21.49 -8.23
C CYS B 25 43.20 20.64 -7.13
N TYR B 26 42.28 19.79 -7.56
CA TYR B 26 41.50 18.96 -6.64
C TYR B 26 42.18 17.59 -6.48
N VAL B 27 42.68 17.30 -5.28
CA VAL B 27 43.35 16.01 -5.07
C VAL B 27 42.54 15.01 -4.18
N THR B 28 42.35 13.79 -4.67
CA THR B 28 41.46 12.89 -3.94
C THR B 28 42.05 11.50 -3.82
N GLN B 29 41.37 10.72 -2.98
CA GLN B 29 41.55 9.27 -3.01
C GLN B 29 42.94 8.78 -2.60
N PHE B 30 43.55 9.51 -1.65
CA PHE B 30 44.90 9.16 -1.21
C PHE B 30 44.95 8.74 0.26
N HIS B 31 45.93 7.88 0.52
CA HIS B 31 46.33 7.51 1.86
C HIS B 31 47.82 7.13 1.80
N PRO B 32 48.61 7.60 2.77
CA PRO B 32 48.34 8.41 3.97
C PRO B 32 48.05 9.85 3.64
N PRO B 33 47.49 10.60 4.62
CA PRO B 33 46.98 11.98 4.44
C PRO B 33 48.07 13.04 4.24
N HIS B 34 49.27 12.70 4.65
CA HIS B 34 50.32 13.66 4.41
C HIS B 34 50.61 13.76 2.91
N ILE B 35 50.66 14.97 2.36
CA ILE B 35 50.83 15.15 0.90
C ILE B 35 51.46 16.51 0.62
N GLU B 36 52.21 16.59 -0.49
CA GLU B 36 52.75 17.89 -0.96
C GLU B 36 52.14 18.39 -2.27
N ILE B 37 51.50 19.54 -2.23
CA ILE B 37 50.90 20.09 -3.43
C ILE B 37 51.49 21.46 -3.88
N GLN B 38 51.93 21.53 -5.14
CA GLN B 38 52.46 22.77 -5.72
C GLN B 38 51.71 23.13 -6.96
N MET B 39 51.31 24.37 -7.07
CA MET B 39 50.81 24.81 -8.37
C MET B 39 51.90 25.57 -9.09
N LEU B 40 52.06 25.29 -10.38
CA LEU B 40 53.10 25.91 -11.18
C LEU B 40 52.62 26.83 -12.32
N LYS B 41 53.34 27.92 -12.53
CA LYS B 41 53.12 28.74 -13.70
C LYS B 41 54.40 28.78 -14.55
N ASN B 42 54.30 28.21 -15.75
CA ASN B 42 55.47 28.07 -16.65
C ASN B 42 56.63 27.33 -15.99
N GLY B 43 56.31 26.37 -15.13
CA GLY B 43 57.30 25.54 -14.45
C GLY B 43 57.84 26.13 -13.15
N LYS B 44 57.19 27.18 -12.65
CA LYS B 44 57.63 27.85 -11.42
C LYS B 44 56.49 27.98 -10.39
N LYS B 45 56.82 27.74 -9.12
CA LYS B 45 55.81 27.70 -8.09
C LYS B 45 55.09 29.03 -7.91
N ILE B 46 53.77 28.99 -8.10
CA ILE B 46 52.91 30.11 -7.68
C ILE B 46 53.01 30.26 -6.15
N PRO B 47 53.33 31.47 -5.68
CA PRO B 47 53.51 31.69 -4.24
C PRO B 47 52.17 31.75 -3.48
N LYS B 48 51.11 32.30 -4.09
CA LYS B 48 49.83 32.53 -3.41
C LYS B 48 48.84 31.35 -3.50
N VAL B 49 49.28 30.14 -3.15
CA VAL B 49 48.39 28.99 -3.28
C VAL B 49 47.61 28.76 -2.01
N GLU B 50 46.32 29.07 -2.04
CA GLU B 50 45.43 28.77 -0.90
C GLU B 50 45.00 27.30 -0.88
N MET B 51 45.11 26.71 0.29
CA MET B 51 44.85 25.29 0.48
C MET B 51 43.66 25.21 1.39
N SER B 52 42.62 24.51 0.90
CA SER B 52 41.43 24.25 1.69
C SER B 52 41.81 23.32 2.85
N ASP B 53 40.90 23.14 3.80
CA ASP B 53 41.07 22.08 4.80
C ASP B 53 40.94 20.65 4.20
N MET B 54 41.77 19.73 4.71
CA MET B 54 41.63 18.34 4.30
C MET B 54 40.34 17.75 4.87
N SER B 55 39.79 16.79 4.15
CA SER B 55 38.66 16.02 4.64
C SER B 55 38.86 14.56 4.19
N PHE B 56 37.97 13.69 4.61
CA PHE B 56 37.96 12.33 4.04
C PHE B 56 36.57 11.94 3.56
N SER B 57 36.52 11.01 2.60
CA SER B 57 35.23 10.50 2.09
C SER B 57 34.78 9.19 2.72
N LYS B 58 33.64 8.69 2.28
CA LYS B 58 33.06 7.52 2.93
C LYS B 58 33.80 6.22 2.74
N ASP B 59 34.75 6.21 1.81
CA ASP B 59 35.68 5.06 1.64
C ASP B 59 37.03 5.27 2.38
N TRP B 60 37.02 6.24 3.29
CA TRP B 60 38.13 6.58 4.17
C TRP B 60 39.24 7.36 3.48
N SER B 61 39.27 7.36 2.14
CA SER B 61 40.34 8.10 1.43
C SER B 61 40.25 9.63 1.71
N PHE B 62 41.41 10.29 1.70
CA PHE B 62 41.47 11.75 2.05
C PHE B 62 41.35 12.57 0.77
N TYR B 63 40.85 13.78 0.89
CA TYR B 63 40.88 14.73 -0.21
C TYR B 63 41.10 16.21 0.17
N ILE B 64 41.54 16.98 -0.81
CA ILE B 64 41.83 18.36 -0.51
C ILE B 64 41.78 19.24 -1.77
N LEU B 65 41.39 20.50 -1.60
CA LEU B 65 41.40 21.45 -2.71
C LEU B 65 42.46 22.53 -2.60
N ALA B 66 43.29 22.63 -3.63
CA ALA B 66 44.31 23.65 -3.64
C ALA B 66 43.80 24.65 -4.65
N HIS B 67 43.89 25.94 -4.36
CA HIS B 67 43.47 26.91 -5.38
C HIS B 67 44.31 28.20 -5.37
N THR B 68 44.33 28.88 -6.51
CA THR B 68 45.05 30.16 -6.60
C THR B 68 44.34 31.12 -7.58
N GLU B 69 44.64 32.41 -7.45
CA GLU B 69 44.10 33.36 -8.40
C GLU B 69 45.02 33.34 -9.61
N PHE B 70 44.46 33.49 -10.79
CA PHE B 70 45.30 33.55 -11.98
C PHE B 70 44.55 34.30 -13.05
N THR B 71 45.28 34.74 -14.08
CA THR B 71 44.66 35.30 -15.28
C THR B 71 45.18 34.57 -16.49
N PRO B 72 44.30 33.75 -17.11
CA PRO B 72 44.62 32.90 -18.27
C PRO B 72 45.17 33.75 -19.42
N THR B 73 46.18 33.18 -20.06
CA THR B 73 46.82 33.84 -21.17
C THR B 73 47.03 32.86 -22.30
N GLU B 74 47.12 33.38 -23.50
CA GLU B 74 47.51 32.54 -24.63
C GLU B 74 48.87 31.82 -24.49
N THR B 75 49.77 32.34 -23.66
CA THR B 75 51.16 31.84 -23.64
C THR B 75 51.61 31.21 -22.33
N ASP B 76 50.87 31.46 -21.26
CA ASP B 76 51.23 30.89 -19.95
C ASP B 76 50.66 29.48 -19.79
N THR B 77 51.52 28.55 -19.40
CA THR B 77 51.13 27.20 -19.01
C THR B 77 51.00 27.07 -17.49
N TYR B 78 49.96 26.34 -17.08
CA TYR B 78 49.75 26.06 -15.67
C TYR B 78 49.66 24.55 -15.38
N ALA B 79 50.26 24.18 -14.26
CA ALA B 79 50.24 22.78 -13.81
C ALA B 79 50.12 22.60 -12.27
N CYS B 80 49.95 21.36 -11.86
CA CYS B 80 49.83 21.03 -10.45
C CYS B 80 50.73 19.83 -10.20
N ARG B 81 51.68 19.98 -9.25
CA ARG B 81 52.64 18.90 -8.97
C ARG B 81 52.35 18.36 -7.60
N VAL B 82 52.21 17.05 -7.52
CA VAL B 82 51.80 16.40 -6.31
C VAL B 82 52.89 15.40 -5.86
N LYS B 83 53.28 15.49 -4.58
CA LYS B 83 54.22 14.53 -4.01
C LYS B 83 53.60 13.67 -2.88
N HIS B 84 53.68 12.39 -3.07
CA HIS B 84 53.03 11.48 -2.14
C HIS B 84 53.80 10.17 -2.19
N ASP B 85 53.65 9.37 -1.13
CA ASP B 85 54.52 8.22 -0.92
C ASP B 85 54.07 7.01 -1.68
N SER B 86 52.78 6.98 -2.02
CA SER B 86 52.24 6.03 -3.01
C SER B 86 52.99 6.12 -4.34
N MET B 87 53.64 7.26 -4.61
CA MET B 87 54.33 7.50 -5.91
C MET B 87 55.83 7.73 -5.79
N ALA B 88 56.57 6.94 -6.56
CA ALA B 88 58.03 6.97 -6.55
C ALA B 88 58.53 8.32 -7.06
N GLU B 89 57.74 8.92 -7.94
CA GLU B 89 58.03 10.27 -8.44
C GLU B 89 56.84 11.20 -8.27
N PRO B 90 57.13 12.51 -8.15
CA PRO B 90 56.03 13.47 -8.14
C PRO B 90 55.27 13.42 -9.47
N LYS B 91 53.98 13.69 -9.40
CA LYS B 91 53.13 13.62 -10.55
C LYS B 91 52.74 15.04 -10.94
N THR B 92 52.92 15.35 -12.21
CA THR B 92 52.59 16.68 -12.67
C THR B 92 51.45 16.58 -13.62
N VAL B 93 50.40 17.32 -13.33
CA VAL B 93 49.26 17.37 -14.25
C VAL B 93 49.08 18.78 -14.78
N TYR B 94 49.17 18.94 -16.11
CA TYR B 94 48.98 20.22 -16.80
C TYR B 94 47.51 20.62 -16.88
N TRP B 95 47.27 21.92 -16.73
CA TRP B 95 45.91 22.41 -16.96
C TRP B 95 45.53 22.31 -18.45
N ASP B 96 44.44 21.61 -18.74
CA ASP B 96 43.91 21.52 -20.09
C ASP B 96 42.56 22.23 -20.12
N ARG B 97 42.42 23.25 -20.98
CA ARG B 97 41.18 24.07 -21.04
C ARG B 97 39.93 23.32 -21.50
N ASP B 98 40.13 22.16 -22.14
CA ASP B 98 39.05 21.26 -22.57
C ASP B 98 38.68 20.24 -21.46
N MET B 99 39.33 20.36 -20.29
CA MET B 99 39.16 19.45 -19.13
C MET B 99 39.20 20.08 -17.67
N SER C 1 24.88 17.81 16.93
CA SER C 1 25.91 17.73 17.99
C SER C 1 26.64 16.35 18.06
N PRO C 2 28.01 16.34 18.07
CA PRO C 2 28.83 15.10 18.06
C PRO C 2 28.73 14.29 19.38
N SER C 3 29.47 13.16 19.47
CA SER C 3 29.34 12.18 20.54
C SER C 3 30.67 11.50 20.97
N TYR C 4 30.67 11.07 22.21
CA TYR C 4 31.75 10.23 22.63
C TYR C 4 31.80 8.82 22.01
N ALA C 5 33.02 8.45 21.67
CA ALA C 5 33.24 7.09 21.20
C ALA C 5 33.11 6.19 22.46
N TYR C 6 33.61 6.71 23.59
CA TYR C 6 33.46 6.04 24.92
C TYR C 6 34.05 4.60 25.06
N HIS C 7 33.43 3.62 24.39
CA HIS C 7 34.01 2.26 24.37
C HIS C 7 35.44 2.19 23.85
N GLN C 8 36.23 1.32 24.46
CA GLN C 8 37.62 1.16 24.07
C GLN C 8 37.88 -0.06 23.25
N PHE C 9 38.78 0.11 22.30
CA PHE C 9 39.36 -1.01 21.56
C PHE C 9 40.02 -2.07 22.48
N ALA D 1 10.61 11.96 -23.21
CA ALA D 1 10.67 13.43 -23.17
C ALA D 1 11.09 13.91 -24.57
N GLY D 2 10.53 15.06 -24.99
CA GLY D 2 10.99 15.68 -26.21
C GLY D 2 9.95 16.06 -27.25
N PRO D 3 10.44 16.62 -28.39
CA PRO D 3 9.65 17.10 -29.54
C PRO D 3 8.79 15.96 -30.06
N HIS D 4 7.60 16.26 -30.55
CA HIS D 4 6.80 15.17 -31.16
C HIS D 4 7.44 14.81 -32.50
N SER D 5 7.24 13.57 -32.96
CA SER D 5 7.89 13.17 -34.22
C SER D 5 7.04 12.29 -35.04
N MET D 6 7.35 12.31 -36.32
CA MET D 6 6.83 11.34 -37.27
C MET D 6 7.95 10.81 -38.15
N ARG D 7 7.94 9.50 -38.39
CA ARG D 7 8.92 8.80 -39.28
C ARG D 7 8.33 7.67 -40.12
N TYR D 8 9.01 7.38 -41.21
CA TYR D 8 8.69 6.22 -42.02
C TYR D 8 9.99 5.49 -42.28
N PHE D 9 9.90 4.19 -42.05
CA PHE D 9 10.97 3.23 -42.31
C PHE D 9 10.57 2.30 -43.46
N GLU D 10 11.18 2.58 -44.59
CA GLU D 10 10.84 1.85 -45.79
C GLU D 10 12.03 0.99 -46.20
N THR D 11 11.71 -0.25 -46.59
CA THR D 11 12.72 -1.22 -47.02
C THR D 11 12.28 -2.08 -48.16
N ALA D 12 13.19 -2.31 -49.10
CA ALA D 12 13.00 -3.26 -50.22
C ALA D 12 14.14 -4.30 -50.19
N VAL D 13 13.77 -5.58 -50.28
CA VAL D 13 14.74 -6.64 -50.43
C VAL D 13 14.57 -7.45 -51.69
N SER D 14 15.60 -7.47 -52.52
CA SER D 14 15.49 -8.08 -53.86
C SER D 14 15.47 -9.59 -53.73
N ARG D 15 14.66 -10.27 -54.55
CA ARG D 15 14.50 -11.71 -54.48
C ARG D 15 14.71 -12.27 -55.87
N PRO D 16 15.96 -12.21 -56.36
CA PRO D 16 16.32 -12.61 -57.73
C PRO D 16 15.84 -14.02 -58.06
N GLY D 17 14.96 -14.14 -59.07
CA GLY D 17 14.39 -15.41 -59.47
C GLY D 17 13.33 -16.01 -58.55
N LEU D 18 12.85 -15.24 -57.58
CA LEU D 18 11.80 -15.71 -56.67
C LEU D 18 10.60 -14.77 -56.59
N GLY D 19 10.53 -13.85 -57.56
CA GLY D 19 9.43 -12.92 -57.63
C GLY D 19 9.87 -11.48 -57.59
N GLU D 20 8.92 -10.63 -57.27
CA GLU D 20 9.23 -9.20 -57.10
C GLU D 20 9.98 -9.02 -55.78
N PRO D 21 10.75 -7.93 -55.68
CA PRO D 21 11.33 -7.61 -54.37
C PRO D 21 10.25 -7.34 -53.28
N ARG D 22 10.57 -7.82 -52.08
CA ARG D 22 9.78 -7.58 -50.89
C ARG D 22 9.82 -6.11 -50.47
N TYR D 23 8.65 -5.49 -50.37
CA TYR D 23 8.60 -4.10 -49.93
C TYR D 23 7.82 -3.96 -48.63
N ILE D 24 8.42 -3.26 -47.68
CA ILE D 24 7.75 -2.98 -46.40
C ILE D 24 7.89 -1.52 -45.94
N SER D 25 6.76 -0.90 -45.61
CA SER D 25 6.78 0.48 -45.12
C SER D 25 6.12 0.53 -43.76
N VAL D 26 6.86 1.04 -42.76
CA VAL D 26 6.29 1.16 -41.43
C VAL D 26 6.33 2.58 -40.96
N GLY D 27 5.18 3.06 -40.44
CA GLY D 27 5.00 4.47 -40.01
C GLY D 27 5.01 4.60 -38.49
N TYR D 28 5.63 5.65 -37.98
CA TYR D 28 5.68 5.89 -36.54
C TYR D 28 5.31 7.31 -36.26
N VAL D 29 4.55 7.51 -35.17
CA VAL D 29 4.40 8.82 -34.51
C VAL D 29 4.85 8.68 -33.07
N ASP D 30 5.79 9.53 -32.67
CA ASP D 30 6.33 9.47 -31.30
C ASP D 30 6.82 8.06 -31.00
N ASN D 31 7.49 7.53 -32.02
CA ASN D 31 8.13 6.22 -31.95
C ASN D 31 7.13 5.09 -31.73
N LYS D 32 5.84 5.37 -31.94
CA LYS D 32 4.82 4.30 -31.92
C LYS D 32 4.39 3.93 -33.36
N GLU D 33 4.56 2.66 -33.70
CA GLU D 33 4.14 2.20 -35.02
C GLU D 33 2.64 2.36 -35.14
N PHE D 34 2.18 3.03 -36.19
CA PHE D 34 0.74 3.31 -36.31
C PHE D 34 0.16 2.82 -37.63
N VAL D 35 1.00 2.66 -38.65
CA VAL D 35 0.56 2.09 -39.92
C VAL D 35 1.67 1.20 -40.46
N ARG D 36 1.27 0.30 -41.34
CA ARG D 36 2.22 -0.66 -41.93
C ARG D 36 1.71 -1.26 -43.22
N PHE D 37 2.64 -1.38 -44.18
CA PHE D 37 2.38 -2.02 -45.46
C PHE D 37 3.41 -3.13 -45.73
N ASP D 38 2.89 -4.29 -46.12
CA ASP D 38 3.76 -5.37 -46.52
C ASP D 38 3.30 -5.93 -47.85
N SER D 39 4.26 -5.98 -48.77
CA SER D 39 3.97 -6.41 -50.15
C SER D 39 3.64 -7.92 -50.25
N ASP D 40 4.18 -8.67 -49.31
CA ASP D 40 3.97 -10.10 -49.26
C ASP D 40 2.62 -10.48 -48.67
N ALA D 41 1.80 -9.46 -48.39
CA ALA D 41 0.48 -9.69 -47.80
C ALA D 41 -0.41 -10.13 -48.95
N GLU D 42 -1.56 -10.66 -48.58
CA GLU D 42 -2.50 -11.22 -49.53
C GLU D 42 -3.27 -10.10 -50.24
N ASN D 43 -3.76 -9.15 -49.44
CA ASN D 43 -4.27 -7.89 -49.95
C ASN D 43 -3.35 -6.76 -49.55
N PRO D 44 -2.26 -6.57 -50.31
CA PRO D 44 -1.25 -5.58 -49.93
C PRO D 44 -1.86 -4.17 -49.87
N ARG D 45 -1.83 -3.64 -48.65
CA ARG D 45 -2.57 -2.45 -48.29
C ARG D 45 -1.95 -1.90 -47.01
N TYR D 46 -2.06 -0.59 -46.83
CA TYR D 46 -1.69 0.02 -45.56
C TYR D 46 -2.76 -0.34 -44.54
N GLU D 47 -2.35 -0.78 -43.35
CA GLU D 47 -3.27 -1.14 -42.27
C GLU D 47 -2.97 -0.33 -41.01
N PRO D 48 -4.01 -0.05 -40.21
CA PRO D 48 -3.80 0.72 -38.97
C PRO D 48 -3.21 -0.23 -37.94
N GLN D 49 -2.19 0.23 -37.21
CA GLN D 49 -1.45 -0.58 -36.21
C GLN D 49 -1.71 0.01 -34.81
N ALA D 50 -2.52 1.07 -34.79
CA ALA D 50 -3.03 1.67 -33.57
C ALA D 50 -4.53 1.91 -33.73
N PRO D 51 -5.28 1.76 -32.63
CA PRO D 51 -6.73 1.88 -32.59
C PRO D 51 -7.25 3.29 -32.94
N TRP D 52 -6.49 4.34 -32.61
CA TRP D 52 -6.90 5.73 -32.93
C TRP D 52 -6.74 6.08 -34.41
N MET D 53 -6.29 5.09 -35.17
CA MET D 53 -6.02 5.26 -36.58
C MET D 53 -7.24 4.78 -37.38
N GLU D 54 -8.08 4.00 -36.70
CA GLU D 54 -9.30 3.44 -37.31
C GLU D 54 -10.39 4.48 -37.57
N GLN D 55 -10.11 5.74 -37.23
CA GLN D 55 -11.08 6.77 -37.46
C GLN D 55 -10.83 7.51 -38.77
N GLU D 56 -9.89 7.04 -39.58
CA GLU D 56 -9.72 7.65 -40.88
C GLU D 56 -10.66 7.00 -41.89
N GLY D 57 -11.03 7.77 -42.93
CA GLY D 57 -11.99 7.29 -43.91
C GLY D 57 -11.29 6.35 -44.88
N PRO D 58 -12.05 5.63 -45.72
CA PRO D 58 -11.51 4.62 -46.67
C PRO D 58 -10.57 5.18 -47.73
N GLU D 59 -10.87 6.40 -48.09
CA GLU D 59 -10.17 7.10 -49.12
C GLU D 59 -8.71 7.43 -48.63
N TYR D 60 -8.56 7.66 -47.31
CA TYR D 60 -7.23 7.76 -46.73
C TYR D 60 -6.38 6.52 -47.07
N TRP D 61 -6.99 5.35 -46.86
CA TRP D 61 -6.30 4.07 -47.00
C TRP D 61 -5.96 3.79 -48.44
N GLU D 62 -6.89 4.10 -49.33
CA GLU D 62 -6.64 3.92 -50.74
C GLU D 62 -5.48 4.79 -51.19
N ARG D 63 -5.48 6.03 -50.74
CA ARG D 63 -4.57 6.98 -51.39
C ARG D 63 -3.17 6.62 -50.97
N ILE D 64 -3.01 6.33 -49.68
CA ILE D 64 -1.65 5.99 -49.23
C ILE D 64 -1.20 4.64 -49.78
N THR D 65 -2.12 3.68 -49.85
CA THR D 65 -1.88 2.43 -50.63
C THR D 65 -1.35 2.61 -52.09
N GLN D 66 -1.90 3.62 -52.78
CA GLN D 66 -1.42 4.01 -54.10
C GLN D 66 0.03 4.49 -54.05
N ILE D 67 0.30 5.32 -53.02
CA ILE D 67 1.67 5.79 -52.80
C ILE D 67 2.60 4.58 -52.68
N ALA D 68 2.12 3.58 -51.90
CA ALA D 68 2.91 2.37 -51.65
C ALA D 68 3.28 1.64 -52.97
N LYS D 69 2.33 1.53 -53.89
CA LYS D 69 2.65 0.90 -55.20
C LYS D 69 3.71 1.65 -55.97
N GLY D 70 3.51 2.96 -56.07
CA GLY D 70 4.53 3.82 -56.66
C GLY D 70 5.91 3.62 -56.06
N GLN D 71 5.94 3.42 -54.74
CA GLN D 71 7.18 3.28 -53.98
C GLN D 71 7.87 1.97 -54.31
N GLU D 72 7.07 0.91 -54.42
CA GLU D 72 7.58 -0.41 -54.86
C GLU D 72 8.29 -0.28 -56.19
N GLN D 73 7.62 0.40 -57.14
CA GLN D 73 8.28 0.63 -58.43
C GLN D 73 9.62 1.40 -58.22
N TRP D 74 9.56 2.47 -57.43
CA TRP D 74 10.76 3.28 -57.08
C TRP D 74 11.92 2.41 -56.55
N PHE D 75 11.59 1.51 -55.63
CA PHE D 75 12.65 0.78 -54.98
C PHE D 75 13.20 -0.24 -55.95
N ARG D 76 12.33 -0.79 -56.81
CA ARG D 76 12.76 -1.90 -57.62
C ARG D 76 13.77 -1.32 -58.62
N VAL D 77 13.37 -0.18 -59.18
CA VAL D 77 14.26 0.46 -60.11
C VAL D 77 15.61 0.84 -59.48
N ASN D 78 15.56 1.47 -58.32
CA ASN D 78 16.81 1.99 -57.79
C ASN D 78 17.74 0.94 -57.28
N LEU D 79 17.11 -0.17 -56.89
CA LEU D 79 17.83 -1.39 -56.53
C LEU D 79 18.62 -1.85 -57.79
N ARG D 80 17.94 -1.83 -58.93
CA ARG D 80 18.65 -2.22 -60.14
C ARG D 80 19.83 -1.25 -60.44
N THR D 81 19.55 0.04 -60.25
CA THR D 81 20.54 1.10 -60.59
C THR D 81 21.79 0.86 -59.74
N LEU D 82 21.57 0.54 -58.47
CA LEU D 82 22.70 0.36 -57.59
C LEU D 82 23.51 -0.88 -57.97
N LEU D 83 22.82 -1.93 -58.43
CA LEU D 83 23.56 -3.08 -58.97
C LEU D 83 24.54 -2.59 -60.01
N GLY D 84 24.08 -1.61 -60.79
CA GLY D 84 24.95 -1.00 -61.77
C GLY D 84 26.16 -0.30 -61.15
N TYR D 85 25.90 0.72 -60.33
CA TYR D 85 26.99 1.54 -59.74
C TYR D 85 28.04 0.71 -58.97
N TYR D 86 27.62 -0.39 -58.34
CA TYR D 86 28.55 -1.14 -57.51
C TYR D 86 29.15 -2.29 -58.27
N ASN D 87 28.80 -2.42 -59.55
CA ASN D 87 29.24 -3.56 -60.35
C ASN D 87 28.99 -4.93 -59.76
N GLN D 88 27.71 -5.23 -59.49
CA GLN D 88 27.37 -6.44 -58.77
C GLN D 88 26.48 -7.29 -59.63
N SER D 89 26.50 -8.58 -59.29
CA SER D 89 25.80 -9.63 -60.00
C SER D 89 24.26 -9.56 -59.77
N ALA D 90 23.44 -9.90 -60.78
CA ALA D 90 21.99 -9.75 -60.67
C ALA D 90 21.31 -10.89 -59.93
N GLY D 91 22.06 -11.92 -59.55
CA GLY D 91 21.48 -13.09 -58.88
C GLY D 91 21.44 -12.99 -57.37
N GLY D 92 22.29 -12.10 -56.83
CA GLY D 92 22.40 -11.89 -55.40
C GLY D 92 21.31 -11.00 -54.84
N THR D 93 20.94 -11.22 -53.58
CA THR D 93 19.94 -10.39 -52.92
C THR D 93 20.58 -9.17 -52.27
N HIS D 94 19.85 -8.05 -52.23
CA HIS D 94 20.39 -6.80 -51.70
C HIS D 94 19.28 -6.00 -51.02
N THR D 95 19.69 -5.02 -50.18
CA THR D 95 18.76 -4.15 -49.45
C THR D 95 18.83 -2.70 -49.76
N LEU D 96 17.65 -2.13 -49.88
CA LEU D 96 17.53 -0.68 -49.99
C LEU D 96 16.63 -0.10 -48.90
N GLN D 97 17.19 0.83 -48.13
CA GLN D 97 16.43 1.42 -47.05
C GLN D 97 16.30 2.92 -47.14
N TRP D 98 15.09 3.38 -46.85
CA TRP D 98 14.77 4.80 -46.81
C TRP D 98 14.13 5.12 -45.49
N MET D 99 14.71 6.14 -44.85
CA MET D 99 14.16 6.57 -43.57
C MET D 99 13.98 8.05 -43.61
N TYR D 100 12.79 8.51 -43.23
CA TYR D 100 12.49 9.93 -43.41
C TYR D 100 11.42 10.53 -42.49
N GLY D 101 11.40 11.86 -42.37
CA GLY D 101 10.37 12.53 -41.57
C GLY D 101 10.77 13.76 -40.76
N CYS D 102 10.00 14.04 -39.71
CA CYS D 102 10.11 15.30 -38.98
C CYS D 102 9.96 15.23 -37.47
N ASP D 103 10.81 16.04 -36.82
CA ASP D 103 10.61 16.42 -35.41
C ASP D 103 10.04 17.84 -35.40
N VAL D 104 9.05 17.98 -34.56
CA VAL D 104 8.26 19.18 -34.46
C VAL D 104 8.33 19.76 -33.04
N GLY D 105 8.60 21.07 -33.02
CA GLY D 105 8.68 21.85 -31.78
C GLY D 105 7.33 22.09 -31.15
N SER D 106 7.32 22.75 -30.00
CA SER D 106 6.07 22.92 -29.26
C SER D 106 5.11 23.85 -30.00
N ASP D 107 5.69 24.76 -30.77
CA ASP D 107 4.88 25.64 -31.63
C ASP D 107 4.05 24.90 -32.69
N GLY D 108 4.38 23.65 -32.95
CA GLY D 108 3.74 22.92 -34.03
C GLY D 108 4.50 23.04 -35.38
N ARG D 109 5.62 23.74 -35.38
CA ARG D 109 6.39 23.91 -36.61
C ARG D 109 7.64 23.05 -36.61
N LEU D 110 8.34 23.10 -37.73
CA LEU D 110 9.37 22.11 -37.97
C LEU D 110 10.68 22.38 -37.22
N LEU D 111 11.08 21.42 -36.38
CA LEU D 111 12.34 21.51 -35.64
C LEU D 111 13.46 20.94 -36.48
N ARG D 112 13.26 19.70 -36.92
CA ARG D 112 14.32 19.01 -37.64
C ARG D 112 13.69 18.05 -38.66
N GLY D 113 14.37 17.83 -39.79
CA GLY D 113 13.91 16.92 -40.84
C GLY D 113 14.96 15.93 -41.28
N TYR D 114 14.47 14.80 -41.80
CA TYR D 114 15.33 13.63 -42.10
C TYR D 114 14.98 13.04 -43.46
N GLU D 115 16.03 12.73 -44.19
CA GLU D 115 15.95 11.99 -45.46
C GLU D 115 17.24 11.28 -45.54
N GLN D 116 17.16 9.99 -45.25
CA GLN D 116 18.34 9.14 -45.35
C GLN D 116 18.13 7.82 -46.11
N PHE D 117 19.19 7.41 -46.77
CA PHE D 117 19.15 6.21 -47.57
C PHE D 117 20.39 5.43 -47.26
N ALA D 118 20.13 4.11 -47.14
CA ALA D 118 21.16 3.07 -47.01
C ALA D 118 21.04 1.97 -48.10
N TYR D 119 22.17 1.40 -48.48
CA TYR D 119 22.17 0.26 -49.38
C TYR D 119 22.96 -0.83 -48.75
N ASP D 120 22.39 -2.05 -48.77
CA ASP D 120 22.99 -3.21 -48.08
C ASP D 120 23.42 -2.79 -46.66
N GLY D 121 22.54 -2.01 -46.01
CA GLY D 121 22.68 -1.71 -44.59
C GLY D 121 23.74 -0.65 -44.27
N CYS D 122 24.36 -0.10 -45.29
CA CYS D 122 25.36 0.96 -45.09
C CYS D 122 24.85 2.24 -45.71
N ASP D 123 25.19 3.36 -45.06
CA ASP D 123 24.86 4.70 -45.57
C ASP D 123 25.11 4.83 -47.07
N TYR D 124 24.16 5.45 -47.75
CA TYR D 124 24.36 5.74 -49.15
C TYR D 124 24.35 7.29 -49.35
N ILE D 125 23.21 7.88 -49.05
CA ILE D 125 23.11 9.32 -49.22
C ILE D 125 22.13 9.82 -48.17
N ALA D 126 22.40 11.02 -47.67
CA ALA D 126 21.58 11.61 -46.62
C ALA D 126 21.52 13.12 -46.74
N LEU D 127 20.31 13.62 -46.50
CA LEU D 127 20.09 15.08 -46.45
C LEU D 127 20.67 15.68 -45.13
N ASN D 128 21.60 16.64 -45.30
CA ASN D 128 22.18 17.35 -44.18
C ASN D 128 21.14 18.17 -43.48
N GLU D 129 21.41 18.59 -42.24
CA GLU D 129 20.39 19.20 -41.40
C GLU D 129 19.86 20.52 -41.98
N ASP D 130 20.70 21.13 -42.82
CA ASP D 130 20.34 22.40 -43.47
C ASP D 130 19.14 22.17 -44.39
N LEU D 131 18.93 20.90 -44.72
CA LEU D 131 17.91 20.49 -45.66
C LEU D 131 18.15 21.09 -47.06
N LYS D 132 19.44 21.22 -47.44
CA LYS D 132 19.83 21.91 -48.67
C LYS D 132 20.99 21.16 -49.32
N THR D 133 21.76 20.44 -48.51
CA THR D 133 22.98 19.78 -49.01
C THR D 133 22.96 18.29 -48.65
N TRP D 134 23.76 17.54 -49.41
CA TRP D 134 23.79 16.10 -49.28
C TRP D 134 25.13 15.61 -48.73
N THR D 135 25.07 14.61 -47.87
CA THR D 135 26.24 13.82 -47.61
C THR D 135 26.16 12.48 -48.33
N ALA D 136 27.21 12.19 -49.11
CA ALA D 136 27.33 10.94 -49.86
C ALA D 136 28.50 10.17 -49.29
N ALA D 137 28.25 8.90 -48.99
CA ALA D 137 29.22 8.05 -48.33
C ALA D 137 30.35 7.51 -49.24
N ASP D 138 30.09 7.33 -50.54
CA ASP D 138 31.11 6.84 -51.49
C ASP D 138 30.94 7.44 -52.88
N MET D 139 31.78 7.04 -53.84
CA MET D 139 31.76 7.66 -55.15
C MET D 139 30.51 7.33 -55.92
N ALA D 140 30.06 6.11 -55.68
CA ALA D 140 28.75 5.68 -56.21
C ALA D 140 27.69 6.68 -55.78
N ALA D 141 27.64 6.98 -54.48
CA ALA D 141 26.68 7.97 -54.01
C ALA D 141 26.94 9.41 -54.54
N GLN D 142 28.20 9.74 -54.85
CA GLN D 142 28.52 11.04 -55.46
C GLN D 142 27.75 11.27 -56.76
N ILE D 143 27.64 10.20 -57.56
CA ILE D 143 26.85 10.27 -58.79
C ILE D 143 25.40 10.76 -58.53
N THR D 144 24.75 10.10 -57.58
CA THR D 144 23.38 10.43 -57.23
C THR D 144 23.38 11.85 -56.68
N ARG D 145 24.48 12.23 -56.03
CA ARG D 145 24.56 13.58 -55.44
C ARG D 145 24.54 14.69 -56.49
N ARG D 146 25.49 14.63 -57.43
CA ARG D 146 25.49 15.55 -58.59
C ARG D 146 24.12 15.59 -59.24
N LYS D 147 23.60 14.39 -59.55
CA LYS D 147 22.30 14.29 -60.21
C LYS D 147 21.18 15.04 -59.42
N TRP D 148 21.21 14.88 -58.10
CA TRP D 148 20.14 15.42 -57.25
C TRP D 148 20.27 16.91 -56.94
N GLU D 149 21.53 17.37 -56.92
CA GLU D 149 21.86 18.78 -56.84
C GLU D 149 21.28 19.50 -58.06
N GLN D 150 21.59 19.01 -59.25
CA GLN D 150 21.02 19.63 -60.45
C GLN D 150 19.49 19.49 -60.64
N ALA D 151 18.89 18.46 -60.04
CA ALA D 151 17.46 18.26 -60.16
C ALA D 151 16.69 18.98 -59.05
N GLY D 152 17.41 19.56 -58.08
CA GLY D 152 16.77 20.21 -56.95
C GLY D 152 15.94 19.27 -56.10
N ALA D 153 16.49 18.09 -55.83
CA ALA D 153 15.81 17.09 -54.98
C ALA D 153 15.58 17.58 -53.51
N ALA D 154 16.58 18.30 -52.97
CA ALA D 154 16.48 18.90 -51.62
C ALA D 154 15.19 19.74 -51.36
N GLU D 155 14.81 20.60 -52.32
CA GLU D 155 13.60 21.43 -52.19
C GLU D 155 12.34 20.61 -52.19
N TYR D 156 12.28 19.65 -53.11
CA TYR D 156 11.19 18.66 -53.12
C TYR D 156 10.90 18.02 -51.73
N TYR D 157 11.96 17.44 -51.18
CA TYR D 157 11.89 16.91 -49.83
C TYR D 157 11.47 17.94 -48.78
N ARG D 158 12.02 19.16 -48.91
CA ARG D 158 11.86 20.21 -47.90
C ARG D 158 10.40 20.66 -47.90
N ALA D 159 9.81 20.62 -49.07
CA ALA D 159 8.41 21.00 -49.23
C ALA D 159 7.53 20.00 -48.53
N TYR D 160 7.89 18.72 -48.69
CA TYR D 160 7.15 17.72 -47.92
C TYR D 160 7.32 17.86 -46.38
N LEU D 161 8.58 18.01 -45.95
CA LEU D 161 8.88 18.03 -44.52
C LEU D 161 8.24 19.26 -43.83
N GLU D 162 8.35 20.43 -44.47
CA GLU D 162 7.88 21.70 -43.88
C GLU D 162 6.36 21.79 -43.92
N GLY D 163 5.74 21.17 -44.92
CA GLY D 163 4.32 21.30 -45.01
C GLY D 163 3.59 20.05 -44.55
N GLU D 164 3.42 19.15 -45.51
CA GLU D 164 2.68 17.91 -45.32
C GLU D 164 3.01 17.07 -44.05
N CYS D 165 4.29 16.79 -43.86
CA CYS D 165 4.76 16.04 -42.71
C CYS D 165 4.17 16.59 -41.38
N VAL D 166 4.45 17.88 -41.11
CA VAL D 166 4.02 18.62 -39.88
C VAL D 166 2.51 18.61 -39.67
N GLU D 167 1.78 18.86 -40.74
CA GLU D 167 0.32 18.94 -40.68
C GLU D 167 -0.33 17.61 -40.42
N TRP D 168 0.14 16.59 -41.12
CA TRP D 168 -0.27 15.23 -40.76
C TRP D 168 0.05 14.86 -39.31
N LEU D 169 1.29 15.09 -38.90
CA LEU D 169 1.70 14.85 -37.54
C LEU D 169 0.73 15.50 -36.56
N HIS D 170 0.38 16.76 -36.82
CA HIS D 170 -0.54 17.53 -35.97
C HIS D 170 -1.93 16.88 -35.85
N ARG D 171 -2.47 16.50 -37.02
CA ARG D 171 -3.69 15.71 -37.06
C ARG D 171 -3.60 14.43 -36.25
N TYR D 172 -2.55 13.66 -36.49
CA TYR D 172 -2.41 12.37 -35.81
C TYR D 172 -2.31 12.53 -34.30
N LEU D 173 -1.60 13.56 -33.85
CA LEU D 173 -1.46 13.85 -32.42
C LEU D 173 -2.80 14.21 -31.78
N LYS D 174 -3.58 15.04 -32.50
CA LYS D 174 -4.97 15.35 -32.13
C LYS D 174 -5.85 14.07 -31.93
N ASN D 175 -5.81 13.16 -32.91
CA ASN D 175 -6.59 11.91 -32.84
C ASN D 175 -6.10 10.87 -31.81
N GLY D 176 -4.78 10.77 -31.66
CA GLY D 176 -4.19 9.73 -30.82
C GLY D 176 -3.78 10.24 -29.46
N ASN D 177 -4.13 11.50 -29.21
CA ASN D 177 -3.89 12.22 -27.96
C ASN D 177 -3.89 11.34 -26.71
N ALA D 178 -5.04 10.72 -26.45
CA ALA D 178 -5.28 10.01 -25.20
C ALA D 178 -4.24 8.92 -24.92
N THR D 179 -3.61 8.38 -25.96
CA THR D 179 -2.85 7.13 -25.84
C THR D 179 -1.40 7.36 -26.14
N LEU D 180 -1.15 8.42 -26.90
CA LEU D 180 0.20 8.79 -27.28
C LEU D 180 0.85 9.58 -26.17
N LEU D 181 0.03 10.30 -25.40
CA LEU D 181 0.53 11.25 -24.40
C LEU D 181 0.41 10.77 -23.00
N ARG D 182 0.39 9.47 -22.78
CA ARG D 182 0.34 8.97 -21.42
C ARG D 182 1.67 8.39 -21.00
N THR D 183 1.74 8.16 -19.70
CA THR D 183 2.93 7.60 -19.08
C THR D 183 2.61 6.38 -18.19
N ASP D 184 3.46 5.38 -18.32
CA ASP D 184 3.43 4.26 -17.39
C ASP D 184 4.76 4.34 -16.69
N SER D 185 4.68 4.66 -15.40
CA SER D 185 5.86 4.59 -14.55
C SER D 185 6.47 3.18 -14.48
N PRO D 186 7.78 3.14 -14.28
CA PRO D 186 8.52 1.88 -14.09
C PRO D 186 8.25 1.32 -12.70
N LYS D 187 8.13 0.02 -12.60
CA LYS D 187 8.25 -0.65 -11.32
C LYS D 187 9.72 -1.08 -11.21
N ALA D 188 10.35 -0.73 -10.09
CA ALA D 188 11.76 -1.03 -9.95
C ALA D 188 12.10 -2.01 -8.84
N HIS D 189 13.14 -2.81 -9.06
CA HIS D 189 13.68 -3.52 -7.89
C HIS D 189 15.12 -3.98 -8.15
N VAL D 190 15.83 -4.35 -7.09
CA VAL D 190 17.21 -4.81 -7.20
C VAL D 190 17.33 -6.29 -6.86
N THR D 191 18.08 -7.03 -7.66
CA THR D 191 18.32 -8.42 -7.32
C THR D 191 19.82 -8.64 -7.04
N HIS D 192 20.11 -9.76 -6.37
CA HIS D 192 21.43 -10.04 -5.82
C HIS D 192 21.88 -11.42 -6.28
N HIS D 193 23.05 -11.50 -6.91
CA HIS D 193 23.59 -12.85 -7.29
C HIS D 193 25.08 -12.97 -6.95
N PRO D 194 25.50 -14.18 -6.51
CA PRO D 194 26.93 -14.46 -6.37
C PRO D 194 27.62 -14.32 -7.71
N ARG D 195 28.94 -14.19 -7.75
CA ARG D 195 29.65 -13.92 -9.01
C ARG D 195 31.06 -14.51 -8.95
N SER D 196 31.74 -14.32 -7.84
CA SER D 196 33.12 -14.72 -7.72
C SER D 196 33.38 -14.77 -6.24
N LYS D 197 34.60 -15.05 -5.85
CA LYS D 197 34.95 -14.98 -4.46
C LYS D 197 35.04 -13.54 -4.00
N GLY D 198 34.15 -13.19 -3.05
CA GLY D 198 34.12 -11.89 -2.39
C GLY D 198 33.34 -10.87 -3.19
N GLU D 199 32.83 -11.33 -4.32
CA GLU D 199 32.28 -10.42 -5.31
C GLU D 199 30.85 -10.82 -5.59
N VAL D 200 29.96 -9.84 -5.71
CA VAL D 200 28.56 -10.09 -6.06
C VAL D 200 28.09 -9.18 -7.21
N THR D 201 27.00 -9.60 -7.85
CA THR D 201 26.36 -8.85 -8.95
C THR D 201 25.02 -8.28 -8.48
N LEU D 202 24.86 -6.96 -8.62
CA LEU D 202 23.61 -6.30 -8.21
C LEU D 202 22.95 -5.89 -9.50
N ARG D 203 21.66 -6.14 -9.60
CA ARG D 203 20.96 -5.85 -10.82
C ARG D 203 19.72 -4.98 -10.57
N CYS D 204 19.73 -3.81 -11.15
CA CYS D 204 18.62 -2.90 -11.08
C CYS D 204 17.65 -3.18 -12.23
N TRP D 205 16.40 -3.43 -11.88
CA TRP D 205 15.31 -3.71 -12.83
C TRP D 205 14.33 -2.53 -12.93
N ALA D 206 14.02 -2.17 -14.17
CA ALA D 206 12.94 -1.24 -14.51
C ALA D 206 11.94 -1.93 -15.42
N LEU D 207 10.71 -2.11 -14.94
CA LEU D 207 9.71 -2.88 -15.68
C LEU D 207 8.37 -2.14 -15.93
N GLY D 208 7.74 -2.46 -17.06
CA GLY D 208 6.39 -1.98 -17.30
C GLY D 208 6.26 -0.46 -17.51
N PHE D 209 7.29 0.14 -18.07
CA PHE D 209 7.25 1.56 -18.37
C PHE D 209 7.00 1.87 -19.86
N TYR D 210 6.27 2.98 -20.04
CA TYR D 210 6.05 3.65 -21.32
C TYR D 210 6.09 5.21 -21.11
N PRO D 211 6.86 5.93 -21.96
CA PRO D 211 7.72 5.49 -23.10
C PRO D 211 9.03 4.86 -22.81
N ALA D 212 9.62 4.29 -23.87
CA ALA D 212 10.88 3.57 -23.76
C ALA D 212 12.04 4.48 -23.25
N ASP D 213 11.91 5.79 -23.47
CA ASP D 213 12.93 6.73 -22.97
C ASP D 213 13.10 6.54 -21.43
N ILE D 214 14.27 6.03 -21.03
CA ILE D 214 14.56 5.81 -19.62
C ILE D 214 16.06 5.92 -19.39
N THR D 215 16.42 6.27 -18.14
CA THR D 215 17.83 6.27 -17.71
C THR D 215 18.08 5.52 -16.37
N LEU D 216 18.85 4.43 -16.39
CA LEU D 216 19.22 3.76 -15.13
C LEU D 216 20.69 3.96 -14.84
N THR D 217 21.04 4.15 -13.58
CA THR D 217 22.47 4.30 -13.27
C THR D 217 22.74 3.79 -11.88
N TRP D 218 23.96 3.28 -11.68
CA TRP D 218 24.31 2.91 -10.33
C TRP D 218 25.02 4.07 -9.62
N GLN D 219 25.24 3.90 -8.31
CA GLN D 219 25.80 4.93 -7.46
C GLN D 219 26.62 4.26 -6.34
N LEU D 220 27.82 4.76 -6.16
CA LEU D 220 28.61 4.48 -4.98
C LEU D 220 28.63 5.70 -4.10
N ASN D 221 28.03 5.53 -2.91
CA ASN D 221 28.01 6.62 -1.87
C ASN D 221 27.44 7.91 -2.44
N GLY D 222 26.36 7.76 -3.22
CA GLY D 222 25.55 8.90 -3.62
C GLY D 222 26.09 9.51 -4.88
N GLU D 223 27.17 8.90 -5.35
CA GLU D 223 27.83 9.44 -6.54
C GLU D 223 27.60 8.51 -7.74
N GLU D 224 27.28 9.13 -8.86
CA GLU D 224 27.05 8.37 -10.08
C GLU D 224 28.19 7.36 -10.40
N LEU D 225 27.78 6.20 -10.84
CA LEU D 225 28.70 5.10 -11.07
C LEU D 225 28.23 4.35 -12.32
N THR D 226 29.00 4.52 -13.39
CA THR D 226 28.67 3.84 -14.66
C THR D 226 29.80 2.96 -15.14
N GLN D 227 30.99 3.22 -14.61
CA GLN D 227 32.16 2.43 -14.90
C GLN D 227 31.93 0.90 -14.84
N ASP D 228 32.13 0.22 -15.98
CA ASP D 228 31.92 -1.24 -16.03
C ASP D 228 30.49 -1.64 -15.69
N MET D 229 29.54 -0.71 -15.81
CA MET D 229 28.14 -1.01 -15.54
C MET D 229 27.62 -1.67 -16.82
N GLU D 230 27.10 -2.87 -16.65
CA GLU D 230 26.52 -3.59 -17.76
C GLU D 230 25.05 -3.15 -17.95
N LEU D 231 24.73 -2.68 -19.16
CA LEU D 231 23.40 -2.11 -19.49
C LEU D 231 22.83 -2.82 -20.69
N VAL D 232 21.64 -3.36 -20.54
CA VAL D 232 21.06 -4.01 -21.70
C VAL D 232 20.15 -3.09 -22.50
N GLU D 233 20.03 -3.45 -23.77
CA GLU D 233 19.16 -2.75 -24.70
C GLU D 233 17.76 -2.73 -24.10
N THR D 234 17.11 -1.58 -24.14
CA THR D 234 15.68 -1.50 -23.83
C THR D 234 14.87 -2.48 -24.68
N ARG D 235 14.00 -3.23 -24.01
CA ARG D 235 13.28 -4.30 -24.72
C ARG D 235 11.76 -4.21 -24.52
N PRO D 236 10.99 -4.54 -25.57
CA PRO D 236 9.53 -4.45 -25.47
C PRO D 236 8.95 -5.65 -24.64
N ALA D 237 8.03 -5.38 -23.71
CA ALA D 237 7.34 -6.45 -22.97
C ALA D 237 6.30 -7.21 -23.80
N GLY D 238 5.78 -6.51 -24.81
CA GLY D 238 4.95 -7.15 -25.82
C GLY D 238 3.51 -6.71 -25.72
N ASP D 239 3.26 -5.82 -24.76
CA ASP D 239 1.90 -5.36 -24.40
C ASP D 239 1.84 -3.85 -24.43
N GLY D 240 2.84 -3.25 -25.08
CA GLY D 240 2.92 -1.81 -25.12
C GLY D 240 3.91 -1.16 -24.14
N THR D 241 4.57 -1.94 -23.28
CA THR D 241 5.52 -1.36 -22.33
C THR D 241 6.96 -1.89 -22.55
N PHE D 242 7.89 -1.36 -21.76
CA PHE D 242 9.29 -1.79 -21.90
C PHE D 242 9.96 -2.19 -20.63
N GLN D 243 11.06 -2.92 -20.80
CA GLN D 243 11.88 -3.41 -19.70
C GLN D 243 13.30 -2.92 -19.92
N LYS D 244 14.06 -2.79 -18.82
CA LYS D 244 15.51 -2.57 -18.94
C LYS D 244 16.18 -2.91 -17.65
N TRP D 245 17.41 -3.41 -17.71
CA TRP D 245 18.17 -3.54 -16.47
C TRP D 245 19.62 -3.06 -16.52
N ALA D 246 20.18 -2.76 -15.35
CA ALA D 246 21.56 -2.33 -15.25
C ALA D 246 22.28 -3.05 -14.10
N SER D 247 23.43 -3.68 -14.38
CA SER D 247 24.14 -4.40 -13.32
C SER D 247 25.56 -3.88 -12.98
N VAL D 248 25.99 -4.17 -11.75
CA VAL D 248 27.37 -3.84 -11.29
C VAL D 248 27.98 -4.95 -10.42
N VAL D 249 29.30 -5.05 -10.42
CA VAL D 249 29.96 -6.04 -9.55
C VAL D 249 30.59 -5.32 -8.36
N VAL D 250 30.17 -5.68 -7.16
CA VAL D 250 30.56 -4.98 -5.95
C VAL D 250 31.00 -6.02 -4.93
N PRO D 251 31.81 -5.59 -3.94
CA PRO D 251 32.33 -6.53 -2.98
C PRO D 251 31.20 -7.04 -2.07
N LEU D 252 31.25 -8.35 -1.84
CA LEU D 252 30.42 -8.97 -0.81
C LEU D 252 30.64 -8.27 0.53
N GLY D 253 29.53 -7.88 1.18
CA GLY D 253 29.59 -7.07 2.39
C GLY D 253 29.51 -5.56 2.17
N LYS D 254 29.64 -5.12 0.92
CA LYS D 254 29.69 -3.71 0.62
C LYS D 254 28.45 -3.23 -0.14
N GLU D 255 27.47 -4.12 -0.29
CA GLU D 255 26.26 -3.82 -1.09
C GLU D 255 25.47 -2.60 -0.64
N GLN D 256 25.40 -2.41 0.68
CA GLN D 256 24.72 -1.24 1.21
C GLN D 256 25.29 0.13 0.77
N ASN D 257 26.50 0.13 0.20
CA ASN D 257 27.07 1.37 -0.35
C ASN D 257 26.56 1.75 -1.73
N TYR D 258 25.83 0.80 -2.33
CA TYR D 258 25.33 1.02 -3.68
C TYR D 258 23.84 1.34 -3.81
N THR D 259 23.57 2.25 -4.73
CA THR D 259 22.19 2.61 -5.01
C THR D 259 21.93 2.66 -6.47
N CYS D 260 20.70 2.31 -6.82
CA CYS D 260 20.24 2.39 -8.16
C CYS D 260 19.36 3.66 -8.32
N ARG D 261 19.58 4.41 -9.40
CA ARG D 261 18.69 5.49 -9.83
C ARG D 261 17.91 5.19 -11.11
N VAL D 262 16.62 5.50 -11.09
CA VAL D 262 15.82 5.34 -12.27
C VAL D 262 15.18 6.68 -12.58
N TYR D 263 15.36 7.11 -13.81
CA TYR D 263 14.74 8.32 -14.34
C TYR D 263 13.81 8.03 -15.49
N HIS D 264 12.61 8.58 -15.36
CA HIS D 264 11.58 8.31 -16.33
C HIS D 264 10.59 9.44 -16.12
N GLU D 265 10.05 9.92 -17.22
CA GLU D 265 9.01 10.97 -17.20
C GLU D 265 7.67 10.61 -16.49
N GLY D 266 7.34 9.30 -16.35
CA GLY D 266 6.13 8.89 -15.64
C GLY D 266 6.21 9.15 -14.15
N LEU D 267 7.44 9.23 -13.65
CA LEU D 267 7.72 9.35 -12.20
C LEU D 267 7.63 10.77 -11.72
N PRO D 268 6.85 11.00 -10.64
CA PRO D 268 6.76 12.31 -9.98
C PRO D 268 8.13 12.71 -9.43
N GLU D 269 8.87 11.70 -9.00
CA GLU D 269 10.21 11.88 -8.50
C GLU D 269 11.00 10.62 -8.89
N PRO D 270 12.26 10.81 -9.30
CA PRO D 270 13.26 9.73 -9.52
C PRO D 270 13.27 8.65 -8.43
N LEU D 271 13.45 7.39 -8.85
CA LEU D 271 13.58 6.33 -7.86
C LEU D 271 15.02 6.14 -7.45
N THR D 272 15.20 5.80 -6.19
CA THR D 272 16.51 5.45 -5.62
C THR D 272 16.30 4.21 -4.75
N LEU D 273 16.96 3.10 -5.10
CA LEU D 273 16.60 1.79 -4.56
C LEU D 273 17.89 1.10 -4.20
N ARG D 274 17.84 0.18 -3.26
CA ARG D 274 19.03 -0.57 -2.94
C ARG D 274 18.64 -2.02 -2.76
N TRP D 275 19.62 -2.91 -2.81
CA TRP D 275 19.44 -4.29 -2.37
C TRP D 275 18.99 -4.34 -0.86
N GLU D 276 17.78 -4.84 -0.62
CA GLU D 276 17.26 -5.04 0.73
C GLU D 276 17.08 -6.52 0.99
N PRO D 277 17.89 -7.05 1.90
CA PRO D 277 17.70 -8.42 2.44
C PRO D 277 16.42 -8.46 3.35
N PRO D 278 16.01 -9.64 3.87
CA PRO D 278 16.58 -10.95 3.53
C PRO D 278 16.08 -11.34 2.15
N ILE E 1 28.18 -6.46 -46.06
CA ILE E 1 28.58 -6.89 -44.71
C ILE E 1 27.46 -7.53 -43.88
N GLN E 2 27.86 -8.15 -42.77
CA GLN E 2 26.93 -8.85 -41.90
C GLN E 2 27.00 -8.33 -40.49
N LYS E 3 25.82 -8.23 -39.87
CA LYS E 3 25.70 -7.87 -38.44
C LYS E 3 25.10 -9.05 -37.66
N THR E 4 25.83 -9.49 -36.64
CA THR E 4 25.37 -10.58 -35.78
C THR E 4 24.22 -10.16 -34.85
N PRO E 5 23.11 -10.93 -34.87
CA PRO E 5 21.96 -10.69 -33.98
C PRO E 5 22.35 -10.67 -32.51
N GLN E 6 21.69 -9.78 -31.79
CA GLN E 6 21.67 -9.73 -30.33
C GLN E 6 20.32 -10.29 -29.84
N ILE E 7 20.36 -11.25 -28.93
CA ILE E 7 19.16 -11.91 -28.43
C ILE E 7 18.87 -11.72 -26.93
N GLN E 8 17.63 -11.33 -26.59
CA GLN E 8 17.21 -11.41 -25.18
C GLN E 8 16.01 -12.29 -25.03
N VAL E 9 16.10 -13.23 -24.11
CA VAL E 9 15.00 -14.11 -23.86
C VAL E 9 14.47 -13.77 -22.47
N TYR E 10 13.18 -13.46 -22.40
CA TYR E 10 12.60 -12.92 -21.18
C TYR E 10 11.08 -12.97 -21.16
N SER E 11 10.48 -12.81 -19.98
CA SER E 11 9.03 -12.91 -19.85
C SER E 11 8.36 -11.56 -19.76
N ARG E 12 7.18 -11.45 -20.38
CA ARG E 12 6.36 -10.23 -20.31
C ARG E 12 6.11 -9.77 -18.85
N HIS E 13 5.67 -10.72 -18.03
CA HIS E 13 5.37 -10.48 -16.62
C HIS E 13 6.38 -11.22 -15.75
N PRO E 14 6.55 -10.75 -14.50
CA PRO E 14 7.34 -11.48 -13.49
C PRO E 14 6.84 -12.93 -13.44
N PRO E 15 7.77 -13.89 -13.56
CA PRO E 15 7.44 -15.33 -13.65
C PRO E 15 6.87 -15.89 -12.32
N GLU E 16 5.73 -16.59 -12.39
CA GLU E 16 5.18 -17.34 -11.24
C GLU E 16 4.85 -18.74 -11.70
N ASN E 17 5.58 -19.73 -11.18
CA ASN E 17 5.27 -21.11 -11.59
C ASN E 17 3.78 -21.34 -11.49
N GLY E 18 3.22 -21.87 -12.58
CA GLY E 18 1.81 -22.20 -12.66
C GLY E 18 0.95 -21.04 -13.12
N LYS E 19 1.52 -19.85 -13.08
CA LYS E 19 0.81 -18.71 -13.63
C LYS E 19 1.11 -18.43 -15.16
N PRO E 20 0.04 -18.44 -16.02
CA PRO E 20 0.14 -18.17 -17.48
C PRO E 20 0.81 -16.83 -17.75
N ASN E 21 1.67 -16.81 -18.77
CA ASN E 21 2.49 -15.67 -19.08
C ASN E 21 2.84 -15.70 -20.58
N ILE E 22 3.61 -14.69 -21.00
CA ILE E 22 4.16 -14.57 -22.35
C ILE E 22 5.69 -14.58 -22.29
N LEU E 23 6.27 -15.47 -23.09
CA LEU E 23 7.71 -15.50 -23.28
C LEU E 23 8.18 -14.85 -24.59
N ASN E 24 8.97 -13.80 -24.44
CA ASN E 24 9.62 -13.08 -25.54
C ASN E 24 11.06 -13.52 -25.84
N CYS E 25 11.34 -13.40 -27.12
CA CYS E 25 12.65 -13.53 -27.73
C CYS E 25 12.83 -12.28 -28.61
N TYR E 26 13.54 -11.29 -28.06
CA TYR E 26 13.77 -10.04 -28.78
C TYR E 26 15.11 -10.08 -29.56
N VAL E 27 15.04 -10.09 -30.90
CA VAL E 27 16.25 -10.12 -31.73
C VAL E 27 16.59 -8.80 -32.45
N THR E 28 17.78 -8.30 -32.21
CA THR E 28 18.13 -6.99 -32.74
C THR E 28 19.49 -6.91 -33.40
N GLN E 29 19.73 -5.75 -34.04
CA GLN E 29 21.04 -5.40 -34.55
C GLN E 29 21.65 -6.33 -35.62
N PHE E 30 20.78 -6.94 -36.43
CA PHE E 30 21.26 -7.84 -37.45
C PHE E 30 21.11 -7.30 -38.91
N HIS E 31 21.97 -7.81 -39.80
CA HIS E 31 21.86 -7.59 -41.25
C HIS E 31 22.57 -8.76 -41.92
N PRO E 32 21.97 -9.35 -42.96
CA PRO E 32 20.72 -9.14 -43.68
C PRO E 32 19.50 -9.44 -42.86
N PRO E 33 18.34 -8.87 -43.28
CA PRO E 33 17.06 -9.00 -42.53
C PRO E 33 16.50 -10.43 -42.51
N HIS E 34 16.88 -11.26 -43.46
CA HIS E 34 16.38 -12.62 -43.40
C HIS E 34 16.92 -13.38 -42.17
N ILE E 35 16.05 -14.05 -41.42
CA ILE E 35 16.47 -14.64 -40.13
C ILE E 35 15.46 -15.75 -39.75
N GLU E 36 15.98 -16.81 -39.10
CA GLU E 36 15.15 -17.92 -38.56
C GLU E 36 15.07 -17.92 -37.03
N ILE E 37 13.87 -17.76 -36.51
CA ILE E 37 13.69 -17.81 -35.07
C ILE E 37 12.78 -18.98 -34.56
N GLN E 38 13.30 -19.72 -33.59
CA GLN E 38 12.56 -20.82 -32.98
C GLN E 38 12.56 -20.70 -31.46
N MET E 39 11.41 -20.93 -30.84
CA MET E 39 11.39 -20.93 -29.41
C MET E 39 11.21 -22.38 -29.04
N LEU E 40 11.96 -22.79 -28.01
CA LEU E 40 12.01 -24.18 -27.63
C LEU E 40 11.52 -24.40 -26.18
N LYS E 41 10.82 -25.50 -25.97
CA LYS E 41 10.49 -25.95 -24.63
C LYS E 41 11.08 -27.32 -24.44
N ASN E 42 12.00 -27.42 -23.48
CA ASN E 42 12.72 -28.66 -23.23
C ASN E 42 13.40 -29.22 -24.47
N GLY E 43 13.87 -28.32 -25.34
CA GLY E 43 14.59 -28.70 -26.56
C GLY E 43 13.70 -29.04 -27.75
N LYS E 44 12.42 -28.73 -27.63
CA LYS E 44 11.44 -28.97 -28.70
C LYS E 44 10.69 -27.70 -29.13
N LYS E 45 10.47 -27.55 -30.44
CA LYS E 45 9.86 -26.32 -30.98
C LYS E 45 8.45 -26.07 -30.51
N ILE E 46 8.25 -24.94 -29.81
CA ILE E 46 6.91 -24.46 -29.52
C ILE E 46 6.20 -24.13 -30.85
N PRO E 47 5.02 -24.73 -31.06
CA PRO E 47 4.31 -24.52 -32.32
C PRO E 47 3.61 -23.15 -32.43
N LYS E 48 3.18 -22.57 -31.31
CA LYS E 48 2.35 -21.38 -31.37
C LYS E 48 3.18 -20.08 -31.23
N VAL E 49 4.25 -19.95 -32.03
CA VAL E 49 5.13 -18.79 -31.81
C VAL E 49 4.67 -17.60 -32.66
N GLU E 50 4.18 -16.55 -32.00
CA GLU E 50 3.74 -15.39 -32.74
C GLU E 50 4.91 -14.47 -32.99
N MET E 51 5.04 -14.04 -34.23
CA MET E 51 6.16 -13.21 -34.64
C MET E 51 5.61 -11.84 -34.94
N SER E 52 6.14 -10.83 -34.25
CA SER E 52 5.76 -9.45 -34.57
C SER E 52 6.21 -9.14 -36.02
N ASP E 53 5.89 -7.95 -36.50
CA ASP E 53 6.50 -7.50 -37.75
C ASP E 53 7.95 -6.94 -37.56
N MET E 54 8.79 -7.26 -38.54
CA MET E 54 10.14 -6.71 -38.51
C MET E 54 10.15 -5.16 -38.66
N SER E 55 11.15 -4.57 -38.06
CA SER E 55 11.38 -3.17 -38.21
C SER E 55 12.89 -2.93 -38.31
N PHE E 56 13.27 -1.68 -38.54
CA PHE E 56 14.72 -1.37 -38.41
C PHE E 56 14.92 -0.14 -37.53
N SER E 57 16.11 -0.01 -36.98
CA SER E 57 16.42 1.15 -36.15
C SER E 57 17.23 2.23 -36.90
N LYS E 58 17.54 3.31 -36.21
CA LYS E 58 18.16 4.41 -36.91
C LYS E 58 19.57 4.15 -37.38
N ASP E 59 20.18 3.06 -36.93
CA ASP E 59 21.52 2.61 -37.39
C ASP E 59 21.39 1.60 -38.52
N TRP E 60 20.14 1.48 -39.01
CA TRP E 60 19.75 0.63 -40.16
C TRP E 60 19.67 -0.84 -39.83
N SER E 61 20.16 -1.23 -38.65
CA SER E 61 20.07 -2.64 -38.29
C SER E 61 18.58 -3.08 -38.07
N PHE E 62 18.28 -4.33 -38.39
CA PHE E 62 16.89 -4.83 -38.26
C PHE E 62 16.62 -5.42 -36.87
N TYR E 63 15.35 -5.41 -36.49
CA TYR E 63 14.95 -6.07 -35.26
C TYR E 63 13.54 -6.70 -35.34
N ILE E 64 13.28 -7.67 -34.46
CA ILE E 64 11.99 -8.31 -34.47
C ILE E 64 11.72 -8.95 -33.10
N LEU E 65 10.44 -9.04 -32.72
CA LEU E 65 10.01 -9.70 -31.49
C LEU E 65 9.27 -10.99 -31.77
N ALA E 66 9.78 -12.09 -31.23
CA ALA E 66 9.10 -13.37 -31.29
C ALA E 66 8.47 -13.63 -29.91
N HIS E 67 7.23 -14.09 -29.86
CA HIS E 67 6.62 -14.33 -28.54
C HIS E 67 5.68 -15.52 -28.57
N THR E 68 5.53 -16.14 -27.40
CA THR E 68 4.60 -17.24 -27.25
C THR E 68 3.95 -17.25 -25.87
N GLU E 69 2.79 -17.90 -25.74
CA GLU E 69 2.20 -18.08 -24.42
C GLU E 69 2.91 -19.24 -23.74
N PHE E 70 3.15 -19.13 -22.44
CA PHE E 70 3.69 -20.28 -21.72
C PHE E 70 3.27 -20.22 -20.27
N THR E 71 3.45 -21.35 -19.57
CA THR E 71 3.27 -21.40 -18.10
C THR E 71 4.54 -21.96 -17.44
N PRO E 72 5.31 -21.04 -16.82
CA PRO E 72 6.58 -21.34 -16.14
C PRO E 72 6.39 -22.43 -15.10
N THR E 73 7.39 -23.28 -15.02
CA THR E 73 7.30 -24.41 -14.14
C THR E 73 8.68 -24.61 -13.56
N GLU E 74 8.72 -25.23 -12.40
CA GLU E 74 9.99 -25.66 -11.81
C GLU E 74 10.92 -26.56 -12.67
N THR E 75 10.35 -27.34 -13.59
CA THR E 75 11.13 -28.34 -14.33
C THR E 75 11.22 -28.10 -15.84
N ASP E 76 10.42 -27.16 -16.37
CA ASP E 76 10.49 -26.87 -17.81
C ASP E 76 11.58 -25.84 -18.15
N THR E 77 12.43 -26.19 -19.13
CA THR E 77 13.41 -25.24 -19.67
C THR E 77 12.91 -24.61 -20.98
N TYR E 78 13.11 -23.31 -21.09
CA TYR E 78 12.80 -22.60 -22.32
C TYR E 78 14.01 -21.91 -22.94
N ALA E 79 14.10 -22.00 -24.27
CA ALA E 79 15.14 -21.26 -25.01
C ALA E 79 14.66 -20.58 -26.32
N CYS E 80 15.56 -19.86 -26.96
CA CYS E 80 15.29 -19.30 -28.28
C CYS E 80 16.49 -19.62 -29.16
N ARG E 81 16.23 -20.14 -30.36
CA ARG E 81 17.28 -20.52 -31.27
C ARG E 81 17.19 -19.61 -32.48
N VAL E 82 18.31 -19.00 -32.83
CA VAL E 82 18.32 -18.07 -33.93
C VAL E 82 19.31 -18.52 -35.03
N LYS E 83 18.84 -18.54 -36.28
CA LYS E 83 19.70 -18.86 -37.41
C LYS E 83 19.88 -17.68 -38.37
N HIS E 84 21.14 -17.35 -38.60
CA HIS E 84 21.42 -16.13 -39.39
C HIS E 84 22.79 -16.37 -40.03
N ASP E 85 23.06 -15.63 -41.09
CA ASP E 85 24.22 -15.95 -41.90
C ASP E 85 25.49 -15.31 -41.36
N SER E 86 25.32 -14.30 -40.52
CA SER E 86 26.43 -13.78 -39.74
C SER E 86 27.07 -14.87 -38.89
N MET E 87 26.32 -15.93 -38.63
CA MET E 87 26.77 -16.97 -37.72
C MET E 87 26.88 -18.32 -38.40
N ALA E 88 28.06 -18.93 -38.24
CA ALA E 88 28.34 -20.24 -38.82
C ALA E 88 27.46 -21.33 -38.23
N GLU E 89 26.94 -21.08 -37.04
CA GLU E 89 26.11 -22.04 -36.38
C GLU E 89 24.92 -21.32 -35.70
N PRO E 90 23.75 -22.00 -35.57
CA PRO E 90 22.62 -21.39 -34.86
C PRO E 90 22.99 -21.05 -33.42
N LYS E 91 22.42 -19.98 -32.89
CA LYS E 91 22.73 -19.55 -31.54
C LYS E 91 21.53 -19.90 -30.67
N THR E 92 21.78 -20.57 -29.56
CA THR E 92 20.70 -20.86 -28.64
C THR E 92 20.91 -20.10 -27.35
N VAL E 93 19.91 -19.31 -26.98
CA VAL E 93 19.91 -18.60 -25.71
C VAL E 93 18.80 -19.14 -24.79
N TYR E 94 19.18 -19.65 -23.62
CA TYR E 94 18.23 -20.15 -22.63
C TYR E 94 17.63 -19.03 -21.79
N TRP E 95 16.38 -19.23 -21.39
CA TRP E 95 15.70 -18.24 -20.58
C TRP E 95 16.25 -18.37 -19.15
N ASP E 96 16.82 -17.28 -18.65
CA ASP E 96 17.27 -17.17 -17.27
C ASP E 96 16.36 -16.22 -16.50
N ARG E 97 15.71 -16.73 -15.44
CA ARG E 97 14.72 -15.92 -14.68
C ARG E 97 15.25 -14.65 -14.02
N ASP E 98 16.58 -14.58 -13.87
CA ASP E 98 17.26 -13.44 -13.27
C ASP E 98 17.68 -12.43 -14.36
N MET E 99 17.26 -12.69 -15.60
CA MET E 99 17.56 -11.86 -16.79
C MET E 99 16.47 -11.71 -17.92
N SER F 1 1.03 10.67 -43.19
CA SER F 1 0.92 10.15 -44.54
C SER F 1 2.32 10.10 -45.18
N PRO F 2 2.65 8.96 -45.86
CA PRO F 2 3.93 8.68 -46.55
C PRO F 2 4.05 9.38 -47.86
N SER F 3 5.26 9.61 -48.41
CA SER F 3 5.39 10.26 -49.75
C SER F 3 6.27 9.45 -50.78
N TYR F 4 6.37 9.97 -51.99
CA TYR F 4 7.25 9.37 -52.97
C TYR F 4 8.68 9.80 -52.80
N ALA F 5 9.58 8.82 -52.97
CA ALA F 5 10.99 9.16 -52.94
C ALA F 5 11.26 9.96 -54.21
N TYR F 6 10.60 9.55 -55.32
CA TYR F 6 10.55 10.28 -56.61
C TYR F 6 11.87 10.45 -57.42
N HIS F 7 12.86 11.05 -56.81
CA HIS F 7 14.16 11.25 -57.49
C HIS F 7 14.98 9.97 -57.59
N GLN F 8 15.54 9.72 -58.75
CA GLN F 8 16.20 8.44 -58.98
C GLN F 8 17.67 8.58 -58.70
N PHE F 9 18.22 7.52 -58.14
CA PHE F 9 19.66 7.43 -57.96
C PHE F 9 20.53 7.58 -59.24
N ALA G 1 -14.80 -9.99 4.24
CA ALA G 1 -15.03 -11.42 4.03
C ALA G 1 -15.99 -11.59 2.85
N GLY G 2 -15.76 -12.60 2.01
CA GLY G 2 -16.75 -12.91 0.98
C GLY G 2 -16.25 -13.03 -0.46
N PRO G 3 -17.19 -13.27 -1.39
CA PRO G 3 -16.93 -13.44 -2.84
C PRO G 3 -16.20 -12.22 -3.38
N HIS G 4 -15.43 -12.41 -4.43
CA HIS G 4 -14.86 -11.19 -5.04
C HIS G 4 -15.94 -10.49 -5.89
N SER G 5 -15.80 -9.19 -6.08
CA SER G 5 -16.81 -8.47 -6.84
C SER G 5 -16.25 -7.36 -7.70
N MET G 6 -16.96 -7.13 -8.80
CA MET G 6 -16.74 -5.97 -9.65
C MET G 6 -18.04 -5.19 -9.88
N ARG G 7 -17.94 -3.85 -9.83
CA ARG G 7 -19.12 -2.98 -10.07
C ARG G 7 -18.79 -1.67 -10.75
N TYR G 8 -19.81 -1.13 -11.41
CA TYR G 8 -19.72 0.18 -12.04
C TYR G 8 -20.95 0.96 -11.62
N PHE G 9 -20.62 2.14 -11.11
CA PHE G 9 -21.59 3.17 -10.73
C PHE G 9 -21.50 4.34 -11.70
N GLU G 10 -22.54 4.44 -12.50
CA GLU G 10 -22.58 5.40 -13.57
C GLU G 10 -23.75 6.38 -13.37
N THR G 11 -23.46 7.66 -13.54
CA THR G 11 -24.43 8.69 -13.27
C THR G 11 -24.34 9.83 -14.27
N ALA G 12 -25.51 10.29 -14.69
CA ALA G 12 -25.62 11.47 -15.50
C ALA G 12 -26.58 12.49 -14.82
N VAL G 13 -26.14 13.75 -14.80
CA VAL G 13 -26.98 14.85 -14.34
C VAL G 13 -27.20 15.92 -15.41
N SER G 14 -28.47 16.18 -15.70
CA SER G 14 -28.78 17.12 -16.77
C SER G 14 -28.48 18.51 -16.25
N ARG G 15 -28.03 19.38 -17.16
CA ARG G 15 -27.69 20.77 -16.84
C ARG G 15 -28.37 21.67 -17.85
N PRO G 16 -29.69 21.78 -17.76
CA PRO G 16 -30.52 22.47 -18.76
C PRO G 16 -30.04 23.92 -18.97
N GLY G 17 -29.60 24.26 -20.20
CA GLY G 17 -29.10 25.57 -20.56
C GLY G 17 -27.71 25.92 -20.04
N LEU G 18 -26.98 24.92 -19.52
CA LEU G 18 -25.61 25.13 -18.98
C LEU G 18 -24.57 24.17 -19.59
N GLY G 19 -24.95 23.55 -20.70
CA GLY G 19 -24.10 22.61 -21.40
C GLY G 19 -24.67 21.19 -21.52
N GLU G 20 -23.74 20.28 -21.79
CA GLU G 20 -24.08 18.86 -21.85
C GLU G 20 -24.32 18.35 -20.41
N PRO G 21 -25.13 17.27 -20.26
CA PRO G 21 -25.19 16.68 -18.92
C PRO G 21 -23.82 16.12 -18.45
N ARG G 22 -23.64 16.25 -17.13
CA ARG G 22 -22.46 15.80 -16.43
C ARG G 22 -22.53 14.27 -16.39
N TYR G 23 -21.48 13.64 -16.89
CA TYR G 23 -21.37 12.18 -16.81
C TYR G 23 -20.17 11.64 -16.02
N ILE G 24 -20.47 10.71 -15.11
CA ILE G 24 -19.42 10.14 -14.27
C ILE G 24 -19.56 8.63 -14.14
N SER G 25 -18.46 7.94 -14.41
CA SER G 25 -18.42 6.49 -14.25
C SER G 25 -17.27 6.10 -13.31
N VAL G 26 -17.65 5.38 -12.24
CA VAL G 26 -16.67 4.93 -11.26
C VAL G 26 -16.69 3.42 -11.22
N GLY G 27 -15.49 2.82 -11.30
CA GLY G 27 -15.33 1.35 -11.25
C GLY G 27 -14.81 0.84 -9.89
N TYR G 28 -15.38 -0.26 -9.40
CA TYR G 28 -14.91 -0.89 -8.17
C TYR G 28 -14.58 -2.36 -8.33
N VAL G 29 -13.47 -2.76 -7.70
CA VAL G 29 -13.18 -4.17 -7.50
C VAL G 29 -13.06 -4.40 -6.01
N ASP G 30 -13.87 -5.33 -5.48
CA ASP G 30 -13.88 -5.64 -4.05
C ASP G 30 -14.07 -4.36 -3.25
N ASN G 31 -15.01 -3.56 -3.74
CA ASN G 31 -15.36 -2.27 -3.14
C ASN G 31 -14.24 -1.23 -3.10
N LYS G 32 -13.18 -1.44 -3.88
CA LYS G 32 -12.11 -0.45 -4.04
C LYS G 32 -12.24 0.26 -5.38
N GLU G 33 -12.33 1.57 -5.33
CA GLU G 33 -12.39 2.34 -6.56
C GLU G 33 -11.06 2.21 -7.32
N PHE G 34 -11.13 1.75 -8.57
CA PHE G 34 -9.89 1.50 -9.29
C PHE G 34 -9.75 2.29 -10.59
N VAL G 35 -10.89 2.69 -11.17
CA VAL G 35 -10.95 3.59 -12.35
C VAL G 35 -12.07 4.63 -12.19
N ARG G 36 -11.93 5.72 -12.95
CA ARG G 36 -12.91 6.80 -12.91
C ARG G 36 -12.88 7.66 -14.16
N PHE G 37 -14.08 8.07 -14.54
CA PHE G 37 -14.24 8.97 -15.67
C PHE G 37 -15.15 10.13 -15.30
N ASP G 38 -14.68 11.34 -15.59
CA ASP G 38 -15.52 12.51 -15.34
C ASP G 38 -15.53 13.35 -16.60
N SER G 39 -16.75 13.66 -17.06
CA SER G 39 -16.98 14.40 -18.31
C SER G 39 -16.55 15.86 -18.20
N ASP G 40 -16.66 16.40 -17.00
CA ASP G 40 -16.26 17.79 -16.73
C ASP G 40 -14.75 17.97 -16.62
N ALA G 41 -14.00 16.89 -16.80
CA ALA G 41 -12.56 16.95 -16.82
C ALA G 41 -12.12 17.67 -18.09
N GLU G 42 -10.86 18.08 -18.08
CA GLU G 42 -10.28 18.85 -19.15
C GLU G 42 -9.93 17.93 -20.32
N ASN G 43 -9.25 16.81 -20.03
CA ASN G 43 -9.14 15.72 -20.99
C ASN G 43 -9.97 14.52 -20.53
N PRO G 44 -11.29 14.53 -20.84
CA PRO G 44 -12.19 13.47 -20.36
C PRO G 44 -11.73 12.09 -20.82
N ARG G 45 -11.40 11.25 -19.84
CA ARG G 45 -10.73 9.98 -20.07
C ARG G 45 -10.90 9.11 -18.79
N TYR G 46 -10.87 7.79 -18.96
CA TYR G 46 -10.74 6.89 -17.80
C TYR G 46 -9.34 6.98 -17.20
N GLU G 47 -9.27 7.09 -15.87
CA GLU G 47 -7.97 7.22 -15.18
C GLU G 47 -7.86 6.13 -14.14
N PRO G 48 -6.63 5.63 -13.92
CA PRO G 48 -6.45 4.62 -12.87
C PRO G 48 -6.52 5.31 -11.51
N GLN G 49 -7.28 4.71 -10.59
CA GLN G 49 -7.50 5.20 -9.21
C GLN G 49 -6.77 4.31 -8.18
N ALA G 50 -6.05 3.32 -8.69
CA ALA G 50 -5.23 2.41 -7.90
C ALA G 50 -3.92 2.18 -8.68
N PRO G 51 -2.81 2.05 -7.96
CA PRO G 51 -1.44 1.90 -8.49
C PRO G 51 -1.23 0.65 -9.36
N TRP G 52 -1.88 -0.46 -9.00
CA TRP G 52 -1.78 -1.72 -9.78
C TRP G 52 -2.53 -1.67 -11.14
N MET G 53 -3.18 -0.54 -11.38
CA MET G 53 -3.96 -0.33 -12.58
C MET G 53 -3.06 0.33 -13.68
N GLU G 54 -1.95 0.93 -13.23
CA GLU G 54 -0.95 1.58 -14.09
C GLU G 54 -0.09 0.63 -14.94
N GLN G 55 -0.44 -0.64 -14.87
CA GLN G 55 0.24 -1.61 -15.67
C GLN G 55 -0.59 -2.01 -16.90
N GLU G 56 -1.75 -1.40 -17.11
CA GLU G 56 -2.45 -1.58 -18.39
C GLU G 56 -1.86 -0.74 -19.56
N GLY G 57 -1.98 -1.26 -20.81
CA GLY G 57 -1.44 -0.60 -22.00
C GLY G 57 -2.36 0.56 -22.40
N PRO G 58 -1.89 1.48 -23.27
CA PRO G 58 -2.63 2.72 -23.62
C PRO G 58 -3.95 2.44 -24.29
N GLU G 59 -3.95 1.28 -24.87
CA GLU G 59 -4.94 0.84 -25.74
C GLU G 59 -6.09 0.41 -24.85
N TYR G 60 -5.75 -0.13 -23.66
CA TYR G 60 -6.75 -0.31 -22.61
C TYR G 60 -7.51 0.99 -22.30
N TRP G 61 -6.76 2.06 -22.02
CA TRP G 61 -7.42 3.34 -21.71
C TRP G 61 -8.29 3.94 -22.82
N GLU G 62 -7.82 3.81 -24.05
CA GLU G 62 -8.55 4.29 -25.23
C GLU G 62 -9.89 3.64 -25.36
N ARG G 63 -9.87 2.31 -25.30
CA ARG G 63 -11.04 1.58 -25.73
C ARG G 63 -12.21 1.80 -24.75
N ILE G 64 -11.87 1.74 -23.44
CA ILE G 64 -12.84 2.05 -22.40
C ILE G 64 -13.28 3.51 -22.44
N THR G 65 -12.33 4.43 -22.69
CA THR G 65 -12.68 5.82 -22.98
C THR G 65 -13.77 5.99 -24.10
N GLN G 66 -13.64 5.15 -25.13
CA GLN G 66 -14.62 5.12 -26.23
C GLN G 66 -15.99 4.67 -25.73
N ILE G 67 -15.94 3.59 -24.95
CA ILE G 67 -17.15 3.19 -24.28
C ILE G 67 -17.82 4.36 -23.55
N ALA G 68 -17.00 5.12 -22.78
CA ALA G 68 -17.49 6.28 -22.04
C ALA G 68 -18.27 7.27 -22.92
N LYS G 69 -17.71 7.56 -24.08
CA LYS G 69 -18.44 8.49 -24.97
C LYS G 69 -19.81 7.94 -25.39
N GLY G 70 -19.77 6.67 -25.81
CA GLY G 70 -21.01 5.97 -26.16
C GLY G 70 -22.04 6.07 -25.06
N GLN G 71 -21.53 6.01 -23.82
CA GLN G 71 -22.37 5.98 -22.61
C GLN G 71 -23.00 7.34 -22.36
N GLU G 72 -22.21 8.40 -22.57
CA GLU G 72 -22.70 9.76 -22.47
C GLU G 72 -23.90 9.94 -23.40
N GLN G 73 -23.72 9.48 -24.64
CA GLN G 73 -24.83 9.60 -25.59
C GLN G 73 -26.07 8.84 -25.07
N TRP G 74 -25.81 7.58 -24.68
CA TRP G 74 -26.85 6.76 -24.03
C TRP G 74 -27.64 7.51 -22.91
N PHE G 75 -26.90 8.12 -21.98
CA PHE G 75 -27.56 8.71 -20.83
C PHE G 75 -28.34 9.94 -21.24
N ARG G 76 -27.72 10.73 -22.12
CA ARG G 76 -28.34 11.96 -22.53
C ARG G 76 -29.70 11.65 -23.18
N VAL G 77 -29.66 10.67 -24.08
CA VAL G 77 -30.88 10.31 -24.74
C VAL G 77 -31.93 9.84 -23.74
N ASN G 78 -31.52 8.95 -22.83
CA ASN G 78 -32.53 8.31 -22.01
C ASN G 78 -33.11 9.24 -20.98
N LEU G 79 -32.28 10.24 -20.64
CA LEU G 79 -32.64 11.32 -19.72
C LEU G 79 -33.78 12.11 -20.35
N ARG G 80 -33.61 12.35 -21.67
CA ARG G 80 -34.69 13.02 -22.41
C ARG G 80 -35.97 12.15 -22.48
N THR G 81 -35.79 10.85 -22.80
CA THR G 81 -36.94 9.93 -22.88
C THR G 81 -37.73 9.99 -21.55
N LEU G 82 -37.00 9.99 -20.43
CA LEU G 82 -37.69 9.93 -19.12
C LEU G 82 -38.47 11.21 -18.86
N LEU G 83 -37.89 12.35 -19.25
CA LEU G 83 -38.67 13.59 -19.23
C LEU G 83 -40.04 13.38 -19.92
N GLY G 84 -40.00 12.61 -21.01
CA GLY G 84 -41.22 12.27 -21.73
C GLY G 84 -42.17 11.49 -20.82
N TYR G 85 -41.73 10.28 -20.45
CA TYR G 85 -42.60 9.36 -19.69
C TYR G 85 -43.19 10.00 -18.44
N TYR G 86 -42.41 10.86 -17.77
CA TYR G 86 -42.88 11.46 -16.51
C TYR G 86 -43.63 12.78 -16.69
N ASN G 87 -43.72 13.23 -17.96
CA ASN G 87 -44.37 14.49 -18.30
C ASN G 87 -43.79 15.68 -17.53
N GLN G 88 -42.49 15.88 -17.72
CA GLN G 88 -41.77 16.85 -16.92
C GLN G 88 -41.14 17.86 -17.83
N SER G 89 -40.92 19.04 -17.26
CA SER G 89 -40.53 20.21 -18.03
C SER G 89 -38.99 20.20 -18.30
N ALA G 90 -38.58 20.71 -19.49
CA ALA G 90 -37.18 20.55 -19.95
C ALA G 90 -36.15 21.44 -19.23
N GLY G 91 -36.63 22.35 -18.35
CA GLY G 91 -35.75 23.31 -17.68
C GLY G 91 -35.10 22.82 -16.41
N GLY G 92 -35.75 21.82 -15.80
CA GLY G 92 -35.33 21.24 -14.52
C GLY G 92 -34.16 20.26 -14.67
N THR G 93 -33.32 20.17 -13.64
CA THR G 93 -32.23 19.18 -13.62
C THR G 93 -32.69 17.84 -13.04
N HIS G 94 -32.13 16.74 -13.55
CA HIS G 94 -32.60 15.36 -13.19
C HIS G 94 -31.39 14.39 -13.20
N THR G 95 -31.59 13.27 -12.51
CA THR G 95 -30.54 12.25 -12.36
C THR G 95 -30.93 10.92 -12.98
N LEU G 96 -29.93 10.35 -13.65
CA LEU G 96 -30.01 9.00 -14.17
C LEU G 96 -28.84 8.16 -13.68
N GLN G 97 -29.17 7.09 -12.94
CA GLN G 97 -28.15 6.21 -12.37
C GLN G 97 -28.24 4.79 -12.86
N TRP G 98 -27.06 4.28 -13.17
CA TRP G 98 -26.89 2.89 -13.57
C TRP G 98 -25.84 2.20 -12.70
N MET G 99 -26.24 1.08 -12.13
CA MET G 99 -25.34 0.30 -11.31
C MET G 99 -25.38 -1.12 -11.82
N TYR G 100 -24.19 -1.67 -12.01
CA TYR G 100 -24.15 -3.03 -12.58
C TYR G 100 -22.84 -3.80 -12.29
N GLY G 101 -22.89 -5.11 -12.50
CA GLY G 101 -21.74 -5.96 -12.25
C GLY G 101 -21.96 -7.38 -11.68
N CYS G 102 -20.87 -7.91 -11.11
CA CYS G 102 -20.80 -9.34 -10.78
C CYS G 102 -20.10 -9.66 -9.44
N ASP G 103 -20.75 -10.56 -8.71
CA ASP G 103 -20.10 -11.27 -7.60
C ASP G 103 -19.71 -12.67 -8.09
N VAL G 104 -18.48 -13.00 -7.74
CA VAL G 104 -17.81 -14.19 -8.19
C VAL G 104 -17.39 -15.12 -7.02
N GLY G 105 -17.80 -16.39 -7.16
CA GLY G 105 -17.48 -17.47 -6.25
C GLY G 105 -15.99 -17.82 -6.24
N SER G 106 -15.60 -18.74 -5.35
CA SER G 106 -14.20 -19.10 -5.22
C SER G 106 -13.70 -19.87 -6.44
N ASP G 107 -14.61 -20.62 -7.09
CA ASP G 107 -14.32 -21.27 -8.40
C ASP G 107 -13.88 -20.32 -9.55
N GLY G 108 -14.16 -19.02 -9.40
CA GLY G 108 -13.87 -18.03 -10.44
C GLY G 108 -15.06 -17.81 -11.39
N ARG G 109 -16.20 -18.45 -11.05
CA ARG G 109 -17.40 -18.37 -11.85
C ARG G 109 -18.47 -17.50 -11.19
N LEU G 110 -19.50 -17.19 -11.98
CA LEU G 110 -20.46 -16.18 -11.60
C LEU G 110 -21.39 -16.64 -10.50
N LEU G 111 -21.30 -15.97 -9.34
CA LEU G 111 -22.25 -16.13 -8.21
C LEU G 111 -23.56 -15.34 -8.40
N ARG G 112 -23.41 -14.04 -8.62
CA ARG G 112 -24.59 -13.21 -8.75
C ARG G 112 -24.31 -12.01 -9.64
N GLY G 113 -25.38 -11.52 -10.29
CA GLY G 113 -25.28 -10.40 -11.23
C GLY G 113 -26.31 -9.29 -10.99
N TYR G 114 -25.94 -8.07 -11.45
CA TYR G 114 -26.66 -6.84 -11.14
C TYR G 114 -26.73 -5.93 -12.36
N GLU G 115 -27.96 -5.49 -12.61
CA GLU G 115 -28.29 -4.46 -13.60
C GLU G 115 -29.45 -3.67 -13.05
N GLN G 116 -29.18 -2.46 -12.58
CA GLN G 116 -30.20 -1.67 -11.90
C GLN G 116 -30.06 -0.21 -12.28
N PHE G 117 -31.23 0.43 -12.42
CA PHE G 117 -31.38 1.79 -12.92
C PHE G 117 -32.34 2.49 -12.03
N ALA G 118 -31.96 3.74 -11.75
CA ALA G 118 -32.71 4.69 -10.94
C ALA G 118 -32.82 6.02 -11.66
N TYR G 119 -33.94 6.67 -11.45
CA TYR G 119 -34.17 8.00 -12.02
C TYR G 119 -34.58 8.95 -10.87
N ASP G 120 -33.87 10.09 -10.79
CA ASP G 120 -34.02 11.07 -9.72
C ASP G 120 -33.90 10.35 -8.40
N GLY G 121 -32.93 9.42 -8.33
CA GLY G 121 -32.62 8.65 -7.13
C GLY G 121 -33.62 7.57 -6.66
N CYS G 122 -34.68 7.37 -7.46
CA CYS G 122 -35.65 6.31 -7.18
C CYS G 122 -35.51 5.20 -8.16
N ASP G 123 -35.76 3.99 -7.67
CA ASP G 123 -35.74 2.79 -8.52
C ASP G 123 -36.56 3.03 -9.77
N TYR G 124 -36.01 2.58 -10.89
CA TYR G 124 -36.73 2.66 -12.15
C TYR G 124 -36.99 1.22 -12.67
N ILE G 125 -35.88 0.50 -12.95
CA ILE G 125 -35.97 -0.86 -13.45
C ILE G 125 -34.72 -1.64 -13.07
N ALA G 126 -34.94 -2.90 -12.75
CA ALA G 126 -33.88 -3.72 -12.26
C ALA G 126 -34.05 -5.14 -12.78
N LEU G 127 -32.92 -5.73 -13.19
CA LEU G 127 -32.83 -7.15 -13.50
C LEU G 127 -32.89 -8.03 -12.18
N ASN G 128 -33.94 -8.86 -12.11
CA ASN G 128 -34.09 -9.90 -11.08
C ASN G 128 -32.91 -10.89 -11.05
N GLU G 129 -32.80 -11.61 -9.94
CA GLU G 129 -31.60 -12.39 -9.71
C GLU G 129 -31.47 -13.56 -10.68
N ASP G 130 -32.63 -13.98 -11.23
CA ASP G 130 -32.65 -14.99 -12.30
C ASP G 130 -31.91 -14.53 -13.55
N LEU G 131 -31.72 -13.20 -13.65
CA LEU G 131 -31.08 -12.54 -14.79
C LEU G 131 -31.89 -12.79 -16.07
N LYS G 132 -33.22 -12.72 -15.98
CA LYS G 132 -34.10 -13.13 -17.07
C LYS G 132 -35.38 -12.29 -17.06
N THR G 133 -35.72 -11.79 -15.90
CA THR G 133 -36.95 -11.03 -15.74
C THR G 133 -36.63 -9.67 -15.07
N TRP G 134 -37.61 -8.77 -15.15
CA TRP G 134 -37.42 -7.34 -14.78
C TRP G 134 -38.38 -6.96 -13.71
N THR G 135 -37.87 -6.19 -12.75
CA THR G 135 -38.74 -5.50 -11.85
C THR G 135 -38.79 -4.05 -12.23
N ALA G 136 -40.02 -3.59 -12.46
CA ALA G 136 -40.22 -2.17 -12.78
C ALA G 136 -41.04 -1.53 -11.68
N ALA G 137 -40.54 -0.39 -11.20
CA ALA G 137 -41.11 0.32 -10.02
C ALA G 137 -42.47 1.04 -10.27
N ASP G 138 -42.69 1.54 -11.49
CA ASP G 138 -43.95 2.22 -11.84
C ASP G 138 -44.34 1.99 -13.32
N MET G 139 -45.46 2.58 -13.73
CA MET G 139 -45.96 2.30 -15.10
C MET G 139 -45.04 2.85 -16.18
N ALA G 140 -44.40 3.97 -15.83
CA ALA G 140 -43.36 4.55 -16.70
C ALA G 140 -42.32 3.48 -17.00
N ALA G 141 -41.89 2.79 -15.92
CA ALA G 141 -40.90 1.72 -16.13
C ALA G 141 -41.47 0.48 -16.84
N GLN G 142 -42.78 0.27 -16.73
CA GLN G 142 -43.46 -0.87 -17.38
C GLN G 142 -43.20 -0.77 -18.87
N ILE G 143 -43.29 0.48 -19.36
CA ILE G 143 -43.06 0.69 -20.81
C ILE G 143 -41.69 0.13 -21.28
N THR G 144 -40.66 0.55 -20.57
CA THR G 144 -39.30 0.09 -20.83
C THR G 144 -39.25 -1.41 -20.67
N ARG G 145 -40.07 -1.92 -19.75
CA ARG G 145 -40.08 -3.35 -19.47
C ARG G 145 -40.56 -4.17 -20.68
N ARG G 146 -41.81 -3.93 -21.11
CA ARG G 146 -42.32 -4.60 -22.33
C ARG G 146 -41.30 -4.46 -23.44
N LYS G 147 -40.78 -3.24 -23.61
CA LYS G 147 -39.91 -2.96 -24.74
C LYS G 147 -38.65 -3.88 -24.65
N TRP G 148 -38.18 -4.11 -23.42
CA TRP G 148 -36.89 -4.78 -23.18
C TRP G 148 -37.05 -6.29 -23.22
N GLU G 149 -38.24 -6.73 -22.80
CA GLU G 149 -38.68 -8.13 -22.92
C GLU G 149 -38.69 -8.58 -24.38
N GLN G 150 -39.24 -7.75 -25.25
CA GLN G 150 -39.30 -8.09 -26.67
C GLN G 150 -37.96 -7.94 -27.37
N ALA G 151 -37.09 -7.11 -26.78
CA ALA G 151 -35.79 -6.86 -27.41
C ALA G 151 -34.74 -7.88 -26.92
N GLY G 152 -35.06 -8.62 -25.85
CA GLY G 152 -34.11 -9.55 -25.26
C GLY G 152 -32.93 -8.85 -24.58
N ALA G 153 -33.24 -7.75 -23.92
CA ALA G 153 -32.21 -7.02 -23.15
C ALA G 153 -31.50 -7.91 -22.08
N ALA G 154 -32.31 -8.76 -21.43
CA ALA G 154 -31.76 -9.61 -20.36
C ALA G 154 -30.60 -10.53 -20.79
N GLU G 155 -30.69 -11.14 -22.00
CA GLU G 155 -29.58 -12.00 -22.44
C GLU G 155 -28.33 -11.23 -22.89
N TYR G 156 -28.53 -10.04 -23.48
CA TYR G 156 -27.41 -9.12 -23.73
C TYR G 156 -26.59 -8.88 -22.41
N TYR G 157 -27.31 -8.42 -21.39
CA TYR G 157 -26.67 -8.17 -20.11
C TYR G 157 -26.00 -9.43 -19.56
N ARG G 158 -26.74 -10.55 -19.64
CA ARG G 158 -26.28 -11.85 -19.10
C ARG G 158 -24.95 -12.32 -19.73
N ALA G 159 -24.82 -12.07 -21.03
CA ALA G 159 -23.63 -12.41 -21.78
C ALA G 159 -22.45 -11.57 -21.27
N TYR G 160 -22.72 -10.30 -21.00
CA TYR G 160 -21.65 -9.49 -20.40
C TYR G 160 -21.28 -10.03 -19.01
N LEU G 161 -22.32 -10.23 -18.19
CA LEU G 161 -22.11 -10.63 -16.77
C LEU G 161 -21.38 -11.98 -16.62
N GLU G 162 -21.80 -12.97 -17.42
CA GLU G 162 -21.26 -14.32 -17.37
C GLU G 162 -19.88 -14.44 -18.03
N GLY G 163 -19.62 -13.61 -19.04
CA GLY G 163 -18.33 -13.69 -19.71
C GLY G 163 -17.38 -12.62 -19.27
N GLU G 164 -17.49 -11.51 -19.99
CA GLU G 164 -16.59 -10.36 -19.85
C GLU G 164 -16.34 -9.84 -18.38
N CYS G 165 -17.45 -9.71 -17.66
CA CYS G 165 -17.40 -9.26 -16.28
C CYS G 165 -16.41 -10.09 -15.41
N VAL G 166 -16.67 -11.41 -15.40
CA VAL G 166 -15.92 -12.40 -14.62
C VAL G 166 -14.42 -12.46 -15.01
N GLU G 167 -14.18 -12.44 -16.32
CA GLU G 167 -12.82 -12.58 -16.85
C GLU G 167 -11.96 -11.36 -16.53
N TRP G 168 -12.56 -10.20 -16.75
CA TRP G 168 -11.91 -8.95 -16.36
C TRP G 168 -11.62 -8.94 -14.85
N LEU G 169 -12.61 -9.40 -14.09
CA LEU G 169 -12.49 -9.41 -12.64
C LEU G 169 -11.28 -10.26 -12.28
N HIS G 170 -11.20 -11.42 -12.94
CA HIS G 170 -10.12 -12.38 -12.71
C HIS G 170 -8.72 -11.75 -12.99
N ARG G 171 -8.61 -11.11 -14.14
CA ARG G 171 -7.40 -10.36 -14.50
C ARG G 171 -7.03 -9.31 -13.44
N TYR G 172 -7.99 -8.47 -13.10
CA TYR G 172 -7.74 -7.40 -12.15
C TYR G 172 -7.24 -7.95 -10.81
N LEU G 173 -7.83 -9.08 -10.40
CA LEU G 173 -7.52 -9.69 -9.10
C LEU G 173 -6.08 -10.20 -9.10
N LYS G 174 -5.74 -10.85 -10.21
CA LYS G 174 -4.36 -11.24 -10.52
C LYS G 174 -3.37 -10.07 -10.37
N ASN G 175 -3.68 -8.95 -11.02
CA ASN G 175 -2.79 -7.74 -11.02
C ASN G 175 -2.72 -6.96 -9.68
N GLY G 176 -3.86 -6.91 -8.96
CA GLY G 176 -4.01 -6.10 -7.76
C GLY G 176 -3.89 -6.90 -6.48
N ASN G 177 -3.72 -8.21 -6.67
CA ASN G 177 -3.50 -9.21 -5.63
C ASN G 177 -2.88 -8.63 -4.34
N ALA G 178 -1.66 -8.09 -4.47
CA ALA G 178 -0.87 -7.68 -3.31
C ALA G 178 -1.55 -6.61 -2.46
N THR G 179 -2.47 -5.85 -3.05
CA THR G 179 -2.98 -4.70 -2.30
C THR G 179 -4.47 -4.90 -1.98
N LEU G 180 -5.13 -5.71 -2.81
CA LEU G 180 -6.56 -5.93 -2.70
C LEU G 180 -6.85 -6.94 -1.62
N LEU G 181 -5.89 -7.84 -1.40
CA LEU G 181 -6.11 -9.00 -0.53
C LEU G 181 -5.42 -8.85 0.79
N ARG G 182 -5.19 -7.62 1.21
CA ARG G 182 -4.54 -7.45 2.50
C ARG G 182 -5.50 -6.99 3.56
N THR G 183 -5.00 -7.03 4.77
CA THR G 183 -5.81 -6.68 5.91
C THR G 183 -5.07 -5.69 6.77
N ASP G 184 -5.81 -4.67 7.21
CA ASP G 184 -5.37 -3.85 8.33
C ASP G 184 -6.26 -4.07 9.56
N SER G 185 -5.68 -4.65 10.61
CA SER G 185 -6.41 -4.84 11.85
C SER G 185 -6.90 -3.51 12.44
N PRO G 186 -8.10 -3.52 13.07
CA PRO G 186 -8.58 -2.36 13.84
C PRO G 186 -7.74 -2.22 15.13
N LYS G 187 -7.44 -0.98 15.51
CA LYS G 187 -7.00 -0.62 16.85
C LYS G 187 -8.25 -0.19 17.59
N ALA G 188 -8.46 -0.77 18.76
CA ALA G 188 -9.69 -0.54 19.46
C ALA G 188 -9.48 0.14 20.80
N HIS G 189 -10.46 0.93 21.21
CA HIS G 189 -10.44 1.37 22.63
C HIS G 189 -11.79 1.93 23.09
N VAL G 190 -11.94 2.11 24.40
CA VAL G 190 -13.22 2.49 24.95
C VAL G 190 -13.11 3.78 25.71
N THR G 191 -14.07 4.65 25.48
CA THR G 191 -14.01 5.91 26.14
C THR G 191 -15.29 6.07 26.97
N HIS G 192 -15.18 7.00 27.90
CA HIS G 192 -16.15 7.15 28.97
C HIS G 192 -16.58 8.60 29.09
N HIS G 193 -17.89 8.88 29.03
CA HIS G 193 -18.37 10.27 29.15
C HIS G 193 -19.61 10.30 30.04
N PRO G 194 -19.68 11.28 30.95
CA PRO G 194 -20.91 11.51 31.74
C PRO G 194 -22.07 11.68 30.77
N ARG G 195 -23.32 11.55 31.24
CA ARG G 195 -24.45 11.64 30.31
C ARG G 195 -25.71 12.19 30.95
N SER G 196 -25.98 11.74 32.15
CA SER G 196 -27.15 12.18 32.85
C SER G 196 -26.83 11.83 34.26
N LYS G 197 -27.82 11.98 35.14
CA LYS G 197 -27.63 11.66 36.54
C LYS G 197 -27.68 10.16 36.74
N GLY G 198 -26.54 9.62 37.22
CA GLY G 198 -26.32 8.19 37.43
C GLY G 198 -26.05 7.36 36.16
N GLU G 199 -25.94 8.06 35.02
CA GLU G 199 -25.87 7.43 33.71
C GLU G 199 -24.61 7.90 33.05
N VAL G 200 -23.93 6.97 32.39
CA VAL G 200 -22.75 7.27 31.58
C VAL G 200 -22.84 6.67 30.14
N THR G 201 -22.06 7.26 29.24
CA THR G 201 -21.93 6.80 27.87
C THR G 201 -20.56 6.09 27.74
N LEU G 202 -20.63 4.85 27.26
CA LEU G 202 -19.43 4.09 26.88
C LEU G 202 -19.34 4.03 25.36
N ARG G 203 -18.15 4.31 24.84
CA ARG G 203 -17.99 4.31 23.40
C ARG G 203 -16.85 3.39 23.01
N CYS G 204 -17.19 2.40 22.19
CA CYS G 204 -16.20 1.52 21.55
C CYS G 204 -15.73 2.05 20.18
N TRP G 205 -14.42 2.21 20.07
CA TRP G 205 -13.76 2.76 18.90
C TRP G 205 -13.00 1.66 18.17
N ALA G 206 -13.24 1.61 16.87
CA ALA G 206 -12.47 0.80 15.96
C ALA G 206 -11.82 1.75 14.90
N LEU G 207 -10.49 1.73 14.85
CA LEU G 207 -9.75 2.61 13.96
C LEU G 207 -8.65 1.95 13.08
N GLY G 208 -8.48 2.54 11.90
CA GLY G 208 -7.41 2.19 10.98
C GLY G 208 -7.53 0.82 10.37
N PHE G 209 -8.76 0.36 10.13
CA PHE G 209 -8.94 -0.99 9.59
C PHE G 209 -9.22 -0.98 8.11
N TYR G 210 -8.75 -2.04 7.43
CA TYR G 210 -9.17 -2.30 6.04
C TYR G 210 -9.27 -3.83 5.92
N PRO G 211 -10.37 -4.35 5.28
CA PRO G 211 -11.49 -3.57 4.69
C PRO G 211 -12.51 -2.99 5.64
N ALA G 212 -13.43 -2.24 5.05
CA ALA G 212 -14.51 -1.63 5.81
C ALA G 212 -15.47 -2.63 6.49
N ASP G 213 -15.56 -3.86 5.96
CA ASP G 213 -16.41 -4.88 6.58
C ASP G 213 -15.99 -5.08 8.06
N ILE G 214 -16.86 -4.64 8.97
CA ILE G 214 -16.60 -4.79 10.38
C ILE G 214 -17.89 -4.96 11.19
N THR G 215 -17.78 -5.64 12.34
CA THR G 215 -18.89 -5.70 13.27
C THR G 215 -18.56 -5.31 14.69
N LEU G 216 -19.25 -4.29 15.22
CA LEU G 216 -19.03 -3.94 16.66
C LEU G 216 -20.28 -4.15 17.50
N THR G 217 -20.11 -4.62 18.73
CA THR G 217 -21.29 -4.88 19.53
C THR G 217 -20.98 -4.74 21.02
N TRP G 218 -22.00 -4.36 21.77
CA TRP G 218 -21.76 -4.26 23.17
C TRP G 218 -22.20 -5.59 23.82
N GLN G 219 -21.92 -5.70 25.10
CA GLN G 219 -22.20 -6.90 25.86
C GLN G 219 -22.45 -6.57 27.31
N LEU G 220 -23.53 -7.14 27.84
CA LEU G 220 -23.84 -7.10 29.26
C LEU G 220 -23.62 -8.50 29.78
N ASN G 221 -22.64 -8.62 30.66
CA ASN G 221 -22.34 -9.91 31.36
C ASN G 221 -22.08 -11.06 30.37
N GLY G 222 -21.39 -10.75 29.27
CA GLY G 222 -20.97 -11.76 28.29
C GLY G 222 -22.02 -12.02 27.22
N GLU G 223 -23.20 -11.44 27.41
CA GLU G 223 -24.24 -11.63 26.42
C GLU G 223 -24.30 -10.39 25.48
N GLU G 224 -24.49 -10.65 24.18
CA GLU G 224 -24.69 -9.56 23.22
C GLU G 224 -25.74 -8.49 23.65
N LEU G 225 -25.42 -7.25 23.39
CA LEU G 225 -26.30 -6.18 23.73
C LEU G 225 -26.22 -5.21 22.56
N THR G 226 -27.40 -5.01 21.92
CA THR G 226 -27.55 -4.07 20.81
C THR G 226 -28.73 -3.08 20.98
N GLN G 227 -29.61 -3.44 21.89
CA GLN G 227 -30.72 -2.58 22.25
C GLN G 227 -30.25 -1.15 22.58
N ASP G 228 -30.80 -0.18 21.82
CA ASP G 228 -30.47 1.25 22.02
C ASP G 228 -28.97 1.52 21.87
N MET G 229 -28.30 0.66 21.08
CA MET G 229 -26.90 0.87 20.81
C MET G 229 -26.84 1.83 19.63
N GLU G 230 -26.17 2.95 19.84
CA GLU G 230 -25.98 3.90 18.78
C GLU G 230 -24.74 3.44 18.01
N LEU G 231 -24.95 3.24 16.71
CA LEU G 231 -23.88 2.83 15.78
C LEU G 231 -23.70 3.83 14.61
N VAL G 232 -22.51 4.40 14.45
CA VAL G 232 -22.38 5.32 13.33
C VAL G 232 -21.90 4.61 12.08
N GLU G 233 -22.20 5.28 10.95
CA GLU G 233 -21.82 4.80 9.62
C GLU G 233 -20.29 4.64 9.60
N THR G 234 -19.82 3.53 9.03
CA THR G 234 -18.43 3.34 8.74
C THR G 234 -17.94 4.49 7.89
N ARG G 235 -16.81 5.07 8.29
CA ARG G 235 -16.31 6.28 7.63
C ARG G 235 -14.81 6.18 7.25
N PRO G 236 -14.44 6.86 6.13
CA PRO G 236 -13.08 6.72 5.61
C PRO G 236 -12.10 7.65 6.34
N ALA G 237 -10.92 7.13 6.70
CA ALA G 237 -9.94 7.94 7.44
C ALA G 237 -9.24 8.89 6.46
N GLY G 238 -9.22 8.46 5.19
CA GLY G 238 -8.75 9.30 4.09
C GLY G 238 -7.42 8.82 3.61
N ASP G 239 -6.94 7.70 4.16
CA ASP G 239 -5.62 7.14 3.81
C ASP G 239 -5.71 5.72 3.35
N GLY G 240 -6.92 5.34 2.94
CA GLY G 240 -7.24 3.95 2.66
C GLY G 240 -7.81 3.08 3.79
N THR G 241 -7.98 3.66 4.98
CA THR G 241 -8.54 2.89 6.12
C THR G 241 -9.87 3.45 6.64
N PHE G 242 -10.49 2.70 7.56
CA PHE G 242 -11.79 3.13 8.07
C PHE G 242 -11.84 3.22 9.57
N GLN G 243 -12.91 3.89 10.01
CA GLN G 243 -13.21 4.14 11.42
C GLN G 243 -14.67 3.81 11.65
N LYS G 244 -14.98 3.32 12.84
CA LYS G 244 -16.36 3.15 13.29
C LYS G 244 -16.42 3.20 14.80
N TRP G 245 -17.54 3.71 15.33
CA TRP G 245 -17.80 3.50 16.74
C TRP G 245 -19.24 3.00 17.14
N ALA G 246 -19.34 2.40 18.32
CA ALA G 246 -20.62 1.99 18.88
C ALA G 246 -20.75 2.42 20.33
N SER G 247 -21.84 3.14 20.65
CA SER G 247 -22.02 3.58 22.06
C SER G 247 -23.25 2.98 22.80
N VAL G 248 -23.12 2.91 24.13
CA VAL G 248 -24.24 2.50 25.02
C VAL G 248 -24.33 3.36 26.29
N VAL G 249 -25.54 3.48 26.80
CA VAL G 249 -25.77 4.24 28.04
C VAL G 249 -26.00 3.24 29.17
N VAL G 250 -25.15 3.34 30.19
CA VAL G 250 -25.10 2.38 31.29
C VAL G 250 -25.08 3.13 32.64
N PRO G 251 -25.52 2.48 33.71
CA PRO G 251 -25.51 3.12 35.02
C PRO G 251 -24.12 3.35 35.53
N LEU G 252 -23.95 4.51 36.16
CA LEU G 252 -22.69 4.90 36.77
C LEU G 252 -22.46 3.85 37.83
N GLY G 253 -21.26 3.29 37.83
CA GLY G 253 -20.91 2.28 38.82
C GLY G 253 -21.04 0.89 38.29
N LYS G 254 -21.67 0.76 37.13
CA LYS G 254 -21.93 -0.55 36.53
C LYS G 254 -21.12 -0.83 35.24
N GLU G 255 -20.25 0.09 34.89
CA GLU G 255 -19.42 -0.02 33.69
C GLU G 255 -18.65 -1.32 33.51
N GLN G 256 -18.13 -1.82 34.62
CA GLN G 256 -17.40 -3.09 34.57
C GLN G 256 -18.18 -4.30 34.06
N ASN G 257 -19.50 -4.21 34.03
CA ASN G 257 -20.36 -5.30 33.47
C ASN G 257 -20.43 -5.35 31.95
N TYR G 258 -19.92 -4.28 31.33
CA TYR G 258 -20.03 -4.12 29.88
C TYR G 258 -18.72 -4.36 29.19
N THR G 259 -18.86 -5.00 28.03
CA THR G 259 -17.73 -5.29 27.16
C THR G 259 -18.06 -4.99 25.72
N CYS G 260 -17.03 -4.59 24.99
CA CYS G 260 -17.16 -4.30 23.58
C CYS G 260 -16.50 -5.41 22.76
N ARG G 261 -17.24 -5.94 21.81
CA ARG G 261 -16.67 -6.89 20.86
C ARG G 261 -16.41 -6.27 19.51
N VAL G 262 -15.19 -6.45 19.01
CA VAL G 262 -14.87 -6.09 17.63
C VAL G 262 -14.57 -7.30 16.72
N TYR G 263 -15.28 -7.35 15.60
CA TYR G 263 -15.07 -8.44 14.64
C TYR G 263 -14.55 -7.88 13.34
N HIS G 264 -13.40 -8.42 12.94
CA HIS G 264 -12.74 -8.01 11.69
C HIS G 264 -11.81 -9.11 11.20
N GLU G 265 -11.77 -9.24 9.86
CA GLU G 265 -10.98 -10.30 9.21
C GLU G 265 -9.47 -10.17 9.38
N GLY G 266 -9.03 -8.97 9.75
CA GLY G 266 -7.63 -8.71 10.03
C GLY G 266 -7.13 -9.34 11.32
N LEU G 267 -8.07 -9.56 12.24
CA LEU G 267 -7.74 -10.05 13.57
C LEU G 267 -7.65 -11.58 13.60
N PRO G 268 -6.57 -12.10 14.21
CA PRO G 268 -6.42 -13.54 14.53
C PRO G 268 -7.51 -14.02 15.50
N GLU G 269 -7.90 -13.12 16.40
CA GLU G 269 -8.98 -13.40 17.32
C GLU G 269 -9.75 -12.08 17.56
N PRO G 270 -11.10 -12.15 17.58
CA PRO G 270 -11.98 -11.03 18.03
C PRO G 270 -11.43 -10.27 19.27
N LEU G 271 -11.67 -8.96 19.27
CA LEU G 271 -11.30 -8.16 20.42
C LEU G 271 -12.46 -8.05 21.37
N THR G 272 -12.09 -8.08 22.65
CA THR G 272 -13.03 -7.89 23.75
C THR G 272 -12.35 -6.90 24.68
N LEU G 273 -12.96 -5.73 24.83
CA LEU G 273 -12.37 -4.62 25.59
C LEU G 273 -13.37 -4.04 26.54
N ARG G 274 -12.90 -3.41 27.61
CA ARG G 274 -13.81 -2.72 28.50
C ARG G 274 -13.24 -1.38 28.90
N TRP G 275 -14.08 -0.52 29.45
CA TRP G 275 -13.60 0.75 29.98
C TRP G 275 -12.62 0.46 31.16
N GLU G 276 -11.36 0.89 31.01
CA GLU G 276 -10.33 0.72 32.04
C GLU G 276 -9.91 2.08 32.56
N PRO G 277 -10.29 2.38 33.82
CA PRO G 277 -9.77 3.55 34.53
C PRO G 277 -8.25 3.34 34.87
N PRO G 278 -7.56 4.36 35.44
CA PRO G 278 -8.10 5.71 35.66
C PRO G 278 -8.13 6.46 34.33
N ILE H 1 -37.87 13.63 -5.40
CA ILE H 1 -37.76 13.70 -3.93
C ILE H 1 -36.38 14.09 -3.43
N GLN H 2 -36.32 14.49 -2.16
CA GLN H 2 -35.04 14.90 -1.56
C GLN H 2 -34.60 14.06 -0.38
N LYS H 3 -33.28 13.85 -0.29
CA LYS H 3 -32.70 13.14 0.84
C LYS H 3 -31.78 14.10 1.58
N THR H 4 -32.04 14.23 2.89
CA THR H 4 -31.25 15.09 3.76
C THR H 4 -29.87 14.49 4.08
N PRO H 5 -28.82 15.29 3.86
CA PRO H 5 -27.43 14.86 4.15
C PRO H 5 -27.24 14.47 5.62
N GLN H 6 -26.38 13.48 5.81
CA GLN H 6 -25.91 13.03 7.13
C GLN H 6 -24.46 13.43 7.23
N ILE H 7 -24.10 14.02 8.36
CA ILE H 7 -22.77 14.60 8.49
C ILE H 7 -21.96 14.08 9.66
N GLN H 8 -20.73 13.65 9.41
CA GLN H 8 -19.81 13.38 10.53
C GLN H 8 -18.56 14.20 10.44
N VAL H 9 -18.27 14.91 11.54
CA VAL H 9 -17.06 15.69 11.62
C VAL H 9 -16.07 15.03 12.55
N TYR H 10 -14.88 14.76 12.04
CA TYR H 10 -13.91 13.97 12.80
C TYR H 10 -12.47 14.03 12.25
N SER H 11 -11.49 13.61 13.04
CA SER H 11 -10.08 13.71 12.65
C SER H 11 -9.52 12.38 12.18
N ARG H 12 -8.61 12.46 11.20
CA ARG H 12 -7.97 11.27 10.62
C ARG H 12 -7.21 10.54 11.69
N HIS H 13 -6.46 11.29 12.49
CA HIS H 13 -5.75 10.67 13.62
C HIS H 13 -6.34 11.10 14.95
N PRO H 14 -6.08 10.31 16.01
CA PRO H 14 -6.39 10.74 17.39
C PRO H 14 -5.78 12.15 17.63
N PRO H 15 -6.62 13.10 18.07
CA PRO H 15 -6.23 14.50 18.23
C PRO H 15 -5.17 14.69 19.35
N GLU H 16 -4.09 15.38 19.05
CA GLU H 16 -3.14 15.85 20.05
C GLU H 16 -2.93 17.35 19.80
N ASN H 17 -3.28 18.18 20.80
CA ASN H 17 -3.06 19.62 20.70
C ASN H 17 -1.60 19.93 20.31
N GLY H 18 -1.46 20.77 19.30
CA GLY H 18 -0.16 21.06 18.73
C GLY H 18 0.38 20.06 17.70
N LYS H 19 -0.26 18.90 17.60
CA LYS H 19 0.14 17.95 16.56
C LYS H 19 -0.71 18.04 15.25
N PRO H 20 -0.06 18.38 14.10
CA PRO H 20 -0.69 18.43 12.75
C PRO H 20 -1.47 17.15 12.43
N ASN H 21 -2.61 17.39 11.81
CA ASN H 21 -3.59 16.33 11.60
C ASN H 21 -4.45 16.73 10.40
N ILE H 22 -5.38 15.84 10.07
CA ILE H 22 -6.39 16.09 9.05
C ILE H 22 -7.78 16.04 9.64
N LEU H 23 -8.54 17.06 9.34
CA LEU H 23 -9.96 17.11 9.72
C LEU H 23 -10.90 16.77 8.53
N ASN H 24 -11.70 15.73 8.74
CA ASN H 24 -12.70 15.25 7.80
C ASN H 24 -14.08 15.77 8.14
N CYS H 25 -14.83 15.97 7.06
CA CYS H 25 -16.26 16.18 7.05
C CYS H 25 -16.87 15.20 6.00
N TYR H 26 -17.44 14.11 6.50
CA TYR H 26 -17.99 13.06 5.65
C TYR H 26 -19.51 13.24 5.50
N VAL H 27 -19.96 13.49 4.27
CA VAL H 27 -21.37 13.79 4.01
C VAL H 27 -22.02 12.71 3.14
N THR H 28 -23.11 12.16 3.66
CA THR H 28 -23.67 11.03 2.98
C THR H 28 -25.16 11.13 2.83
N GLN H 29 -25.68 10.18 2.06
CA GLN H 29 -27.09 9.90 1.99
C GLN H 29 -27.95 11.07 1.52
N PHE H 30 -27.43 11.84 0.58
CA PHE H 30 -28.22 12.96 0.10
C PHE H 30 -28.64 12.78 -1.37
N HIS H 31 -29.75 13.43 -1.73
CA HIS H 31 -30.15 13.63 -3.14
C HIS H 31 -31.01 14.90 -3.22
N PRO H 32 -30.76 15.75 -4.23
CA PRO H 32 -29.87 15.73 -5.40
C PRO H 32 -28.39 15.96 -5.04
N PRO H 33 -27.49 15.57 -5.95
CA PRO H 33 -26.04 15.46 -5.68
C PRO H 33 -25.37 16.85 -5.57
N HIS H 34 -26.01 17.86 -6.10
CA HIS H 34 -25.42 19.16 -5.90
C HIS H 34 -25.43 19.51 -4.39
N ILE H 35 -24.28 19.95 -3.86
CA ILE H 35 -24.22 20.29 -2.43
C ILE H 35 -23.09 21.32 -2.16
N GLU H 36 -23.23 22.13 -1.11
CA GLU H 36 -22.18 23.11 -0.72
C GLU H 36 -21.58 22.77 0.63
N ILE H 37 -20.28 22.53 0.64
CA ILE H 37 -19.61 22.18 1.89
C ILE H 37 -18.53 23.19 2.34
N GLN H 38 -18.62 23.62 3.58
CA GLN H 38 -17.63 24.55 4.10
C GLN H 38 -17.08 24.04 5.43
N MET H 39 -15.78 24.09 5.58
CA MET H 39 -15.20 23.79 6.87
C MET H 39 -14.80 25.11 7.52
N LEU H 40 -15.18 25.26 8.79
CA LEU H 40 -14.94 26.49 9.52
C LEU H 40 -13.96 26.37 10.71
N LYS H 41 -13.14 27.38 10.88
CA LYS H 41 -12.29 27.47 12.05
C LYS H 41 -12.63 28.74 12.83
N ASN H 42 -13.19 28.57 14.02
CA ASN H 42 -13.73 29.69 14.82
C ASN H 42 -14.77 30.51 14.07
N GLY H 43 -15.57 29.82 13.25
CA GLY H 43 -16.67 30.44 12.51
C GLY H 43 -16.23 31.15 11.23
N LYS H 44 -14.99 30.86 10.81
CA LYS H 44 -14.48 31.38 9.52
C LYS H 44 -14.08 30.25 8.54
N LYS H 45 -14.35 30.44 7.26
CA LYS H 45 -14.00 29.44 6.24
C LYS H 45 -12.50 29.12 6.06
N ILE H 46 -12.15 27.85 6.32
CA ILE H 46 -10.81 27.35 6.03
C ILE H 46 -10.67 27.39 4.51
N PRO H 47 -9.60 28.04 4.04
CA PRO H 47 -9.42 28.19 2.61
C PRO H 47 -8.94 26.90 1.92
N LYS H 48 -8.10 26.11 2.60
CA LYS H 48 -7.48 24.95 1.96
C LYS H 48 -8.30 23.64 2.06
N VAL H 49 -9.60 23.71 1.74
CA VAL H 49 -10.41 22.52 1.91
C VAL H 49 -10.39 21.61 0.69
N GLU H 50 -9.66 20.51 0.78
CA GLU H 50 -9.68 19.50 -0.27
C GLU H 50 -10.96 18.66 -0.26
N MET H 51 -11.53 18.54 -1.44
CA MET H 51 -12.79 17.81 -1.62
C MET H 51 -12.53 16.53 -2.44
N SER H 52 -12.91 15.39 -1.89
CA SER H 52 -12.73 14.14 -2.62
C SER H 52 -13.69 14.17 -3.81
N ASP H 53 -13.58 13.16 -4.68
CA ASP H 53 -14.59 12.95 -5.70
C ASP H 53 -15.90 12.36 -5.14
N MET H 54 -17.02 12.90 -5.60
CA MET H 54 -18.33 12.37 -5.23
C MET H 54 -18.50 10.92 -5.71
N SER H 55 -19.27 10.16 -4.94
CA SER H 55 -19.65 8.81 -5.32
C SER H 55 -21.13 8.60 -4.93
N PHE H 56 -21.66 7.46 -5.34
CA PHE H 56 -22.96 7.04 -4.79
C PHE H 56 -22.92 5.60 -4.24
N SER H 57 -23.85 5.34 -3.31
CA SER H 57 -23.93 4.00 -2.69
C SER H 57 -25.04 3.13 -3.30
N LYS H 58 -25.16 1.91 -2.79
CA LYS H 58 -26.11 0.98 -3.39
C LYS H 58 -27.59 1.31 -3.25
N ASP H 59 -27.89 2.32 -2.42
CA ASP H 59 -29.27 2.85 -2.29
C ASP H 59 -29.44 4.12 -3.08
N TRP H 60 -28.49 4.33 -4.00
CA TRP H 60 -28.48 5.46 -4.95
C TRP H 60 -28.10 6.80 -4.34
N SER H 61 -28.07 6.90 -3.01
CA SER H 61 -27.79 8.19 -2.38
C SER H 61 -26.33 8.60 -2.64
N PHE H 62 -26.08 9.89 -2.71
CA PHE H 62 -24.69 10.33 -2.96
C PHE H 62 -23.89 10.56 -1.68
N TYR H 63 -22.57 10.43 -1.79
CA TYR H 63 -21.70 10.81 -0.70
C TYR H 63 -20.34 11.46 -1.10
N ILE H 64 -19.73 12.13 -0.14
CA ILE H 64 -18.47 12.81 -0.47
C ILE H 64 -17.63 13.11 0.78
N LEU H 65 -16.31 13.11 0.63
CA LEU H 65 -15.46 13.48 1.75
C LEU H 65 -14.77 14.83 1.58
N ALA H 66 -15.00 15.74 2.52
CA ALA H 66 -14.28 17.00 2.52
C ALA H 66 -13.17 16.91 3.55
N HIS H 67 -11.98 17.34 3.22
CA HIS H 67 -10.94 17.33 4.27
C HIS H 67 -9.99 18.51 4.25
N THR H 68 -9.40 18.82 5.39
CA THR H 68 -8.41 19.89 5.45
C THR H 68 -7.30 19.59 6.47
N GLU H 69 -6.13 20.21 6.28
CA GLU H 69 -5.08 20.07 7.29
C GLU H 69 -5.41 21.00 8.45
N PHE H 70 -5.13 20.56 9.67
CA PHE H 70 -5.33 21.44 10.80
C PHE H 70 -4.44 21.03 11.94
N THR H 71 -4.32 21.91 12.93
CA THR H 71 -3.60 21.62 14.18
C THR H 71 -4.50 21.93 15.35
N PRO H 72 -5.01 20.85 15.98
CA PRO H 72 -5.90 20.95 17.13
C PRO H 72 -5.28 21.80 18.25
N THR H 73 -6.14 22.58 18.86
CA THR H 73 -5.71 23.48 19.88
C THR H 73 -6.74 23.44 21.02
N GLU H 74 -6.30 23.75 22.23
CA GLU H 74 -7.22 23.95 23.33
C GLU H 74 -8.34 25.00 23.11
N THR H 75 -8.10 26.00 22.27
CA THR H 75 -9.04 27.12 22.14
C THR H 75 -9.69 27.25 20.76
N ASP H 76 -9.21 26.52 19.77
CA ASP H 76 -9.82 26.64 18.43
C ASP H 76 -11.00 25.69 18.27
N THR H 77 -12.15 26.23 17.90
CA THR H 77 -13.32 25.45 17.47
C THR H 77 -13.37 25.18 15.95
N TYR H 78 -13.72 23.95 15.58
CA TYR H 78 -13.88 23.59 14.18
C TYR H 78 -15.27 23.04 13.90
N ALA H 79 -15.81 23.42 12.75
CA ALA H 79 -17.10 22.89 12.35
C ALA H 79 -17.18 22.64 10.85
N CYS H 80 -18.29 22.04 10.42
CA CYS H 80 -18.57 21.82 9.00
C CYS H 80 -20.01 22.30 8.71
N ARG H 81 -20.16 23.15 7.70
CA ARG H 81 -21.44 23.75 7.33
C ARG H 81 -21.85 23.23 5.96
N VAL H 82 -23.05 22.71 5.90
CA VAL H 82 -23.51 22.09 4.67
C VAL H 82 -24.78 22.79 4.20
N LYS H 83 -24.79 23.15 2.93
CA LYS H 83 -26.01 23.65 2.29
C LYS H 83 -26.56 22.72 1.20
N HIS H 84 -27.86 22.49 1.25
CA HIS H 84 -28.48 21.47 0.40
C HIS H 84 -29.95 21.82 0.43
N ASP H 85 -30.65 21.41 -0.61
CA ASP H 85 -32.02 21.88 -0.83
C ASP H 85 -33.08 21.07 -0.05
N SER H 86 -32.70 19.86 0.39
CA SER H 86 -33.48 19.10 1.39
C SER H 86 -33.67 19.93 2.67
N MET H 87 -32.75 20.88 2.92
CA MET H 87 -32.74 21.72 4.14
C MET H 87 -32.98 23.22 3.88
N ALA H 88 -33.96 23.75 4.61
CA ALA H 88 -34.37 25.14 4.45
C ALA H 88 -33.24 26.08 4.98
N GLU H 89 -32.38 25.54 5.83
CA GLU H 89 -31.23 26.29 6.31
C GLU H 89 -29.99 25.45 6.22
N PRO H 90 -28.82 26.11 6.17
CA PRO H 90 -27.56 25.37 6.25
C PRO H 90 -27.43 24.67 7.61
N LYS H 91 -26.82 23.51 7.59
CA LYS H 91 -26.64 22.74 8.81
C LYS H 91 -25.19 22.82 9.22
N THR H 92 -24.97 23.19 10.48
CA THR H 92 -23.62 23.29 10.98
C THR H 92 -23.41 22.22 12.04
N VAL H 93 -22.37 21.43 11.83
CA VAL H 93 -21.99 20.40 12.80
C VAL H 93 -20.55 20.66 13.36
N TYR H 94 -20.48 20.81 14.68
CA TYR H 94 -19.24 21.11 15.36
C TYR H 94 -18.39 19.89 15.56
N TRP H 95 -17.09 20.06 15.43
CA TRP H 95 -16.23 18.94 15.73
C TRP H 95 -16.24 18.65 17.23
N ASP H 96 -16.61 17.43 17.60
CA ASP H 96 -16.55 16.93 18.99
C ASP H 96 -15.48 15.82 19.13
N ARG H 97 -14.49 16.02 20.02
CA ARG H 97 -13.32 15.14 20.08
C ARG H 97 -13.68 13.73 20.56
N ASP H 98 -14.83 13.62 21.21
CA ASP H 98 -15.37 12.36 21.71
C ASP H 98 -16.23 11.64 20.67
N MET H 99 -16.25 12.18 19.44
CA MET H 99 -17.05 11.70 18.29
C MET H 99 -16.43 11.84 16.84
N SER I 1 -13.55 -3.85 -16.88
CA SER I 1 -13.85 -3.12 -18.10
C SER I 1 -15.37 -2.93 -18.19
N PRO I 2 -15.86 -1.69 -18.50
CA PRO I 2 -17.32 -1.40 -18.60
C PRO I 2 -18.04 -1.83 -19.87
N SER I 3 -19.37 -1.73 -19.81
CA SER I 3 -20.27 -2.11 -20.90
C SER I 3 -21.27 -1.00 -21.27
N TYR I 4 -21.73 -1.07 -22.52
CA TYR I 4 -22.77 -0.19 -23.03
C TYR I 4 -24.13 -0.63 -22.53
N ALA I 5 -24.93 0.32 -22.06
CA ALA I 5 -26.33 0.01 -21.75
C ALA I 5 -27.01 -0.44 -23.01
N TYR I 6 -26.67 0.22 -24.12
CA TYR I 6 -27.15 -0.18 -25.45
C TYR I 6 -28.67 -0.13 -25.64
N HIS I 7 -29.38 -1.01 -24.95
CA HIS I 7 -30.83 -0.95 -25.02
C HIS I 7 -31.34 0.39 -24.47
N GLN I 8 -32.48 0.80 -25.01
CA GLN I 8 -33.04 2.13 -24.81
C GLN I 8 -34.32 2.07 -24.03
N PHE I 9 -34.64 3.18 -23.36
CA PHE I 9 -35.86 3.27 -22.58
C PHE I 9 -37.12 3.42 -23.41
N ALA J 1 -15.00 -17.32 23.80
CA ALA J 1 -13.66 -16.73 23.80
C ALA J 1 -13.36 -16.13 25.18
N GLY J 2 -12.12 -16.25 25.65
CA GLY J 2 -11.71 -15.52 26.84
C GLY J 2 -11.00 -16.30 27.92
N PRO J 3 -10.65 -15.62 29.03
CA PRO J 3 -9.98 -16.15 30.25
C PRO J 3 -10.76 -17.31 30.83
N HIS J 4 -10.07 -18.26 31.43
CA HIS J 4 -10.84 -19.33 32.04
C HIS J 4 -11.44 -18.80 33.35
N SER J 5 -12.57 -19.36 33.77
CA SER J 5 -13.20 -18.86 34.98
C SER J 5 -13.79 -19.95 35.86
N MET J 6 -13.87 -19.60 37.15
CA MET J 6 -14.58 -20.39 38.14
C MET J 6 -15.49 -19.49 39.00
N ARG J 7 -16.73 -19.94 39.16
CA ARG J 7 -17.70 -19.22 40.03
C ARG J 7 -18.56 -20.14 40.91
N TYR J 8 -19.08 -19.57 41.98
CA TYR J 8 -20.10 -20.21 42.79
C TYR J 8 -21.26 -19.22 43.01
N PHE J 9 -22.45 -19.75 42.77
CA PHE J 9 -23.71 -19.06 42.99
C PHE J 9 -24.44 -19.73 44.13
N GLU J 10 -24.46 -19.04 45.25
CA GLU J 10 -25.02 -19.58 46.46
C GLU J 10 -26.23 -18.74 46.87
N THR J 11 -27.29 -19.44 47.24
CA THR J 11 -28.52 -18.80 47.62
C THR J 11 -29.18 -19.45 48.84
N ALA J 12 -29.70 -18.63 49.74
CA ALA J 12 -30.56 -19.12 50.81
C ALA J 12 -31.94 -18.40 50.74
N VAL J 13 -33.01 -19.18 50.92
CA VAL J 13 -34.36 -18.64 51.01
C VAL J 13 -35.04 -19.03 52.30
N SER J 14 -35.45 -18.01 53.05
CA SER J 14 -36.00 -18.25 54.38
C SER J 14 -37.40 -18.79 54.21
N ARG J 15 -37.77 -19.73 55.07
CA ARG J 15 -39.07 -20.42 55.00
C ARG J 15 -39.70 -20.37 56.36
N PRO J 16 -40.10 -19.16 56.81
CA PRO J 16 -40.60 -18.88 58.17
C PRO J 16 -41.77 -19.80 58.51
N GLY J 17 -41.58 -20.64 59.53
CA GLY J 17 -42.58 -21.60 59.98
C GLY J 17 -42.77 -22.87 59.15
N LEU J 18 -41.89 -23.08 58.16
CA LEU J 18 -41.96 -24.27 57.28
C LEU J 18 -40.65 -25.09 57.28
N GLY J 19 -39.80 -24.85 58.29
CA GLY J 19 -38.52 -25.53 58.44
C GLY J 19 -37.31 -24.61 58.36
N GLU J 20 -36.17 -25.19 58.00
CA GLU J 20 -34.94 -24.42 57.88
C GLU J 20 -35.00 -23.70 56.55
N PRO J 21 -34.21 -22.63 56.39
CA PRO J 21 -34.13 -22.02 55.08
C PRO J 21 -33.55 -23.02 54.06
N ARG J 22 -34.07 -22.90 52.80
CA ARG J 22 -33.59 -23.59 51.64
C ARG J 22 -32.17 -23.06 51.25
N TYR J 23 -31.20 -23.96 51.16
CA TYR J 23 -29.89 -23.54 50.69
C TYR J 23 -29.43 -24.29 49.46
N ILE J 24 -28.94 -23.52 48.49
CA ILE J 24 -28.45 -24.09 47.24
C ILE J 24 -27.14 -23.48 46.79
N SER J 25 -26.17 -24.33 46.52
CA SER J 25 -24.89 -23.85 46.00
C SER J 25 -24.63 -24.54 44.64
N VAL J 26 -24.41 -23.73 43.60
CA VAL J 26 -24.02 -24.26 42.30
C VAL J 26 -22.66 -23.74 41.83
N GLY J 27 -21.80 -24.66 41.40
CA GLY J 27 -20.46 -24.31 40.93
C GLY J 27 -20.34 -24.33 39.38
N TYR J 28 -19.50 -23.45 38.87
CA TYR J 28 -19.29 -23.34 37.41
C TYR J 28 -17.81 -23.16 37.11
N VAL J 29 -17.38 -23.86 36.06
CA VAL J 29 -16.07 -23.65 35.45
C VAL J 29 -16.35 -23.34 33.98
N ASP J 30 -15.82 -22.21 33.52
CA ASP J 30 -16.06 -21.75 32.15
C ASP J 30 -17.57 -21.80 31.83
N ASN J 31 -18.34 -21.31 32.81
CA ASN J 31 -19.80 -21.19 32.70
C ASN J 31 -20.52 -22.52 32.51
N LYS J 32 -19.83 -23.62 32.81
CA LYS J 32 -20.47 -24.92 32.84
C LYS J 32 -20.68 -25.38 34.30
N GLU J 33 -21.92 -25.73 34.60
CA GLU J 33 -22.23 -26.22 35.95
C GLU J 33 -21.57 -27.55 36.17
N PHE J 34 -20.82 -27.67 37.27
CA PHE J 34 -20.01 -28.88 37.45
C PHE J 34 -20.26 -29.57 38.80
N VAL J 35 -20.80 -28.82 39.75
CA VAL J 35 -21.18 -29.38 41.04
C VAL J 35 -22.42 -28.61 41.51
N ARG J 36 -23.15 -29.26 42.42
CA ARG J 36 -24.34 -28.67 42.99
C ARG J 36 -24.75 -29.26 44.32
N PHE J 37 -25.22 -28.38 45.19
CA PHE J 37 -25.74 -28.79 46.50
C PHE J 37 -27.14 -28.23 46.76
N ASP J 38 -28.05 -29.11 47.14
CA ASP J 38 -29.36 -28.63 47.51
C ASP J 38 -29.75 -29.21 48.88
N SER J 39 -30.13 -28.32 49.78
CA SER J 39 -30.43 -28.68 51.18
C SER J 39 -31.73 -29.48 51.29
N ASP J 40 -32.63 -29.28 50.32
CA ASP J 40 -33.91 -29.96 50.30
C ASP J 40 -33.81 -31.36 49.75
N ALA J 41 -32.57 -31.78 49.47
CA ALA J 41 -32.31 -33.13 48.99
C ALA J 41 -32.43 -34.07 50.16
N GLU J 42 -32.48 -35.36 49.85
CA GLU J 42 -32.76 -36.30 50.90
C GLU J 42 -31.45 -36.78 51.56
N ASN J 43 -30.37 -36.88 50.79
CA ASN J 43 -29.02 -36.92 51.35
C ASN J 43 -28.27 -35.69 50.90
N PRO J 44 -28.45 -34.57 51.60
CA PRO J 44 -27.88 -33.30 51.13
C PRO J 44 -26.35 -33.38 51.08
N ARG J 45 -25.82 -33.17 49.88
CA ARG J 45 -24.43 -33.46 49.55
C ARG J 45 -24.11 -32.76 48.24
N TYR J 46 -22.85 -32.43 48.04
CA TYR J 46 -22.38 -31.95 46.76
C TYR J 46 -22.33 -33.12 45.81
N GLU J 47 -22.87 -32.89 44.61
CA GLU J 47 -22.93 -33.91 43.58
C GLU J 47 -22.21 -33.40 42.33
N PRO J 48 -21.57 -34.33 41.57
CA PRO J 48 -20.94 -33.93 40.30
C PRO J 48 -22.05 -33.73 39.26
N GLN J 49 -21.92 -32.65 38.47
CA GLN J 49 -22.89 -32.25 37.46
C GLN J 49 -22.24 -32.43 36.05
N ALA J 50 -20.97 -32.83 36.08
CA ALA J 50 -20.22 -33.13 34.86
C ALA J 50 -19.47 -34.44 35.09
N PRO J 51 -19.41 -35.28 34.03
CA PRO J 51 -18.75 -36.60 34.00
C PRO J 51 -17.25 -36.57 34.38
N TRP J 52 -16.49 -35.53 34.02
CA TRP J 52 -15.05 -35.47 34.37
C TRP J 52 -14.80 -35.19 35.83
N MET J 53 -15.89 -35.00 36.56
CA MET J 53 -15.88 -34.61 37.97
C MET J 53 -15.91 -35.91 38.83
N GLU J 54 -16.40 -36.99 38.20
CA GLU J 54 -16.49 -38.29 38.85
C GLU J 54 -15.14 -38.97 39.08
N GLN J 55 -14.04 -38.27 38.82
CA GLN J 55 -12.73 -38.81 39.11
C GLN J 55 -12.16 -38.31 40.43
N GLU J 56 -12.91 -37.49 41.17
CA GLU J 56 -12.44 -37.05 42.47
C GLU J 56 -12.75 -38.10 43.51
N GLY J 57 -11.90 -38.19 44.55
CA GLY J 57 -12.03 -39.16 45.63
C GLY J 57 -13.15 -38.76 46.56
N PRO J 58 -13.63 -39.71 47.37
CA PRO J 58 -14.80 -39.53 48.26
C PRO J 58 -14.56 -38.46 49.33
N GLU J 59 -13.27 -38.27 49.63
CA GLU J 59 -12.92 -37.24 50.57
C GLU J 59 -13.10 -35.82 50.08
N TYR J 60 -12.92 -35.67 48.78
CA TYR J 60 -13.27 -34.41 48.12
C TYR J 60 -14.75 -34.01 48.41
N TRP J 61 -15.65 -34.95 48.11
CA TRP J 61 -17.09 -34.78 48.36
C TRP J 61 -17.45 -34.53 49.81
N GLU J 62 -16.86 -35.29 50.73
CA GLU J 62 -17.08 -35.04 52.16
C GLU J 62 -16.68 -33.64 52.58
N ARG J 63 -15.47 -33.24 52.15
CA ARG J 63 -14.90 -32.02 52.70
C ARG J 63 -15.73 -30.83 52.25
N ILE J 64 -16.03 -30.81 50.94
CA ILE J 64 -16.85 -29.69 50.44
C ILE J 64 -18.29 -29.74 51.02
N THR J 65 -18.82 -30.96 51.19
CA THR J 65 -20.12 -31.09 51.84
C THR J 65 -20.17 -30.47 53.27
N GLN J 66 -19.03 -30.57 53.96
CA GLN J 66 -18.84 -29.92 55.30
C GLN J 66 -18.86 -28.41 55.15
N ILE J 67 -18.19 -27.95 54.09
CA ILE J 67 -18.24 -26.52 53.80
C ILE J 67 -19.68 -26.06 53.66
N ALA J 68 -20.44 -26.88 52.93
CA ALA J 68 -21.85 -26.60 52.66
C ALA J 68 -22.65 -26.41 53.95
N LYS J 69 -22.43 -27.31 54.93
CA LYS J 69 -23.15 -27.15 56.21
C LYS J 69 -22.79 -25.84 56.94
N GLY J 70 -21.48 -25.58 56.99
CA GLY J 70 -21.02 -24.33 57.59
C GLY J 70 -21.70 -23.15 56.94
N GLN J 71 -21.87 -23.26 55.62
CA GLN J 71 -22.44 -22.20 54.81
C GLN J 71 -23.94 -22.00 55.12
N GLU J 72 -24.64 -23.12 55.34
CA GLU J 72 -26.06 -23.06 55.73
C GLU J 72 -26.22 -22.33 57.04
N GLN J 73 -25.36 -22.65 57.99
CA GLN J 73 -25.35 -21.82 59.22
C GLN J 73 -25.09 -20.31 58.97
N TRP J 74 -23.99 -20.04 58.27
CA TRP J 74 -23.73 -18.67 57.80
C TRP J 74 -24.96 -17.92 57.23
N PHE J 75 -25.63 -18.53 56.25
CA PHE J 75 -26.71 -17.85 55.56
C PHE J 75 -27.86 -17.62 56.53
N ARG J 76 -28.09 -18.63 57.37
CA ARG J 76 -29.25 -18.56 58.27
C ARG J 76 -29.05 -17.37 59.17
N VAL J 77 -27.86 -17.32 59.73
CA VAL J 77 -27.59 -16.24 60.65
C VAL J 77 -27.70 -14.87 59.98
N ASN J 78 -27.09 -14.75 58.81
CA ASN J 78 -27.02 -13.45 58.21
C ASN J 78 -28.35 -12.94 57.69
N LEU J 79 -29.18 -13.91 57.28
CA LEU J 79 -30.59 -13.68 56.91
C LEU J 79 -31.32 -13.02 58.12
N ARG J 80 -31.09 -13.61 59.29
CA ARG J 80 -31.69 -13.00 60.49
C ARG J 80 -31.14 -11.58 60.79
N THR J 81 -29.81 -11.43 60.65
CA THR J 81 -29.20 -10.12 60.89
C THR J 81 -29.91 -9.09 59.99
N LEU J 82 -30.07 -9.44 58.72
CA LEU J 82 -30.57 -8.45 57.75
C LEU J 82 -32.02 -8.07 58.08
N LEU J 83 -32.77 -9.04 58.65
CA LEU J 83 -34.11 -8.74 59.13
C LEU J 83 -34.01 -7.62 60.15
N GLY J 84 -32.91 -7.64 60.88
CA GLY J 84 -32.70 -6.58 61.86
C GLY J 84 -32.42 -5.24 61.21
N TYR J 85 -31.38 -5.22 60.39
CA TYR J 85 -30.98 -3.99 59.77
C TYR J 85 -32.10 -3.34 58.96
N TYR J 86 -32.97 -4.13 58.35
CA TYR J 86 -33.98 -3.51 57.49
C TYR J 86 -35.29 -3.29 58.21
N ASN J 87 -35.30 -3.65 59.49
CA ASN J 87 -36.52 -3.58 60.28
C ASN J 87 -37.72 -4.33 59.71
N GLN J 88 -37.57 -5.63 59.56
CA GLN J 88 -38.54 -6.38 58.80
C GLN J 88 -39.04 -7.44 59.71
N SER J 89 -40.25 -7.88 59.45
CA SER J 89 -40.94 -8.80 60.32
C SER J 89 -40.44 -10.27 60.04
N ALA J 90 -40.47 -11.13 61.05
CA ALA J 90 -39.90 -12.47 60.92
C ALA J 90 -40.72 -13.62 60.22
N GLY J 91 -41.94 -13.34 59.78
CA GLY J 91 -42.74 -14.36 59.12
C GLY J 91 -42.68 -14.30 57.60
N GLY J 92 -42.13 -13.22 57.05
CA GLY J 92 -41.97 -13.09 55.61
C GLY J 92 -40.77 -13.88 55.10
N THR J 93 -40.85 -14.34 53.85
CA THR J 93 -39.74 -15.04 53.23
C THR J 93 -38.75 -14.00 52.60
N HIS J 94 -37.44 -14.29 52.63
CA HIS J 94 -36.42 -13.39 52.08
C HIS J 94 -35.31 -14.19 51.39
N THR J 95 -34.52 -13.51 50.53
CA THR J 95 -33.40 -14.07 49.79
C THR J 95 -32.06 -13.49 50.13
N LEU J 96 -31.10 -14.38 50.28
CA LEU J 96 -29.73 -13.97 50.41
C LEU J 96 -28.85 -14.68 49.37
N GLN J 97 -28.14 -13.88 48.58
CA GLN J 97 -27.33 -14.43 47.48
C GLN J 97 -25.88 -14.01 47.61
N TRP J 98 -25.02 -15.01 47.44
CA TRP J 98 -23.59 -14.81 47.35
C TRP J 98 -23.09 -15.37 46.03
N MET J 99 -22.35 -14.54 45.32
CA MET J 99 -21.69 -14.96 44.10
C MET J 99 -20.22 -14.61 44.19
N TYR J 100 -19.38 -15.58 43.84
CA TYR J 100 -17.94 -15.34 43.99
C TYR J 100 -17.04 -16.20 43.07
N GLY J 101 -15.78 -15.77 42.89
CA GLY J 101 -14.76 -16.57 42.20
C GLY J 101 -13.74 -15.75 41.42
N CYS J 102 -13.17 -16.41 40.40
CA CYS J 102 -11.98 -15.89 39.69
C CYS J 102 -12.01 -16.15 38.21
N ASP J 103 -11.53 -15.13 37.50
CA ASP J 103 -11.10 -15.19 36.10
C ASP J 103 -9.59 -15.22 36.11
N VAL J 104 -9.08 -16.12 35.29
CA VAL J 104 -7.66 -16.44 35.18
C VAL J 104 -7.14 -16.24 33.75
N GLY J 105 -6.02 -15.50 33.71
CA GLY J 105 -5.26 -15.28 32.49
C GLY J 105 -4.63 -16.55 31.90
N SER J 106 -3.99 -16.41 30.75
CA SER J 106 -3.37 -17.55 30.11
C SER J 106 -2.12 -18.07 30.86
N ASP J 107 -1.44 -17.17 31.58
CA ASP J 107 -0.34 -17.54 32.47
C ASP J 107 -0.73 -18.54 33.60
N GLY J 108 -2.03 -18.60 33.92
CA GLY J 108 -2.56 -19.43 34.99
C GLY J 108 -2.72 -18.65 36.28
N ARG J 109 -2.46 -17.35 36.22
CA ARG J 109 -2.55 -16.48 37.39
C ARG J 109 -3.80 -15.60 37.34
N LEU J 110 -4.05 -14.97 38.48
CA LEU J 110 -5.31 -14.29 38.66
C LEU J 110 -5.46 -13.03 37.80
N LEU J 111 -6.50 -13.03 36.99
CA LEU J 111 -6.88 -11.84 36.23
C LEU J 111 -7.83 -10.95 37.04
N ARG J 112 -8.97 -11.51 37.43
CA ARG J 112 -9.96 -10.74 38.14
C ARG J 112 -10.69 -11.58 39.18
N GLY J 113 -11.19 -10.92 40.23
CA GLY J 113 -11.83 -11.58 41.36
C GLY J 113 -13.19 -10.97 41.71
N TYR J 114 -14.03 -11.81 42.32
CA TYR J 114 -15.44 -11.48 42.58
C TYR J 114 -15.87 -11.96 43.96
N GLU J 115 -16.46 -11.04 44.71
CA GLU J 115 -17.18 -11.29 45.97
C GLU J 115 -18.36 -10.32 46.05
N GLN J 116 -19.55 -10.82 45.73
CA GLN J 116 -20.73 -9.95 45.72
C GLN J 116 -21.89 -10.61 46.43
N PHE J 117 -22.65 -9.75 47.08
CA PHE J 117 -23.78 -10.18 47.89
C PHE J 117 -24.97 -9.30 47.57
N ALA J 118 -26.10 -10.01 47.58
CA ALA J 118 -27.38 -9.38 47.34
C ALA J 118 -28.38 -9.88 48.33
N TYR J 119 -29.33 -9.00 48.64
CA TYR J 119 -30.41 -9.32 49.58
C TYR J 119 -31.74 -8.98 48.93
N ASP J 120 -32.67 -9.95 48.95
CA ASP J 120 -33.95 -9.81 48.25
C ASP J 120 -33.73 -9.37 46.76
N GLY J 121 -32.67 -9.91 46.14
CA GLY J 121 -32.35 -9.70 44.74
C GLY J 121 -31.73 -8.35 44.42
N CYS J 122 -31.44 -7.55 45.44
CA CYS J 122 -30.81 -6.24 45.26
C CYS J 122 -29.43 -6.25 45.84
N ASP J 123 -28.54 -5.50 45.19
CA ASP J 123 -27.13 -5.38 45.63
C ASP J 123 -27.11 -5.03 47.12
N TYR J 124 -26.25 -5.72 47.85
CA TYR J 124 -26.04 -5.39 49.25
C TYR J 124 -24.61 -4.90 49.45
N ILE J 125 -23.63 -5.79 49.27
CA ILE J 125 -22.22 -5.38 49.37
C ILE J 125 -21.33 -6.16 48.36
N ALA J 126 -20.32 -5.47 47.85
CA ALA J 126 -19.51 -6.07 46.82
C ALA J 126 -18.06 -5.63 46.95
N LEU J 127 -17.16 -6.58 46.74
CA LEU J 127 -15.75 -6.29 46.72
C LEU J 127 -15.36 -5.61 45.39
N ASN J 128 -14.82 -4.38 45.48
CA ASN J 128 -14.30 -3.67 44.29
C ASN J 128 -13.17 -4.41 43.63
N GLU J 129 -12.83 -4.01 42.41
CA GLU J 129 -11.88 -4.79 41.61
C GLU J 129 -10.46 -4.78 42.16
N ASP J 130 -10.14 -3.72 42.91
CA ASP J 130 -8.87 -3.66 43.65
C ASP J 130 -8.72 -4.81 44.65
N LEU J 131 -9.86 -5.44 44.99
CA LEU J 131 -9.94 -6.51 46.00
C LEU J 131 -9.46 -6.02 47.36
N LYS J 132 -9.77 -4.76 47.68
CA LYS J 132 -9.25 -4.14 48.89
C LYS J 132 -10.32 -3.26 49.53
N THR J 133 -11.27 -2.85 48.69
CA THR J 133 -12.34 -1.91 49.12
C THR J 133 -13.75 -2.42 48.74
N TRP J 134 -14.74 -1.86 49.43
CA TRP J 134 -16.09 -2.34 49.35
C TRP J 134 -17.01 -1.29 48.82
N THR J 135 -17.94 -1.74 47.99
CA THR J 135 -19.07 -0.92 47.63
C THR J 135 -20.29 -1.43 48.35
N ALA J 136 -20.92 -0.52 49.09
CA ALA J 136 -22.14 -0.78 49.86
C ALA J 136 -23.27 0.02 49.29
N ALA J 137 -24.33 -0.69 48.92
CA ALA J 137 -25.49 -0.14 48.22
C ALA J 137 -26.41 0.79 49.09
N ASP J 138 -26.46 0.57 50.41
CA ASP J 138 -27.30 1.38 51.31
C ASP J 138 -26.71 1.46 52.72
N MET J 139 -27.38 2.17 53.63
CA MET J 139 -26.77 2.45 54.92
C MET J 139 -26.67 1.21 55.78
N ALA J 140 -27.68 0.36 55.58
CA ALA J 140 -27.66 -0.96 56.19
C ALA J 140 -26.33 -1.64 55.76
N ALA J 141 -26.00 -1.60 54.47
CA ALA J 141 -24.78 -2.27 54.02
C ALA J 141 -23.52 -1.51 54.49
N GLN J 142 -23.66 -0.23 54.80
CA GLN J 142 -22.56 0.56 55.38
C GLN J 142 -22.09 -0.02 56.70
N ILE J 143 -23.07 -0.44 57.52
CA ILE J 143 -22.73 -1.10 58.79
C ILE J 143 -21.75 -2.30 58.59
N THR J 144 -22.17 -3.23 57.74
CA THR J 144 -21.36 -4.38 57.38
C THR J 144 -20.03 -3.91 56.83
N ARG J 145 -20.05 -2.78 56.11
CA ARG J 145 -18.83 -2.26 55.53
C ARG J 145 -17.77 -1.85 56.56
N ARG J 146 -18.13 -0.91 57.45
CA ARG J 146 -17.23 -0.56 58.58
C ARG J 146 -16.75 -1.80 59.27
N LYS J 147 -17.70 -2.71 59.55
CA LYS J 147 -17.38 -3.93 60.31
C LYS J 147 -16.29 -4.78 59.58
N TRP J 148 -16.42 -4.88 58.27
CA TRP J 148 -15.55 -5.73 57.46
C TRP J 148 -14.21 -5.08 57.13
N GLU J 149 -14.21 -3.73 57.08
CA GLU J 149 -12.96 -2.94 57.00
C GLU J 149 -12.08 -3.16 58.22
N GLN J 150 -12.67 -3.12 59.41
CA GLN J 150 -11.89 -3.33 60.64
C GLN J 150 -11.49 -4.78 60.86
N ALA J 151 -12.24 -5.69 60.23
CA ALA J 151 -11.99 -7.11 60.45
C ALA J 151 -11.01 -7.65 59.40
N GLY J 152 -10.72 -6.83 58.38
CA GLY J 152 -9.91 -7.24 57.25
C GLY J 152 -10.49 -8.37 56.41
N ALA J 153 -11.79 -8.26 56.13
CA ALA J 153 -12.50 -9.29 55.37
C ALA J 153 -11.89 -9.39 53.92
N ALA J 154 -11.53 -8.22 53.34
CA ALA J 154 -10.94 -8.18 51.99
C ALA J 154 -9.74 -9.11 51.80
N GLU J 155 -8.79 -9.10 52.74
CA GLU J 155 -7.59 -9.98 52.67
C GLU J 155 -7.95 -11.43 52.72
N TYR J 156 -8.81 -11.79 53.68
CA TYR J 156 -9.39 -13.14 53.74
C TYR J 156 -9.87 -13.69 52.35
N TYR J 157 -10.80 -12.93 51.76
CA TYR J 157 -11.28 -13.28 50.43
C TYR J 157 -10.14 -13.32 49.37
N ARG J 158 -9.22 -12.36 49.45
CA ARG J 158 -8.13 -12.24 48.48
C ARG J 158 -7.20 -13.47 48.54
N ALA J 159 -6.93 -13.91 49.75
CA ALA J 159 -6.14 -15.11 49.94
C ALA J 159 -6.83 -16.27 49.24
N TYR J 160 -8.15 -16.36 49.40
CA TYR J 160 -8.81 -17.47 48.71
C TYR J 160 -8.73 -17.33 47.19
N LEU J 161 -9.03 -16.13 46.73
CA LEU J 161 -9.11 -15.87 45.31
C LEU J 161 -7.77 -16.10 44.61
N GLU J 162 -6.67 -15.57 45.19
CA GLU J 162 -5.31 -15.62 44.60
C GLU J 162 -4.67 -17.00 44.70
N GLY J 163 -5.10 -17.78 45.68
CA GLY J 163 -4.49 -19.07 45.85
C GLY J 163 -5.42 -20.18 45.44
N GLU J 164 -6.14 -20.69 46.43
CA GLU J 164 -7.06 -21.82 46.26
C GLU J 164 -7.96 -21.78 44.99
N CYS J 165 -8.62 -20.65 44.75
CA CYS J 165 -9.50 -20.50 43.58
C CYS J 165 -8.78 -20.87 42.26
N VAL J 166 -7.62 -20.26 42.02
CA VAL J 166 -6.81 -20.44 40.79
C VAL J 166 -6.31 -21.87 40.64
N GLU J 167 -5.78 -22.41 41.74
CA GLU J 167 -5.21 -23.76 41.74
C GLU J 167 -6.24 -24.84 41.50
N TRP J 168 -7.38 -24.68 42.16
CA TRP J 168 -8.51 -25.58 41.91
C TRP J 168 -8.94 -25.49 40.45
N LEU J 169 -9.10 -24.26 39.96
CA LEU J 169 -9.50 -24.02 38.59
C LEU J 169 -8.55 -24.73 37.61
N HIS J 170 -7.26 -24.61 37.90
CA HIS J 170 -6.22 -25.24 37.09
C HIS J 170 -6.40 -26.78 37.03
N ARG J 171 -6.63 -27.36 38.21
CA ARG J 171 -6.89 -28.79 38.32
C ARG J 171 -8.12 -29.23 37.52
N TYR J 172 -9.21 -28.53 37.72
CA TYR J 172 -10.47 -28.84 37.04
C TYR J 172 -10.29 -28.74 35.53
N LEU J 173 -9.52 -27.74 35.08
CA LEU J 173 -9.27 -27.54 33.64
C LEU J 173 -8.49 -28.73 33.05
N LYS J 174 -7.46 -29.14 33.78
CA LYS J 174 -6.69 -30.33 33.45
C LYS J 174 -7.61 -31.57 33.34
N ASN J 175 -8.48 -31.80 34.31
CA ASN J 175 -9.39 -32.97 34.28
C ASN J 175 -10.52 -32.92 33.25
N GLY J 176 -11.06 -31.73 33.01
CA GLY J 176 -12.22 -31.59 32.17
C GLY J 176 -11.89 -31.09 30.78
N ASN J 177 -10.59 -30.91 30.55
CA ASN J 177 -9.98 -30.50 29.28
C ASN J 177 -10.79 -30.89 28.02
N ALA J 178 -10.99 -32.20 27.85
CA ALA J 178 -11.60 -32.75 26.63
C ALA J 178 -12.99 -32.18 26.29
N THR J 179 -13.74 -31.79 27.30
CA THR J 179 -15.15 -31.47 27.11
C THR J 179 -15.39 -29.97 27.32
N LEU J 180 -14.47 -29.34 28.03
CA LEU J 180 -14.64 -27.95 28.42
C LEU J 180 -14.11 -27.10 27.30
N LEU J 181 -13.12 -27.66 26.60
CA LEU J 181 -12.41 -26.89 25.59
C LEU J 181 -12.78 -27.30 24.19
N ARG J 182 -13.99 -27.77 24.01
CA ARG J 182 -14.40 -28.07 22.66
C ARG J 182 -15.32 -26.99 22.14
N THR J 183 -15.55 -27.04 20.84
CA THR J 183 -16.48 -26.16 20.18
C THR J 183 -17.51 -26.91 19.33
N ASP J 184 -18.75 -26.43 19.39
CA ASP J 184 -19.81 -26.85 18.48
C ASP J 184 -20.24 -25.66 17.67
N SER J 185 -19.92 -25.72 16.38
CA SER J 185 -20.31 -24.70 15.44
C SER J 185 -21.84 -24.57 15.33
N PRO J 186 -22.30 -23.33 15.18
CA PRO J 186 -23.71 -23.05 14.92
C PRO J 186 -24.10 -23.52 13.52
N LYS J 187 -25.27 -24.15 13.41
CA LYS J 187 -25.99 -24.28 12.12
C LYS J 187 -26.92 -23.04 11.97
N ALA J 188 -26.80 -22.38 10.84
CA ALA J 188 -27.51 -21.13 10.65
C ALA J 188 -28.52 -21.23 9.56
N HIS J 189 -29.60 -20.46 9.70
CA HIS J 189 -30.47 -20.29 8.51
C HIS J 189 -31.46 -19.12 8.69
N VAL J 190 -32.03 -18.69 7.57
CA VAL J 190 -32.91 -17.54 7.60
C VAL J 190 -34.33 -17.86 7.24
N THR J 191 -35.25 -17.35 8.03
CA THR J 191 -36.64 -17.56 7.70
C THR J 191 -37.32 -16.23 7.38
N HIS J 192 -38.48 -16.36 6.74
CA HIS J 192 -39.20 -15.26 6.13
C HIS J 192 -40.66 -15.32 6.55
N HIS J 193 -41.16 -14.21 7.12
CA HIS J 193 -42.61 -14.19 7.48
C HIS J 193 -43.21 -12.86 7.12
N PRO J 194 -44.44 -12.86 6.60
CA PRO J 194 -45.18 -11.62 6.38
C PRO J 194 -45.26 -10.84 7.67
N ARG J 195 -45.60 -9.57 7.64
CA ARG J 195 -45.62 -8.78 8.88
C ARG J 195 -46.62 -7.63 8.84
N SER J 196 -46.67 -6.95 7.70
CA SER J 196 -47.56 -5.80 7.51
C SER J 196 -47.62 -5.65 6.00
N LYS J 197 -48.29 -4.59 5.55
CA LYS J 197 -48.38 -4.33 4.14
C LYS J 197 -47.03 -3.80 3.68
N GLY J 198 -46.43 -4.55 2.72
CA GLY J 198 -45.16 -4.21 2.07
C GLY J 198 -43.92 -4.52 2.91
N GLU J 199 -44.19 -5.06 4.09
CA GLU J 199 -43.20 -5.27 5.14
C GLU J 199 -43.14 -6.75 5.44
N VAL J 200 -41.90 -7.25 5.59
CA VAL J 200 -41.63 -8.63 5.99
C VAL J 200 -40.63 -8.72 7.17
N THR J 201 -40.71 -9.85 7.89
CA THR J 201 -39.82 -10.19 9.00
C THR J 201 -38.80 -11.24 8.52
N LEU J 202 -37.51 -10.92 8.67
CA LEU J 202 -36.40 -11.85 8.37
C LEU J 202 -35.85 -12.26 9.68
N ARG J 203 -35.67 -13.58 9.85
CA ARG J 203 -35.17 -14.13 11.10
C ARG J 203 -33.93 -15.01 10.89
N CYS J 204 -32.82 -14.55 11.46
CA CYS J 204 -31.56 -15.28 11.47
C CYS J 204 -31.48 -16.24 12.68
N TRP J 205 -31.30 -17.52 12.37
CA TRP J 205 -31.25 -18.63 13.34
C TRP J 205 -29.82 -19.16 13.51
N ALA J 206 -29.41 -19.31 14.76
CA ALA J 206 -28.18 -19.97 15.10
C ALA J 206 -28.55 -21.09 16.06
N LEU J 207 -28.31 -22.34 15.63
CA LEU J 207 -28.64 -23.51 16.45
C LEU J 207 -27.50 -24.49 16.73
N GLY J 208 -27.57 -25.13 17.91
CA GLY J 208 -26.71 -26.23 18.27
C GLY J 208 -25.27 -25.84 18.45
N PHE J 209 -25.02 -24.63 18.94
CA PHE J 209 -23.66 -24.21 19.22
C PHE J 209 -23.27 -24.31 20.72
N TYR J 210 -21.97 -24.58 20.94
CA TYR J 210 -21.31 -24.46 22.26
C TYR J 210 -19.88 -23.90 22.02
N PRO J 211 -19.46 -22.89 22.84
CA PRO J 211 -20.21 -22.25 23.96
C PRO J 211 -21.22 -21.23 23.56
N ALA J 212 -21.88 -20.74 24.61
CA ALA J 212 -23.00 -19.83 24.43
C ALA J 212 -22.57 -18.48 23.88
N ASP J 213 -21.29 -18.17 24.01
CA ASP J 213 -20.80 -16.87 23.55
C ASP J 213 -20.99 -16.85 22.03
N ILE J 214 -21.86 -15.96 21.57
CA ILE J 214 -22.13 -15.82 20.15
C ILE J 214 -22.54 -14.38 19.84
N THR J 215 -22.30 -13.97 18.60
CA THR J 215 -22.78 -12.67 18.10
C THR J 215 -23.51 -12.74 16.75
N LEU J 216 -24.78 -12.34 16.71
CA LEU J 216 -25.50 -12.32 15.43
C LEU J 216 -25.85 -10.89 15.09
N THR J 217 -25.74 -10.56 13.81
CA THR J 217 -26.11 -9.21 13.44
C THR J 217 -26.73 -9.19 12.05
N TRP J 218 -27.59 -8.21 11.80
CA TRP J 218 -28.02 -8.03 10.44
C TRP J 218 -27.10 -7.07 9.68
N GLN J 219 -27.45 -6.84 8.41
CA GLN J 219 -26.64 -6.08 7.51
C GLN J 219 -27.47 -5.58 6.33
N LEU J 220 -27.37 -4.27 6.11
CA LEU J 220 -27.88 -3.65 4.90
C LEU J 220 -26.72 -3.31 4.02
N ASN J 221 -26.66 -3.99 2.87
CA ASN J 221 -25.69 -3.67 1.80
C ASN J 221 -24.27 -3.83 2.37
N GLY J 222 -24.03 -4.93 3.10
CA GLY J 222 -22.69 -5.19 3.63
C GLY J 222 -22.35 -4.39 4.93
N GLU J 223 -23.26 -3.48 5.31
CA GLU J 223 -23.02 -2.65 6.48
C GLU J 223 -23.86 -3.14 7.69
N GLU J 224 -23.19 -3.24 8.85
CA GLU J 224 -23.83 -3.67 10.08
C GLU J 224 -25.17 -2.91 10.32
N LEU J 225 -26.16 -3.66 10.77
CA LEU J 225 -27.48 -3.14 10.97
C LEU J 225 -27.99 -3.82 12.26
N THR J 226 -28.18 -2.97 13.30
CA THR J 226 -28.69 -3.42 14.60
C THR J 226 -29.91 -2.61 15.07
N GLN J 227 -30.05 -1.43 14.49
CA GLN J 227 -31.19 -0.59 14.73
C GLN J 227 -32.53 -1.41 14.65
N ASP J 228 -33.33 -1.38 15.73
CA ASP J 228 -34.64 -2.09 15.75
C ASP J 228 -34.52 -3.58 15.42
N MET J 229 -33.33 -4.12 15.67
CA MET J 229 -33.11 -5.54 15.51
C MET J 229 -33.59 -6.20 16.81
N GLU J 230 -34.51 -7.13 16.64
CA GLU J 230 -35.01 -7.87 17.78
C GLU J 230 -34.03 -9.06 18.03
N LEU J 231 -33.52 -9.11 19.26
CA LEU J 231 -32.57 -10.16 19.61
C LEU J 231 -33.05 -10.89 20.85
N VAL J 232 -33.15 -12.20 20.77
CA VAL J 232 -33.63 -12.94 21.97
C VAL J 232 -32.49 -13.48 22.78
N GLU J 233 -32.78 -13.66 24.07
CA GLU J 233 -31.84 -14.19 25.02
C GLU J 233 -31.35 -15.55 24.52
N THR J 234 -30.03 -15.74 24.50
CA THR J 234 -29.47 -17.07 24.27
C THR J 234 -30.11 -18.09 25.24
N ARG J 235 -30.54 -19.21 24.67
CA ARG J 235 -31.27 -20.19 25.38
C ARG J 235 -30.65 -21.60 25.22
N PRO J 236 -30.76 -22.43 26.30
CA PRO J 236 -30.21 -23.79 26.26
C PRO J 236 -31.11 -24.75 25.46
N ALA J 237 -30.49 -25.58 24.62
CA ALA J 237 -31.24 -26.59 23.86
C ALA J 237 -31.67 -27.80 24.75
N GLY J 238 -30.88 -28.02 25.80
CA GLY J 238 -31.19 -28.95 26.85
C GLY J 238 -30.31 -30.16 26.74
N ASP J 239 -29.38 -30.13 25.78
CA ASP J 239 -28.48 -31.28 25.46
C ASP J 239 -27.03 -30.79 25.52
N GLY J 240 -26.83 -29.63 26.15
CA GLY J 240 -25.53 -29.01 26.24
C GLY J 240 -25.21 -27.92 25.22
N THR J 241 -26.12 -27.63 24.30
CA THR J 241 -25.86 -26.61 23.30
C THR J 241 -26.87 -25.45 23.41
N PHE J 242 -26.70 -24.43 22.58
CA PHE J 242 -27.58 -23.27 22.65
C PHE J 242 -28.15 -22.84 21.33
N GLN J 243 -29.13 -21.96 21.47
CA GLN J 243 -29.89 -21.46 20.37
C GLN J 243 -29.94 -19.92 20.52
N LYS J 244 -30.08 -19.21 19.39
CA LYS J 244 -30.35 -17.78 19.44
C LYS J 244 -30.84 -17.32 18.09
N TRP J 245 -31.67 -16.28 18.09
CA TRP J 245 -32.08 -15.72 16.83
C TRP J 245 -32.13 -14.20 16.87
N ALA J 246 -32.00 -13.58 15.70
CA ALA J 246 -32.10 -12.10 15.52
C ALA J 246 -33.03 -11.77 14.34
N SER J 247 -34.00 -10.90 14.56
CA SER J 247 -34.92 -10.56 13.47
C SER J 247 -34.89 -9.05 13.08
N VAL J 248 -35.20 -8.77 11.81
CA VAL J 248 -35.39 -7.38 11.31
C VAL J 248 -36.62 -7.27 10.44
N VAL J 249 -37.24 -6.09 10.45
CA VAL J 249 -38.33 -5.78 9.51
C VAL J 249 -37.80 -5.00 8.25
N VAL J 250 -38.02 -5.57 7.07
CA VAL J 250 -37.51 -5.02 5.83
C VAL J 250 -38.67 -4.92 4.83
N PRO J 251 -38.51 -4.06 3.79
CA PRO J 251 -39.58 -3.94 2.79
C PRO J 251 -39.66 -5.21 1.93
N LEU J 252 -40.90 -5.57 1.63
CA LEU J 252 -41.20 -6.63 0.69
C LEU J 252 -40.54 -6.31 -0.67
N GLY J 253 -39.80 -7.27 -1.23
CA GLY J 253 -39.04 -7.00 -2.45
C GLY J 253 -37.61 -6.54 -2.24
N LYS J 254 -37.26 -6.15 -1.02
CA LYS J 254 -35.92 -5.65 -0.70
C LYS J 254 -34.99 -6.64 0.09
N GLU J 255 -35.54 -7.83 0.37
CA GLU J 255 -34.89 -8.84 1.21
C GLU J 255 -33.49 -9.20 0.73
N GLN J 256 -33.28 -9.24 -0.60
CA GLN J 256 -31.93 -9.51 -1.10
C GLN J 256 -30.80 -8.50 -0.67
N ASN J 257 -31.21 -7.32 -0.20
CA ASN J 257 -30.24 -6.34 0.34
C ASN J 257 -29.72 -6.66 1.73
N TYR J 258 -30.36 -7.66 2.36
CA TYR J 258 -30.03 -7.98 3.74
C TYR J 258 -29.23 -9.24 3.92
N THR J 259 -28.26 -9.15 4.83
CA THR J 259 -27.50 -10.33 5.22
C THR J 259 -27.36 -10.52 6.71
N CYS J 260 -27.29 -11.78 7.10
CA CYS J 260 -27.10 -12.13 8.47
C CYS J 260 -25.64 -12.56 8.68
N ARG J 261 -25.02 -12.00 9.72
CA ARG J 261 -23.71 -12.50 10.17
C ARG J 261 -23.76 -13.28 11.45
N VAL J 262 -23.07 -14.42 11.44
CA VAL J 262 -22.90 -15.18 12.69
C VAL J 262 -21.41 -15.27 13.07
N TYR J 263 -21.09 -14.84 14.28
CA TYR J 263 -19.77 -15.01 14.85
C TYR J 263 -19.77 -15.98 16.01
N HIS J 264 -18.85 -16.94 15.89
CA HIS J 264 -18.71 -17.97 16.89
C HIS J 264 -17.33 -18.58 16.78
N GLU J 265 -16.76 -18.92 17.92
CA GLU J 265 -15.39 -19.42 17.96
C GLU J 265 -15.24 -20.79 17.29
N GLY J 266 -16.35 -21.54 17.17
CA GLY J 266 -16.36 -22.87 16.54
C GLY J 266 -16.17 -22.85 15.03
N LEU J 267 -16.52 -21.70 14.44
CA LEU J 267 -16.43 -21.40 13.01
C LEU J 267 -15.03 -20.99 12.56
N PRO J 268 -14.51 -21.68 11.51
CA PRO J 268 -13.24 -21.33 10.86
C PRO J 268 -13.37 -19.94 10.24
N GLU J 269 -14.56 -19.66 9.74
CA GLU J 269 -14.87 -18.35 9.17
C GLU J 269 -16.34 -17.98 9.49
N PRO J 270 -16.56 -16.71 9.90
CA PRO J 270 -17.91 -16.15 10.13
C PRO J 270 -18.92 -16.55 9.03
N LEU J 271 -20.16 -16.79 9.42
CA LEU J 271 -21.18 -17.07 8.41
C LEU J 271 -21.83 -15.79 8.00
N THR J 272 -22.09 -15.75 6.70
CA THR J 272 -22.91 -14.70 6.08
C THR J 272 -23.99 -15.39 5.24
N LEU J 273 -25.26 -15.10 5.53
CA LEU J 273 -26.37 -15.87 4.98
C LEU J 273 -27.42 -14.88 4.61
N ARG J 274 -28.32 -15.30 3.73
CA ARG J 274 -29.44 -14.46 3.36
C ARG J 274 -30.67 -15.35 3.13
N TRP J 275 -31.84 -14.74 3.23
CA TRP J 275 -33.07 -15.36 2.75
C TRP J 275 -32.97 -15.87 1.28
N GLU J 276 -33.00 -17.19 1.09
CA GLU J 276 -33.02 -17.80 -0.25
C GLU J 276 -34.36 -18.47 -0.51
N PRO J 277 -35.10 -17.92 -1.45
CA PRO J 277 -36.31 -18.59 -1.97
C PRO J 277 -35.90 -19.83 -2.83
N PRO J 278 -36.87 -20.65 -3.32
CA PRO J 278 -38.29 -20.51 -2.99
C PRO J 278 -38.51 -21.09 -1.59
N ILE K 1 -38.99 -6.09 46.15
CA ILE K 1 -39.46 -5.91 44.76
C ILE K 1 -39.63 -7.20 43.96
N GLN K 2 -40.38 -7.09 42.86
CA GLN K 2 -40.63 -8.23 42.01
C GLN K 2 -40.12 -8.05 40.59
N LYS K 3 -39.63 -9.14 39.99
CA LYS K 3 -39.25 -9.12 38.59
C LYS K 3 -40.12 -10.13 37.86
N THR K 4 -40.74 -9.67 36.78
CA THR K 4 -41.61 -10.53 35.96
C THR K 4 -40.78 -11.49 35.12
N PRO K 5 -41.15 -12.79 35.13
CA PRO K 5 -40.52 -13.82 34.28
C PRO K 5 -40.59 -13.47 32.81
N GLN K 6 -39.54 -13.88 32.10
CA GLN K 6 -39.50 -13.87 30.63
C GLN K 6 -39.58 -15.32 30.19
N ILE K 7 -40.44 -15.62 29.24
CA ILE K 7 -40.63 -17.01 28.81
C ILE K 7 -40.31 -17.30 27.34
N GLN K 8 -39.46 -18.29 27.07
CA GLN K 8 -39.37 -18.81 25.69
C GLN K 8 -39.81 -20.23 25.60
N VAL K 9 -40.75 -20.51 24.69
CA VAL K 9 -41.15 -21.87 24.42
C VAL K 9 -40.60 -22.31 23.06
N TYR K 10 -39.93 -23.47 23.04
CA TYR K 10 -39.18 -23.88 21.84
C TYR K 10 -38.73 -25.33 21.87
N SER K 11 -38.32 -25.85 20.73
CA SER K 11 -37.90 -27.25 20.67
C SER K 11 -36.38 -27.40 20.62
N ARG K 12 -35.88 -28.46 21.27
CA ARG K 12 -34.45 -28.82 21.25
C ARG K 12 -33.95 -28.96 19.83
N HIS K 13 -34.70 -29.75 19.06
CA HIS K 13 -34.33 -29.97 17.64
C HIS K 13 -35.35 -29.31 16.73
N PRO K 14 -34.92 -29.01 15.47
CA PRO K 14 -35.84 -28.54 14.41
C PRO K 14 -37.01 -29.49 14.28
N PRO K 15 -38.26 -28.98 14.39
CA PRO K 15 -39.50 -29.79 14.52
C PRO K 15 -39.81 -30.57 13.22
N GLU K 16 -40.03 -31.89 13.33
CA GLU K 16 -40.54 -32.67 12.21
C GLU K 16 -41.78 -33.43 12.69
N ASN K 17 -42.92 -33.22 12.03
CA ASN K 17 -44.14 -33.91 12.52
C ASN K 17 -43.92 -35.40 12.47
N GLY K 18 -44.15 -36.03 13.60
CA GLY K 18 -43.99 -37.47 13.74
C GLY K 18 -42.65 -37.86 14.33
N LYS K 19 -41.67 -36.95 14.21
CA LYS K 19 -40.37 -37.21 14.82
C LYS K 19 -40.26 -36.77 16.32
N PRO K 20 -40.00 -37.73 17.23
CA PRO K 20 -39.84 -37.44 18.68
C PRO K 20 -38.78 -36.36 18.90
N ASN K 21 -39.02 -35.56 19.92
CA ASN K 21 -38.25 -34.37 20.16
C ASN K 21 -38.43 -34.00 21.64
N ILE K 22 -37.72 -32.93 22.05
CA ILE K 22 -37.88 -32.31 23.37
C ILE K 22 -38.44 -30.90 23.24
N LEU K 23 -39.44 -30.62 24.05
CA LEU K 23 -39.96 -29.28 24.19
C LEU K 23 -39.46 -28.55 25.47
N ASN K 24 -38.81 -27.43 25.25
CA ASN K 24 -38.36 -26.55 26.33
C ASN K 24 -39.29 -25.33 26.57
N CYS K 25 -39.29 -24.95 27.84
CA CYS K 25 -39.89 -23.76 28.36
C CYS K 25 -38.79 -23.16 29.26
N TYR K 26 -38.12 -22.13 28.75
CA TYR K 26 -36.99 -21.49 29.45
C TYR K 26 -37.49 -20.18 30.11
N VAL K 27 -37.46 -20.16 31.45
CA VAL K 27 -38.00 -19.02 32.21
C VAL K 27 -36.93 -18.24 32.99
N THR K 28 -36.85 -16.95 32.72
CA THR K 28 -35.74 -16.22 33.23
C THR K 28 -36.16 -14.90 33.88
N GLN K 29 -35.14 -14.28 34.52
CA GLN K 29 -35.23 -12.89 34.95
C GLN K 29 -36.30 -12.61 36.00
N PHE K 30 -36.57 -13.59 36.85
CA PHE K 30 -37.64 -13.42 37.83
C PHE K 30 -37.12 -13.34 39.26
N HIS K 31 -37.85 -12.60 40.08
CA HIS K 31 -37.68 -12.56 41.54
C HIS K 31 -39.06 -12.28 42.20
N PRO K 32 -39.39 -12.99 43.28
CA PRO K 32 -38.73 -14.06 44.05
C PRO K 32 -38.67 -15.39 43.29
N PRO K 33 -37.79 -16.31 43.74
CA PRO K 33 -37.42 -17.54 43.01
C PRO K 33 -38.56 -18.56 42.97
N HIS K 34 -39.49 -18.46 43.92
CA HIS K 34 -40.59 -19.42 43.93
C HIS K 34 -41.46 -19.22 42.68
N ILE K 35 -41.72 -20.29 41.91
CA ILE K 35 -42.44 -20.15 40.64
C ILE K 35 -43.15 -21.44 40.24
N GLU K 36 -44.24 -21.32 39.48
CA GLU K 36 -45.02 -22.51 39.08
C GLU K 36 -45.03 -22.65 37.59
N ILE K 37 -44.48 -23.78 37.12
CA ILE K 37 -44.39 -24.00 35.66
C ILE K 37 -45.15 -25.24 35.14
N GLN K 38 -46.05 -25.00 34.21
CA GLN K 38 -46.78 -26.11 33.59
C GLN K 38 -46.60 -26.13 32.08
N MET K 39 -46.44 -27.31 31.51
CA MET K 39 -46.43 -27.40 30.06
C MET K 39 -47.73 -28.09 29.67
N LEU K 40 -48.41 -27.52 28.68
CA LEU K 40 -49.70 -28.01 28.26
C LEU K 40 -49.73 -28.60 26.85
N LYS K 41 -50.50 -29.66 26.67
CA LYS K 41 -50.78 -30.17 25.34
C LYS K 41 -52.28 -30.14 25.04
N ASN K 42 -52.66 -29.31 24.09
CA ASN K 42 -54.08 -29.01 23.80
C ASN K 42 -54.85 -28.49 25.01
N GLY K 43 -54.16 -27.72 25.87
CA GLY K 43 -54.75 -27.14 27.07
C GLY K 43 -54.75 -28.03 28.30
N LYS K 44 -54.02 -29.15 28.23
CA LYS K 44 -53.97 -30.11 29.34
C LYS K 44 -52.53 -30.35 29.79
N LYS K 45 -52.32 -30.49 31.09
CA LYS K 45 -50.97 -30.63 31.64
C LYS K 45 -50.29 -31.91 31.17
N ILE K 46 -49.13 -31.73 30.54
CA ILE K 46 -48.20 -32.83 30.29
C ILE K 46 -47.67 -33.36 31.64
N PRO K 47 -47.79 -34.70 31.86
CA PRO K 47 -47.40 -35.24 33.19
C PRO K 47 -45.88 -35.37 33.36
N LYS K 48 -45.18 -35.71 32.29
CA LYS K 48 -43.75 -36.01 32.37
C LYS K 48 -42.82 -34.79 32.25
N VAL K 49 -43.04 -33.74 33.06
CA VAL K 49 -42.30 -32.50 32.81
C VAL K 49 -41.05 -32.42 33.64
N GLU K 50 -39.90 -32.66 33.03
CA GLU K 50 -38.65 -32.59 33.75
C GLU K 50 -38.21 -31.13 34.00
N MET K 51 -37.92 -30.84 35.25
CA MET K 51 -37.50 -29.50 35.59
C MET K 51 -35.99 -29.53 35.91
N SER K 52 -35.20 -28.71 35.24
CA SER K 52 -33.76 -28.65 35.52
C SER K 52 -33.68 -28.05 36.90
N ASP K 53 -32.48 -27.92 37.45
CA ASP K 53 -32.32 -27.17 38.70
C ASP K 53 -32.30 -25.62 38.44
N MET K 54 -32.89 -24.87 39.40
CA MET K 54 -32.83 -23.41 39.33
C MET K 54 -31.38 -22.85 39.47
N SER K 55 -31.12 -21.72 38.86
CA SER K 55 -29.87 -21.02 39.07
C SER K 55 -30.18 -19.50 39.15
N PHE K 56 -29.15 -18.69 39.27
CA PHE K 56 -29.41 -17.24 39.05
C PHE K 56 -28.30 -16.67 38.23
N SER K 57 -28.54 -15.51 37.66
CA SER K 57 -27.52 -14.93 36.78
C SER K 57 -26.79 -13.75 37.48
N LYS K 58 -25.88 -13.08 36.78
CA LYS K 58 -25.05 -12.09 37.48
C LYS K 58 -25.78 -10.81 37.86
N ASP K 59 -27.04 -10.68 37.39
CA ASP K 59 -27.92 -9.57 37.80
C ASP K 59 -28.85 -9.99 38.93
N TRP K 60 -28.48 -11.13 39.55
CA TRP K 60 -29.22 -11.78 40.65
C TRP K 60 -30.54 -12.46 40.29
N SER K 61 -31.12 -12.13 39.13
CA SER K 61 -32.42 -12.69 38.73
C SER K 61 -32.31 -14.21 38.53
N PHE K 62 -33.39 -14.92 38.85
CA PHE K 62 -33.35 -16.38 38.80
C PHE K 62 -33.79 -16.90 37.44
N TYR K 63 -33.33 -18.11 37.11
CA TYR K 63 -33.81 -18.78 35.90
C TYR K 63 -33.91 -20.32 35.99
N ILE K 64 -34.69 -20.91 35.09
CA ILE K 64 -34.88 -22.35 35.16
C ILE K 64 -35.34 -22.91 33.83
N LEU K 65 -35.01 -24.19 33.56
CA LEU K 65 -35.46 -24.84 32.31
C LEU K 65 -36.42 -25.96 32.57
N ALA K 66 -37.62 -25.84 32.02
CA ALA K 66 -38.59 -26.93 32.06
C ALA K 66 -38.52 -27.66 30.73
N HIS K 67 -38.54 -28.99 30.74
CA HIS K 67 -38.56 -29.69 29.47
C HIS K 67 -39.36 -30.98 29.49
N THR K 68 -39.84 -31.36 28.32
CA THR K 68 -40.56 -32.62 28.22
C THR K 68 -40.36 -33.27 26.86
N GLU K 69 -40.59 -34.58 26.80
CA GLU K 69 -40.56 -35.26 25.52
C GLU K 69 -41.89 -34.99 24.80
N PHE K 70 -41.81 -34.78 23.49
CA PHE K 70 -43.04 -34.70 22.71
C PHE K 70 -42.82 -35.15 21.27
N THR K 71 -43.92 -35.40 20.57
CA THR K 71 -43.83 -35.61 19.12
C THR K 71 -44.74 -34.63 18.39
N PRO K 72 -44.12 -33.63 17.70
CA PRO K 72 -44.84 -32.56 17.00
C PRO K 72 -45.85 -33.15 16.00
N THR K 73 -47.01 -32.51 15.92
CA THR K 73 -48.07 -32.97 15.08
C THR K 73 -48.68 -31.79 14.36
N GLU K 74 -49.31 -32.03 13.22
CA GLU K 74 -50.03 -30.96 12.51
C GLU K 74 -51.23 -30.41 13.31
N THR K 75 -51.80 -31.22 14.20
CA THR K 75 -52.98 -30.81 14.95
C THR K 75 -52.80 -30.54 16.45
N ASP K 76 -51.67 -30.89 17.04
CA ASP K 76 -51.52 -30.69 18.47
C ASP K 76 -50.91 -29.33 18.78
N THR K 77 -51.51 -28.63 19.74
CA THR K 77 -50.97 -27.36 20.21
C THR K 77 -50.25 -27.57 21.54
N TYR K 78 -49.12 -26.91 21.70
CA TYR K 78 -48.36 -26.96 22.94
C TYR K 78 -48.14 -25.55 23.52
N ALA K 79 -48.25 -25.44 24.84
CA ALA K 79 -47.95 -24.19 25.52
C ALA K 79 -47.21 -24.31 26.87
N CYS K 80 -46.85 -23.18 27.45
CA CYS K 80 -46.24 -23.21 28.79
C CYS K 80 -46.92 -22.13 29.62
N ARG K 81 -47.36 -22.53 30.81
CA ARG K 81 -48.11 -21.67 31.69
C ARG K 81 -47.26 -21.41 32.93
N VAL K 82 -47.05 -20.13 33.21
CA VAL K 82 -46.23 -19.76 34.32
C VAL K 82 -47.01 -18.93 35.36
N LYS K 83 -46.91 -19.35 36.62
CA LYS K 83 -47.50 -18.59 37.71
C LYS K 83 -46.43 -18.02 38.65
N HIS K 84 -46.52 -16.72 38.89
CA HIS K 84 -45.52 -16.03 39.67
C HIS K 84 -46.24 -14.82 40.23
N ASP K 85 -45.74 -14.32 41.35
CA ASP K 85 -46.43 -13.25 42.09
C ASP K 85 -46.21 -11.83 41.51
N SER K 86 -45.14 -11.67 40.72
CA SER K 86 -45.04 -10.49 39.84
C SER K 86 -46.29 -10.33 38.96
N MET K 87 -47.03 -11.40 38.74
CA MET K 87 -48.12 -11.41 37.79
C MET K 87 -49.48 -11.73 38.43
N ALA K 88 -50.46 -10.86 38.14
CA ALA K 88 -51.78 -10.98 38.75
C ALA K 88 -52.51 -12.22 38.21
N GLU K 89 -52.12 -12.62 37.01
CA GLU K 89 -52.66 -13.82 36.39
C GLU K 89 -51.54 -14.67 35.82
N PRO K 90 -51.80 -15.98 35.68
CA PRO K 90 -50.82 -16.87 35.04
C PRO K 90 -50.60 -16.46 33.59
N LYS K 91 -49.39 -16.65 33.12
CA LYS K 91 -49.07 -16.25 31.76
C LYS K 91 -48.96 -17.50 30.96
N THR K 92 -49.62 -17.51 29.82
CA THR K 92 -49.50 -18.66 28.95
C THR K 92 -48.82 -18.24 27.67
N VAL K 93 -47.76 -18.98 27.31
CA VAL K 93 -47.07 -18.72 26.05
C VAL K 93 -47.16 -19.98 25.13
N TYR K 94 -47.74 -19.81 23.94
CA TYR K 94 -47.92 -20.91 23.00
C TYR K 94 -46.65 -21.19 22.26
N TRP K 95 -46.40 -22.46 21.96
CA TRP K 95 -45.28 -22.82 21.10
C TRP K 95 -45.56 -22.37 19.66
N ASP K 96 -44.64 -21.55 19.14
CA ASP K 96 -44.65 -21.09 17.75
C ASP K 96 -43.39 -21.66 17.02
N ARG K 97 -43.63 -22.45 15.97
CA ARG K 97 -42.54 -23.18 15.25
C ARG K 97 -41.52 -22.27 14.55
N ASP K 98 -41.92 -21.01 14.32
CA ASP K 98 -41.05 -19.98 13.73
C ASP K 98 -40.27 -19.20 14.81
N MET K 99 -40.39 -19.61 16.08
CA MET K 99 -39.71 -18.98 17.25
C MET K 99 -39.25 -19.93 18.42
N SER L 1 -13.73 -25.96 44.15
CA SER L 1 -13.84 -26.16 45.59
C SER L 1 -14.24 -24.84 46.27
N PRO L 2 -15.47 -24.82 46.83
CA PRO L 2 -16.04 -23.61 47.45
C PRO L 2 -15.30 -23.20 48.74
N SER L 3 -15.69 -22.04 49.27
CA SER L 3 -15.07 -21.34 50.41
C SER L 3 -16.14 -20.96 51.49
N TYR L 4 -15.70 -20.55 52.66
CA TYR L 4 -16.64 -19.94 53.57
C TYR L 4 -16.77 -18.45 53.42
N ALA L 5 -18.02 -17.97 53.36
CA ALA L 5 -18.24 -16.55 53.55
C ALA L 5 -17.50 -16.09 54.83
N TYR L 6 -17.69 -16.82 55.93
CA TYR L 6 -16.99 -16.58 57.20
C TYR L 6 -17.32 -15.23 57.93
N HIS L 7 -17.17 -14.13 57.23
CA HIS L 7 -17.35 -12.88 57.88
C HIS L 7 -18.83 -12.58 58.08
N GLN L 8 -19.15 -11.96 59.21
CA GLN L 8 -20.53 -11.75 59.56
C GLN L 8 -20.97 -10.35 59.25
N PHE L 9 -22.16 -10.25 58.67
CA PHE L 9 -22.79 -8.96 58.34
C PHE L 9 -23.05 -8.05 59.55
#